data_3O72
#
_entry.id   3O72
#
_cell.length_a   50.640
_cell.length_b   155.568
_cell.length_c   97.374
_cell.angle_alpha   90.00
_cell.angle_beta   94.70
_cell.angle_gamma   90.00
#
_symmetry.space_group_name_H-M   'P 1 21 1'
#
loop_
_entity.id
_entity.type
_entity.pdbx_description
1 polymer 'Redox component of a tripartite ferrous iron transporter'
2 non-polymer 'PROTOPORPHYRIN IX CONTAINING FE'
3 non-polymer 'OXYGEN MOLECULE'
4 water water
#
_entity_poly.entity_id   1
_entity_poly.type   'polypeptide(L)'
_entity_poly.pdbx_seq_one_letter_code
;QKTQSAPGTLSPVARNEKQPFYGEHQAGILTPQQAA(MSE)(MSE)LVAFDVLASDKADLERLFRLLTQRFAFLTQGGAA
PETPNPRLPPLDSGILGGYIAPDNLTITLSVGHSLFDERFGLAPQ(MSE)PKKLQK(MSE)TRFPNDSLDAALCHGDVLL
QICANTQDTVIHALRDIIKHTPDLLSVRWKREGFISDHAARSKGKETPINLLGFKDGTANPDSQNDKL(MSE)QKVVWVT
ADQQEPAWTIGGSYQAVRLIQFRVEFWDRTPLKEQQTIFGRDKQTGAPLG(MSE)QHEHDVPDYASDPEGKGIALDSHIR
LANPRTAESESSL(MSE)LRRGYSYSLGVTNSGQLD(MSE)GLLFVCYQHDLEKGFLTVQKRLNGEALEEYVKPIGGGYF
FALPGVKDANDYLGSALLRVLEHHHHHH
;
_entity_poly.pdbx_strand_id   A,B,C,D
#
# COMPACT_ATOMS: atom_id res chain seq x y z
N VAL A 13 26.27 10.22 -38.79
CA VAL A 13 25.82 10.47 -37.42
C VAL A 13 24.75 9.45 -37.03
N ALA A 14 25.07 8.69 -35.98
CA ALA A 14 24.25 7.54 -35.57
C ALA A 14 22.77 7.87 -35.32
N ARG A 15 22.49 8.95 -34.60
CA ARG A 15 21.10 9.26 -34.25
C ARG A 15 20.24 9.60 -35.47
N ASN A 16 20.88 10.02 -36.56
CA ASN A 16 20.17 10.42 -37.77
C ASN A 16 20.01 9.29 -38.80
N GLU A 17 20.55 8.10 -38.49
CA GLU A 17 20.35 6.97 -39.40
C GLU A 17 18.85 6.63 -39.45
N LYS A 18 18.35 6.35 -40.64
CA LYS A 18 16.96 5.92 -40.83
C LYS A 18 16.91 4.69 -41.71
N GLN A 19 15.97 3.79 -41.43
CA GLN A 19 15.64 2.74 -42.37
C GLN A 19 14.28 3.07 -42.94
N PRO A 20 14.10 2.91 -44.25
CA PRO A 20 12.79 3.20 -44.84
C PRO A 20 11.67 2.36 -44.20
N PHE A 21 10.55 3.02 -43.91
CA PHE A 21 9.42 2.33 -43.32
C PHE A 21 8.53 1.67 -44.38
N TYR A 22 8.33 2.39 -45.48
CA TYR A 22 7.49 1.91 -46.57
C TYR A 22 8.28 1.01 -47.47
N GLY A 23 7.58 0.08 -48.10
CA GLY A 23 8.22 -0.81 -49.05
C GLY A 23 7.42 -2.05 -49.36
N GLU A 24 7.97 -2.88 -50.22
CA GLU A 24 7.36 -4.16 -50.57
C GLU A 24 7.35 -5.06 -49.31
N HIS A 25 8.41 -4.96 -48.52
CA HIS A 25 8.54 -5.71 -47.27
C HIS A 25 8.66 -4.78 -46.06
N GLN A 26 8.39 -5.31 -44.87
CA GLN A 26 8.72 -4.59 -43.64
C GLN A 26 10.23 -4.57 -43.43
N ALA A 27 10.71 -3.49 -42.83
CA ALA A 27 12.08 -3.38 -42.37
C ALA A 27 12.21 -4.22 -41.09
N GLY A 28 13.43 -4.40 -40.60
CA GLY A 28 13.64 -5.18 -39.39
C GLY A 28 13.82 -6.68 -39.66
N ILE A 29 13.68 -7.07 -40.92
CA ILE A 29 13.86 -8.48 -41.29
C ILE A 29 15.23 -8.68 -41.95
N LEU A 30 15.42 -8.05 -43.11
CA LEU A 30 16.73 -8.05 -43.79
C LEU A 30 17.66 -6.97 -43.26
N THR A 31 17.08 -5.98 -42.56
CA THR A 31 17.85 -4.90 -41.99
C THR A 31 19.03 -5.43 -41.17
N PRO A 32 20.24 -4.89 -41.40
CA PRO A 32 21.37 -5.29 -40.56
C PRO A 32 21.05 -5.03 -39.10
N GLN A 33 21.40 -5.94 -38.21
CA GLN A 33 21.04 -5.80 -36.80
C GLN A 33 21.56 -4.53 -36.14
N GLN A 34 20.64 -3.78 -35.54
CA GLN A 34 21.00 -2.65 -34.69
C GLN A 34 21.35 -3.15 -33.27
N ALA A 35 21.94 -2.28 -32.45
CA ALA A 35 22.51 -2.75 -31.19
C ALA A 35 21.48 -3.09 -30.10
N ALA A 36 20.30 -2.46 -30.18
CA ALA A 36 19.31 -2.64 -29.14
C ALA A 36 18.03 -3.16 -29.75
N LEU A 39 11.41 -7.43 -27.93
CA LEU A 39 10.28 -8.20 -28.41
C LEU A 39 9.15 -7.86 -27.46
N VAL A 40 8.01 -7.43 -27.99
CA VAL A 40 6.89 -7.19 -27.11
C VAL A 40 5.63 -7.75 -27.76
N ALA A 41 5.00 -8.70 -27.07
CA ALA A 41 3.77 -9.32 -27.54
C ALA A 41 2.57 -8.65 -26.86
N PHE A 42 1.46 -8.54 -27.60
CA PHE A 42 0.25 -7.92 -27.07
C PHE A 42 -0.96 -8.85 -27.24
N ASP A 43 -1.91 -8.74 -26.30
CA ASP A 43 -3.27 -9.18 -26.51
C ASP A 43 -3.95 -8.04 -27.27
N VAL A 44 -4.70 -8.34 -28.33
CA VAL A 44 -5.49 -7.32 -29.02
C VAL A 44 -6.85 -7.20 -28.35
N LEU A 45 -7.26 -5.97 -28.06
CA LEU A 45 -8.52 -5.71 -27.34
C LEU A 45 -9.66 -5.32 -28.29
N ALA A 46 -9.34 -5.08 -29.56
CA ALA A 46 -10.37 -4.77 -30.56
C ALA A 46 -11.47 -5.84 -30.52
N SER A 47 -12.72 -5.42 -30.66
CA SER A 47 -13.85 -6.37 -30.59
C SER A 47 -14.43 -6.71 -31.96
N ASP A 48 -14.15 -5.85 -32.95
CA ASP A 48 -14.65 -5.98 -34.32
C ASP A 48 -13.49 -6.05 -35.27
N LYS A 49 -13.73 -6.54 -36.48
CA LYS A 49 -12.76 -6.34 -37.54
C LYS A 49 -12.57 -4.84 -37.78
N ALA A 50 -13.63 -4.07 -37.57
CA ALA A 50 -13.55 -2.62 -37.72
C ALA A 50 -12.53 -2.02 -36.74
N ASP A 51 -12.59 -2.45 -35.49
CA ASP A 51 -11.66 -1.97 -34.48
C ASP A 51 -10.24 -2.39 -34.84
N LEU A 52 -10.11 -3.60 -35.36
CA LEU A 52 -8.80 -4.10 -35.75
C LEU A 52 -8.19 -3.25 -36.86
N GLU A 53 -9.00 -2.84 -37.82
CA GLU A 53 -8.50 -1.99 -38.89
C GLU A 53 -8.05 -0.64 -38.36
N ARG A 54 -8.84 -0.07 -37.45
CA ARG A 54 -8.48 1.21 -36.85
C ARG A 54 -7.15 1.08 -36.13
N LEU A 55 -6.97 -0.02 -35.43
CA LEU A 55 -5.70 -0.27 -34.74
C LEU A 55 -4.54 -0.38 -35.76
N PHE A 56 -4.73 -1.18 -36.81
CA PHE A 56 -3.66 -1.35 -37.79
C PHE A 56 -3.31 -0.04 -38.49
N ARG A 57 -4.31 0.77 -38.78
CA ARG A 57 -4.09 2.09 -39.35
C ARG A 57 -3.33 2.99 -38.37
N LEU A 58 -3.72 2.95 -37.10
CA LEU A 58 -3.08 3.78 -36.09
C LEU A 58 -1.62 3.37 -35.91
N LEU A 59 -1.37 2.06 -35.76
CA LEU A 59 0.00 1.56 -35.64
C LEU A 59 0.90 2.00 -36.80
N THR A 60 0.37 1.94 -38.03
CA THR A 60 1.12 2.30 -39.21
C THR A 60 1.53 3.77 -39.11
N GLN A 61 0.57 4.59 -38.69
CA GLN A 61 0.85 6.00 -38.47
C GLN A 61 1.94 6.24 -37.41
N ARG A 62 1.84 5.58 -36.27
CA ARG A 62 2.85 5.74 -35.24
C ARG A 62 4.21 5.24 -35.73
N PHE A 63 4.25 4.05 -36.34
CA PHE A 63 5.53 3.51 -36.83
C PHE A 63 6.16 4.44 -37.90
N ALA A 64 5.34 4.99 -38.78
CA ALA A 64 5.85 5.87 -39.83
C ALA A 64 6.49 7.08 -39.21
N PHE A 65 5.79 7.71 -38.25
CA PHE A 65 6.38 8.86 -37.57
C PHE A 65 7.68 8.53 -36.81
N LEU A 66 7.62 7.53 -35.93
CA LEU A 66 8.76 7.17 -35.08
C LEU A 66 10.03 6.79 -35.85
N THR A 67 9.86 5.98 -36.90
CA THR A 67 11.02 5.48 -37.64
C THR A 67 11.71 6.55 -38.45
N GLN A 68 10.98 7.60 -38.83
CA GLN A 68 11.57 8.63 -39.69
C GLN A 68 12.00 9.88 -38.90
N GLY A 69 11.47 10.02 -37.69
CA GLY A 69 11.95 11.05 -36.77
C GLY A 69 11.28 12.40 -36.96
N GLY A 70 11.33 13.23 -35.93
CA GLY A 70 10.67 14.52 -35.98
C GLY A 70 10.62 15.18 -34.62
N ALA A 71 9.93 16.30 -34.52
CA ALA A 71 9.80 17.02 -33.27
C ALA A 71 8.83 16.24 -32.37
N ALA A 72 9.11 16.18 -31.08
CA ALA A 72 8.20 15.50 -30.16
C ALA A 72 6.87 16.24 -30.13
N PRO A 73 5.76 15.49 -30.11
CA PRO A 73 4.42 16.09 -29.98
C PRO A 73 4.38 16.99 -28.75
N GLU A 74 3.89 18.23 -28.90
CA GLU A 74 3.81 19.15 -27.76
C GLU A 74 2.49 19.04 -27.00
N THR A 75 2.43 19.64 -25.81
CA THR A 75 1.25 19.54 -24.94
C THR A 75 0.75 20.95 -24.55
N PRO A 76 0.09 21.63 -25.50
CA PRO A 76 -0.36 23.03 -25.35
C PRO A 76 -1.26 23.21 -24.14
N ASN A 77 -2.10 22.22 -23.89
CA ASN A 77 -2.97 22.19 -22.72
C ASN A 77 -2.44 21.23 -21.65
N PRO A 78 -1.86 21.78 -20.58
CA PRO A 78 -1.23 20.95 -19.52
C PRO A 78 -2.23 20.20 -18.65
N ARG A 79 -3.53 20.44 -18.82
CA ARG A 79 -4.54 19.66 -18.10
C ARG A 79 -4.67 18.26 -18.72
N LEU A 80 -4.06 18.08 -19.87
CA LEU A 80 -4.01 16.77 -20.52
C LEU A 80 -2.68 16.08 -20.24
N PRO A 81 -2.69 14.73 -20.27
CA PRO A 81 -1.42 13.99 -20.21
C PRO A 81 -0.52 14.44 -21.35
N PRO A 82 0.80 14.47 -21.13
CA PRO A 82 1.74 14.86 -22.17
C PRO A 82 1.51 13.99 -23.39
N LEU A 83 1.57 14.57 -24.59
CA LEU A 83 1.33 13.79 -25.80
C LEU A 83 2.52 12.89 -26.15
N ASP A 84 3.67 13.19 -25.56
CA ASP A 84 4.87 12.36 -25.70
C ASP A 84 5.41 12.10 -24.29
N SER A 85 6.03 10.93 -24.08
CA SER A 85 6.57 10.55 -22.77
C SER A 85 7.68 11.48 -22.30
N GLY A 86 8.39 12.08 -23.25
CA GLY A 86 9.45 13.02 -22.95
C GLY A 86 10.82 12.41 -22.76
N ILE A 87 10.94 11.09 -22.82
CA ILE A 87 12.20 10.45 -22.40
C ILE A 87 13.34 10.67 -23.39
N LEU A 88 13.02 11.11 -24.61
CA LEU A 88 14.03 11.46 -25.58
C LEU A 88 14.29 12.98 -25.63
N GLY A 89 13.50 13.75 -24.89
CA GLY A 89 13.59 15.19 -24.98
C GLY A 89 12.74 15.73 -26.12
N GLY A 90 13.13 16.88 -26.67
CA GLY A 90 12.32 17.59 -27.65
C GLY A 90 12.37 17.09 -29.09
N TYR A 91 13.44 16.40 -29.48
CA TYR A 91 13.55 15.86 -30.83
C TYR A 91 13.56 14.32 -30.82
N ILE A 92 12.69 13.72 -31.62
CA ILE A 92 12.59 12.26 -31.70
C ILE A 92 13.48 11.80 -32.85
N ALA A 93 14.73 11.50 -32.56
CA ALA A 93 15.68 11.11 -33.60
C ALA A 93 15.28 9.73 -34.07
N PRO A 94 15.49 9.43 -35.35
CA PRO A 94 15.10 8.11 -35.88
C PRO A 94 16.00 7.00 -35.32
N ASP A 95 17.30 7.28 -35.21
CA ASP A 95 18.25 6.44 -34.51
C ASP A 95 18.24 5.00 -35.04
N ASN A 96 18.00 4.86 -36.34
CA ASN A 96 18.04 3.56 -37.00
C ASN A 96 16.90 2.66 -36.55
N LEU A 97 15.78 3.27 -36.15
CA LEU A 97 14.64 2.51 -35.63
C LEU A 97 13.92 1.71 -36.71
N THR A 98 13.62 0.45 -36.41
CA THR A 98 12.71 -0.34 -37.23
C THR A 98 11.67 -1.00 -36.31
N ILE A 99 10.44 -1.10 -36.81
CA ILE A 99 9.38 -1.78 -36.10
C ILE A 99 8.72 -2.77 -37.04
N THR A 100 8.80 -4.05 -36.69
CA THR A 100 8.25 -5.12 -37.51
C THR A 100 7.04 -5.71 -36.80
N LEU A 101 5.90 -5.72 -37.47
CA LEU A 101 4.65 -6.24 -36.91
C LEU A 101 4.35 -7.65 -37.42
N SER A 102 4.08 -8.57 -36.49
CA SER A 102 3.70 -9.92 -36.87
C SER A 102 2.44 -10.34 -36.10
N VAL A 103 1.72 -11.32 -36.63
CA VAL A 103 0.44 -11.74 -36.03
C VAL A 103 0.48 -13.22 -35.67
N GLY A 104 -0.11 -13.56 -34.53
CA GLY A 104 -0.08 -14.94 -34.06
C GLY A 104 -1.30 -15.74 -34.52
N HIS A 105 -1.22 -17.06 -34.35
CA HIS A 105 -2.32 -17.97 -34.62
C HIS A 105 -3.66 -17.48 -34.04
N SER A 106 -3.64 -16.92 -32.83
CA SER A 106 -4.87 -16.58 -32.14
C SER A 106 -5.66 -15.42 -32.77
N LEU A 107 -4.99 -14.62 -33.61
CA LEU A 107 -5.68 -13.53 -34.32
C LEU A 107 -6.68 -14.09 -35.33
N PHE A 108 -6.52 -15.36 -35.67
CA PHE A 108 -7.33 -15.96 -36.73
C PHE A 108 -8.48 -16.79 -36.18
N ASP A 109 -8.86 -16.49 -34.94
CA ASP A 109 -9.99 -17.15 -34.29
C ASP A 109 -11.31 -16.50 -34.71
N GLU A 110 -12.30 -16.54 -33.83
CA GLU A 110 -13.66 -16.15 -34.19
C GLU A 110 -13.85 -14.62 -34.24
N ARG A 111 -13.04 -13.89 -33.50
CA ARG A 111 -13.28 -12.46 -33.31
C ARG A 111 -13.39 -11.59 -34.58
N PHE A 112 -12.53 -11.82 -35.56
CA PHE A 112 -12.40 -10.88 -36.67
C PHE A 112 -12.64 -11.49 -38.05
N GLY A 113 -13.16 -12.72 -38.07
CA GLY A 113 -13.48 -13.39 -39.30
C GLY A 113 -12.30 -13.59 -40.23
N LEU A 114 -11.10 -13.75 -39.67
CA LEU A 114 -9.89 -13.95 -40.48
C LEU A 114 -9.48 -15.40 -40.65
N ALA A 115 -10.22 -16.32 -40.03
CA ALA A 115 -9.89 -17.74 -40.13
C ALA A 115 -9.57 -18.19 -41.54
N PRO A 116 -10.44 -17.87 -42.51
CA PRO A 116 -10.14 -18.29 -43.89
C PRO A 116 -8.80 -17.74 -44.38
N GLN A 117 -8.33 -16.68 -43.74
CA GLN A 117 -7.11 -16.00 -44.17
C GLN A 117 -5.83 -16.57 -43.56
N PRO A 119 -2.43 -18.12 -42.64
CA PRO A 119 -1.28 -18.70 -43.33
C PRO A 119 -1.29 -20.22 -43.09
N LYS A 120 -0.95 -20.99 -44.12
CA LYS A 120 -1.18 -22.42 -44.09
C LYS A 120 -0.37 -23.16 -43.04
N LYS A 121 0.79 -22.62 -42.66
CA LYS A 121 1.66 -23.27 -41.66
C LYS A 121 1.63 -22.60 -40.29
N LEU A 122 0.89 -21.51 -40.16
CA LEU A 122 0.80 -20.81 -38.87
C LEU A 122 0.07 -21.69 -37.85
N GLN A 123 0.62 -21.77 -36.64
CA GLN A 123 0.04 -22.59 -35.59
C GLN A 123 0.47 -22.06 -34.24
N LYS A 124 -0.19 -22.50 -33.17
CA LYS A 124 0.25 -22.18 -31.82
C LYS A 124 1.50 -22.99 -31.51
N THR A 126 3.89 -25.30 -29.70
CA THR A 126 3.78 -26.32 -28.65
C THR A 126 5.19 -26.77 -28.25
N ARG A 127 5.33 -27.29 -27.04
CA ARG A 127 6.68 -27.55 -26.49
C ARG A 127 7.48 -28.63 -27.23
N PHE A 128 8.79 -28.44 -27.27
CA PHE A 128 9.75 -29.46 -27.69
C PHE A 128 10.26 -30.16 -26.43
N PRO A 129 10.93 -31.30 -26.57
CA PRO A 129 11.34 -32.10 -25.41
C PRO A 129 12.29 -31.39 -24.41
N ASN A 130 13.05 -30.40 -24.88
CA ASN A 130 13.93 -29.68 -23.95
C ASN A 130 13.28 -28.41 -23.38
N ASP A 131 12.00 -28.22 -23.64
CA ASP A 131 11.34 -26.98 -23.23
C ASP A 131 10.89 -26.96 -21.78
N SER A 132 11.01 -25.79 -21.15
CA SER A 132 10.36 -25.49 -19.88
C SER A 132 9.53 -24.20 -20.05
N LEU A 133 8.51 -24.25 -20.88
CA LEU A 133 7.77 -23.03 -21.19
C LEU A 133 7.01 -22.42 -20.00
N ASP A 134 7.16 -21.10 -19.89
CA ASP A 134 6.47 -20.26 -18.92
C ASP A 134 5.27 -19.65 -19.67
N ALA A 135 4.05 -19.97 -19.24
CA ALA A 135 2.87 -19.49 -19.97
C ALA A 135 2.81 -17.96 -20.11
N ALA A 136 3.35 -17.26 -19.12
CA ALA A 136 3.41 -15.79 -19.15
C ALA A 136 4.32 -15.22 -20.25
N LEU A 137 5.18 -16.05 -20.82
CA LEU A 137 6.15 -15.61 -21.83
C LEU A 137 5.91 -16.16 -23.24
N CYS A 138 4.70 -16.68 -23.49
CA CYS A 138 4.39 -17.36 -24.76
C CYS A 138 3.24 -16.73 -25.55
N HIS A 139 3.34 -16.82 -26.87
CA HIS A 139 2.22 -16.51 -27.78
C HIS A 139 1.85 -15.02 -27.81
N GLY A 140 0.64 -14.73 -28.25
CA GLY A 140 0.15 -13.37 -28.39
C GLY A 140 -0.56 -13.14 -29.72
N ASP A 141 -1.62 -12.33 -29.70
CA ASP A 141 -2.29 -11.91 -30.94
C ASP A 141 -1.35 -11.20 -31.88
N VAL A 142 -0.53 -10.29 -31.35
CA VAL A 142 0.45 -9.59 -32.16
C VAL A 142 1.79 -9.42 -31.42
N LEU A 143 2.85 -9.35 -32.20
CA LEU A 143 4.20 -9.14 -31.69
C LEU A 143 4.83 -7.98 -32.45
N LEU A 144 5.49 -7.08 -31.73
CA LEU A 144 6.32 -6.08 -32.38
C LEU A 144 7.77 -6.42 -32.08
N GLN A 145 8.59 -6.41 -33.12
CA GLN A 145 10.03 -6.45 -32.92
C GLN A 145 10.50 -5.03 -33.16
N ILE A 146 11.07 -4.40 -32.12
CA ILE A 146 11.43 -2.99 -32.13
C ILE A 146 12.94 -2.90 -31.94
N CYS A 147 13.65 -2.46 -32.97
CA CYS A 147 15.11 -2.37 -32.93
C CYS A 147 15.60 -0.95 -33.24
N ALA A 148 16.68 -0.53 -32.59
CA ALA A 148 17.27 0.78 -32.87
C ALA A 148 18.70 0.81 -32.34
N ASN A 149 19.38 1.92 -32.55
CA ASN A 149 20.76 2.04 -32.10
C ASN A 149 20.85 2.00 -30.60
N THR A 150 19.84 2.52 -29.93
CA THR A 150 19.91 2.68 -28.49
C THR A 150 18.62 2.25 -27.84
N GLN A 151 18.72 1.80 -26.60
CA GLN A 151 17.58 1.34 -25.83
C GLN A 151 16.56 2.47 -25.61
N ASP A 152 17.05 3.70 -25.47
CA ASP A 152 16.14 4.82 -25.22
C ASP A 152 15.13 4.93 -26.37
N THR A 153 15.61 4.82 -27.60
CA THR A 153 14.72 4.97 -28.75
C THR A 153 13.68 3.86 -28.78
N VAL A 154 14.11 2.65 -28.40
CA VAL A 154 13.23 1.50 -28.42
C VAL A 154 12.14 1.68 -27.35
N ILE A 155 12.53 2.05 -26.15
CA ILE A 155 11.55 2.25 -25.08
C ILE A 155 10.60 3.42 -25.41
N HIS A 156 11.16 4.50 -25.94
CA HIS A 156 10.29 5.61 -26.32
C HIS A 156 9.20 5.15 -27.31
N ALA A 157 9.60 4.36 -28.31
CA ALA A 157 8.63 3.86 -29.28
C ALA A 157 7.51 3.08 -28.58
N LEU A 158 7.89 2.14 -27.73
CA LEU A 158 6.91 1.36 -26.98
C LEU A 158 5.93 2.25 -26.24
N ARG A 159 6.46 3.22 -25.49
CA ARG A 159 5.59 4.08 -24.68
C ARG A 159 4.65 4.87 -25.58
N ASP A 160 5.13 5.28 -26.74
CA ASP A 160 4.28 5.98 -27.70
C ASP A 160 3.14 5.06 -28.17
N ILE A 161 3.50 3.85 -28.54
CA ILE A 161 2.50 2.89 -29.03
C ILE A 161 1.43 2.63 -27.96
N ILE A 162 1.88 2.45 -26.72
CA ILE A 162 0.97 2.17 -25.61
C ILE A 162 0.03 3.34 -25.33
N LYS A 163 0.59 4.55 -25.25
CA LYS A 163 -0.21 5.73 -24.98
C LYS A 163 -1.34 5.85 -26.02
N HIS A 164 -1.06 5.45 -27.26
CA HIS A 164 -2.05 5.58 -28.34
C HIS A 164 -3.05 4.45 -28.50
N THR A 165 -2.97 3.41 -27.67
CA THR A 165 -3.83 2.23 -27.87
C THR A 165 -4.45 1.66 -26.59
N PRO A 166 -4.90 2.51 -25.67
CA PRO A 166 -5.42 1.99 -24.39
C PRO A 166 -6.62 1.07 -24.57
N ASP A 167 -7.37 1.32 -25.64
CA ASP A 167 -8.61 0.61 -25.92
C ASP A 167 -8.37 -0.61 -26.81
N LEU A 168 -7.14 -0.78 -27.30
CA LEU A 168 -6.93 -1.70 -28.40
C LEU A 168 -5.84 -2.74 -28.17
N LEU A 169 -4.90 -2.43 -27.28
CA LEU A 169 -3.76 -3.30 -27.04
C LEU A 169 -3.48 -3.39 -25.55
N SER A 170 -3.17 -4.59 -25.10
CA SER A 170 -2.70 -4.82 -23.75
C SER A 170 -1.39 -5.63 -23.80
N VAL A 171 -0.34 -5.13 -23.16
CA VAL A 171 0.95 -5.82 -23.15
C VAL A 171 0.82 -7.24 -22.58
N ARG A 172 1.40 -8.22 -23.25
CA ARG A 172 1.34 -9.61 -22.79
C ARG A 172 2.66 -10.02 -22.19
N TRP A 173 3.73 -9.90 -22.98
CA TRP A 173 5.06 -10.12 -22.47
C TRP A 173 6.07 -9.25 -23.22
N LYS A 174 7.24 -9.04 -22.61
CA LYS A 174 8.26 -8.20 -23.19
C LYS A 174 9.64 -8.61 -22.75
N ARG A 175 10.58 -8.68 -23.69
CA ARG A 175 11.96 -8.82 -23.29
C ARG A 175 12.85 -7.97 -24.19
N GLU A 176 13.87 -7.35 -23.59
CA GLU A 176 14.84 -6.55 -24.32
C GLU A 176 16.16 -7.31 -24.50
N GLY A 177 16.84 -7.03 -25.60
CA GLY A 177 18.12 -7.66 -25.89
C GLY A 177 19.11 -6.72 -26.58
N PHE A 178 20.31 -7.23 -26.83
CA PHE A 178 21.38 -6.41 -27.40
C PHE A 178 22.36 -7.27 -28.18
N ILE A 179 23.14 -6.62 -29.06
CA ILE A 179 24.42 -7.17 -29.51
C ILE A 179 25.47 -6.08 -29.24
N SER A 180 26.76 -6.39 -29.37
CA SER A 180 27.79 -5.36 -29.11
C SER A 180 27.69 -4.21 -30.08
N ASP A 181 28.02 -3.00 -29.61
CA ASP A 181 27.99 -1.81 -30.44
C ASP A 181 28.87 -1.94 -31.69
N HIS A 182 30.10 -2.41 -31.52
CA HIS A 182 31.04 -2.44 -32.65
C HIS A 182 30.65 -3.44 -33.72
N ALA A 183 30.06 -4.56 -33.32
CA ALA A 183 29.50 -5.51 -34.27
C ALA A 183 28.28 -4.90 -34.95
N ALA A 184 27.46 -4.19 -34.19
CA ALA A 184 26.30 -3.52 -34.79
C ALA A 184 26.78 -2.48 -35.82
N ARG A 185 27.82 -1.74 -35.46
CA ARG A 185 28.28 -0.65 -36.32
C ARG A 185 29.00 -1.12 -37.58
N SER A 186 29.36 -2.40 -37.62
CA SER A 186 29.96 -2.96 -38.83
C SER A 186 28.87 -3.37 -39.83
N LYS A 187 27.61 -3.20 -39.42
CA LYS A 187 26.47 -3.53 -40.27
C LYS A 187 26.55 -4.93 -40.89
N GLY A 188 26.94 -5.92 -40.10
CA GLY A 188 27.02 -7.29 -40.56
C GLY A 188 28.43 -7.77 -40.92
N LYS A 189 29.39 -6.86 -40.95
CA LYS A 189 30.77 -7.22 -41.34
C LYS A 189 31.50 -8.06 -40.28
N GLU A 190 31.08 -7.88 -39.03
CA GLU A 190 31.66 -8.60 -37.90
C GLU A 190 30.55 -9.40 -37.21
N THR A 191 30.77 -10.70 -37.01
CA THR A 191 29.75 -11.55 -36.42
C THR A 191 29.62 -11.25 -34.92
N PRO A 192 28.39 -11.09 -34.43
CA PRO A 192 28.20 -10.84 -33.00
C PRO A 192 28.55 -12.07 -32.17
N ILE A 193 29.08 -11.85 -30.97
CA ILE A 193 29.41 -12.94 -30.06
C ILE A 193 28.28 -13.08 -29.03
N ASN A 194 27.74 -14.29 -28.88
CA ASN A 194 26.68 -14.53 -27.90
C ASN A 194 27.26 -14.66 -26.50
N LEU A 195 26.39 -14.78 -25.50
CA LEU A 195 26.87 -14.78 -24.11
C LEU A 195 27.50 -16.09 -23.65
N LEU A 196 27.54 -17.09 -24.53
CA LEU A 196 28.35 -18.30 -24.31
C LEU A 196 29.77 -18.10 -24.87
N GLY A 197 29.99 -16.92 -25.46
CA GLY A 197 31.29 -16.60 -26.04
C GLY A 197 31.56 -17.12 -27.44
N PHE A 198 30.54 -17.62 -28.13
CA PHE A 198 30.74 -18.06 -29.51
C PHE A 198 30.17 -17.05 -30.50
N LYS A 199 30.83 -16.93 -31.65
CA LYS A 199 30.28 -16.11 -32.73
C LYS A 199 29.00 -16.75 -33.19
N ASP A 200 28.00 -15.92 -33.48
CA ASP A 200 26.64 -16.37 -33.71
C ASP A 200 26.05 -15.60 -34.89
N GLY A 201 25.87 -16.28 -36.01
CA GLY A 201 25.40 -15.65 -37.23
C GLY A 201 26.22 -16.05 -38.45
N THR A 202 27.39 -16.63 -38.21
CA THR A 202 28.34 -16.98 -39.28
C THR A 202 27.73 -17.56 -40.56
N ALA A 203 26.98 -18.66 -40.43
CA ALA A 203 26.47 -19.38 -41.59
C ALA A 203 25.12 -18.90 -42.11
N ASN A 204 24.66 -17.73 -41.65
CA ASN A 204 23.41 -17.15 -42.16
C ASN A 204 23.51 -16.97 -43.68
N PRO A 205 22.41 -17.23 -44.40
CA PRO A 205 22.31 -16.93 -45.85
C PRO A 205 22.49 -15.43 -46.10
N ASP A 206 23.00 -15.04 -47.27
CA ASP A 206 23.28 -13.62 -47.54
C ASP A 206 21.99 -12.77 -47.68
N SER A 207 21.71 -11.97 -46.66
CA SER A 207 20.50 -11.15 -46.65
C SER A 207 20.49 -10.07 -47.73
N GLN A 208 21.64 -9.84 -48.35
CA GLN A 208 21.76 -8.82 -49.39
C GLN A 208 21.43 -9.39 -50.78
N ASN A 209 21.61 -10.70 -50.94
CA ASN A 209 21.24 -11.39 -52.17
C ASN A 209 19.72 -11.54 -52.28
N ASP A 210 19.09 -10.68 -53.07
CA ASP A 210 17.63 -10.61 -53.11
C ASP A 210 16.97 -11.87 -53.69
N LYS A 211 17.63 -12.51 -54.64
CA LYS A 211 17.08 -13.76 -55.18
C LYS A 211 17.16 -14.88 -54.14
N LEU A 212 18.20 -14.87 -53.33
CA LEU A 212 18.33 -15.86 -52.27
C LEU A 212 17.25 -15.62 -51.21
N GLN A 214 14.32 -14.16 -51.69
CA GLN A 214 13.01 -14.47 -52.25
CA GLN A 214 13.00 -14.46 -52.22
C GLN A 214 12.71 -15.95 -52.07
N LYS A 215 13.77 -16.76 -52.11
CA LYS A 215 13.61 -18.20 -51.94
C LYS A 215 13.57 -18.58 -50.46
N VAL A 216 14.42 -17.94 -49.66
CA VAL A 216 14.61 -18.36 -48.28
C VAL A 216 13.60 -17.76 -47.32
N VAL A 217 13.45 -16.43 -47.39
CA VAL A 217 12.74 -15.67 -46.36
C VAL A 217 11.31 -15.28 -46.69
N TRP A 218 11.11 -14.71 -47.88
CA TRP A 218 9.81 -14.17 -48.27
C TRP A 218 8.83 -15.22 -48.80
N VAL A 219 7.55 -15.05 -48.45
CA VAL A 219 6.50 -15.84 -49.05
C VAL A 219 6.30 -15.36 -50.48
N THR A 220 6.33 -16.30 -51.42
CA THR A 220 6.17 -15.98 -52.83
C THR A 220 4.87 -16.57 -53.38
N ALA A 221 4.47 -16.06 -54.54
CA ALA A 221 3.19 -16.42 -55.16
C ALA A 221 3.07 -17.91 -55.43
N ASP A 222 4.20 -18.57 -55.61
CA ASP A 222 4.20 -19.98 -55.98
C ASP A 222 3.88 -20.90 -54.80
N GLN A 223 3.82 -20.35 -53.60
CA GLN A 223 3.52 -21.15 -52.42
C GLN A 223 2.03 -21.35 -52.26
N GLN A 224 1.67 -22.40 -51.56
CA GLN A 224 0.26 -22.68 -51.31
C GLN A 224 -0.20 -21.90 -50.08
N GLU A 225 -0.43 -20.60 -50.28
CA GLU A 225 -0.78 -19.67 -49.19
C GLU A 225 -1.82 -18.69 -49.65
N PRO A 226 -2.55 -18.08 -48.70
CA PRO A 226 -3.49 -17.01 -49.06
C PRO A 226 -2.74 -15.81 -49.68
N ALA A 227 -3.34 -15.20 -50.69
CA ALA A 227 -2.71 -14.09 -51.42
C ALA A 227 -2.10 -12.98 -50.56
N TRP A 228 -2.76 -12.63 -49.46
CA TRP A 228 -2.28 -11.48 -48.67
C TRP A 228 -0.90 -11.73 -48.08
N THR A 229 -0.53 -13.00 -47.91
CA THR A 229 0.74 -13.32 -47.26
C THR A 229 1.93 -12.97 -48.11
N ILE A 230 1.74 -12.83 -49.42
CA ILE A 230 2.89 -12.59 -50.31
C ILE A 230 3.74 -11.39 -49.86
N GLY A 231 5.04 -11.60 -49.72
CA GLY A 231 5.96 -10.58 -49.28
C GLY A 231 6.11 -10.46 -47.76
N GLY A 232 5.32 -11.26 -47.02
CA GLY A 232 5.56 -11.42 -45.60
C GLY A 232 6.52 -12.58 -45.35
N SER A 233 6.65 -13.00 -44.10
CA SER A 233 7.60 -14.05 -43.74
C SER A 233 7.15 -14.70 -42.44
N TYR A 234 7.33 -16.01 -42.31
CA TYR A 234 7.02 -16.69 -41.05
C TYR A 234 8.12 -16.38 -40.07
N GLN A 235 7.74 -16.18 -38.81
CA GLN A 235 8.67 -15.71 -37.79
C GLN A 235 8.55 -16.63 -36.58
N ALA A 236 9.65 -17.25 -36.19
CA ALA A 236 9.70 -18.05 -34.98
C ALA A 236 10.51 -17.31 -33.92
N VAL A 237 9.95 -17.17 -32.73
CA VAL A 237 10.64 -16.52 -31.64
C VAL A 237 10.84 -17.52 -30.49
N ARG A 238 12.05 -17.58 -29.94
CA ARG A 238 12.32 -18.45 -28.79
C ARG A 238 13.11 -17.68 -27.74
N LEU A 239 12.58 -17.59 -26.53
CA LEU A 239 13.29 -17.03 -25.40
C LEU A 239 14.04 -18.16 -24.71
N ILE A 240 15.38 -18.11 -24.74
CA ILE A 240 16.21 -19.22 -24.30
C ILE A 240 17.22 -18.77 -23.24
N GLN A 241 17.06 -19.34 -22.05
CA GLN A 241 17.92 -19.06 -20.93
C GLN A 241 19.17 -19.95 -20.92
N PHE A 242 20.31 -19.38 -20.51
CA PHE A 242 21.58 -20.12 -20.45
C PHE A 242 21.95 -20.50 -19.03
N ARG A 243 22.56 -21.67 -18.84
CA ARG A 243 23.13 -22.03 -17.54
C ARG A 243 24.56 -21.50 -17.57
N VAL A 244 24.69 -20.21 -17.27
CA VAL A 244 25.95 -19.51 -17.49
C VAL A 244 27.10 -20.05 -16.67
N GLU A 245 26.92 -20.15 -15.36
CA GLU A 245 28.01 -20.59 -14.47
C GLU A 245 28.44 -22.02 -14.83
N PHE A 246 27.47 -22.87 -15.08
CA PHE A 246 27.71 -24.25 -15.51
C PHE A 246 28.54 -24.25 -16.79
N TRP A 247 28.14 -23.44 -17.76
CA TRP A 247 28.88 -23.32 -19.01
C TRP A 247 30.33 -22.87 -18.76
N ASP A 248 30.49 -21.80 -17.99
CA ASP A 248 31.81 -21.22 -17.75
C ASP A 248 32.81 -22.16 -17.05
N ARG A 249 32.32 -23.17 -16.36
CA ARG A 249 33.18 -24.14 -15.69
C ARG A 249 33.31 -25.41 -16.54
N THR A 250 32.77 -25.36 -17.76
CA THR A 250 32.89 -26.47 -18.69
C THR A 250 34.16 -26.34 -19.53
N PRO A 251 34.94 -27.43 -19.65
CA PRO A 251 36.18 -27.39 -20.42
C PRO A 251 35.98 -26.81 -21.82
N LEU A 252 36.98 -26.07 -22.28
CA LEU A 252 36.92 -25.44 -23.60
C LEU A 252 36.67 -26.48 -24.69
N LYS A 253 37.35 -27.62 -24.57
CA LYS A 253 37.21 -28.71 -25.51
C LYS A 253 35.74 -29.14 -25.65
N GLU A 254 35.04 -29.22 -24.52
CA GLU A 254 33.64 -29.62 -24.54
C GLU A 254 32.71 -28.56 -25.15
N GLN A 255 32.94 -27.31 -24.76
CA GLN A 255 32.22 -26.18 -25.37
C GLN A 255 32.30 -26.22 -26.89
N GLN A 256 33.50 -26.45 -27.42
CA GLN A 256 33.67 -26.50 -28.86
C GLN A 256 33.04 -27.73 -29.50
N THR A 257 33.10 -28.85 -28.80
CA THR A 257 32.53 -30.08 -29.34
C THR A 257 31.01 -29.95 -29.41
N ILE A 258 30.44 -29.25 -28.44
CA ILE A 258 29.00 -29.02 -28.43
C ILE A 258 28.56 -28.21 -29.65
N PHE A 259 29.31 -27.17 -30.00
CA PHE A 259 28.94 -26.34 -31.15
C PHE A 259 29.42 -26.86 -32.51
N GLY A 260 30.62 -27.42 -32.57
CA GLY A 260 31.21 -27.84 -33.84
C GLY A 260 32.18 -26.80 -34.38
N ARG A 261 32.40 -25.73 -33.62
CA ARG A 261 33.24 -24.62 -34.07
C ARG A 261 34.33 -24.25 -33.06
N ASP A 262 35.44 -23.73 -33.58
CA ASP A 262 36.53 -23.22 -32.77
C ASP A 262 36.05 -21.93 -32.12
N LYS A 263 36.21 -21.83 -30.80
CA LYS A 263 35.64 -20.70 -30.08
C LYS A 263 36.29 -19.39 -30.50
N GLN A 264 37.61 -19.39 -30.61
CA GLN A 264 38.36 -18.17 -30.91
C GLN A 264 38.15 -17.68 -32.32
N THR A 265 38.36 -18.56 -33.30
CA THR A 265 38.34 -18.12 -34.70
C THR A 265 36.93 -18.16 -35.28
N GLY A 266 36.08 -19.02 -34.74
CA GLY A 266 34.75 -19.20 -35.28
C GLY A 266 34.71 -20.21 -36.42
N ALA A 267 35.86 -20.81 -36.75
CA ALA A 267 35.93 -21.74 -37.86
C ALA A 267 35.29 -23.08 -37.48
N PRO A 268 34.78 -23.81 -38.48
CA PRO A 268 34.37 -25.19 -38.19
C PRO A 268 35.59 -25.91 -37.64
N LEU A 269 35.40 -26.83 -36.71
CA LEU A 269 36.54 -27.52 -36.13
C LEU A 269 37.32 -28.24 -37.23
N GLY A 270 38.65 -28.11 -37.19
CA GLY A 270 39.50 -28.69 -38.21
C GLY A 270 39.97 -27.69 -39.25
N GLN A 272 40.47 -23.37 -40.69
CA GLN A 272 41.21 -22.19 -40.25
C GLN A 272 40.39 -20.91 -40.17
N HIS A 273 39.40 -20.76 -41.05
CA HIS A 273 38.72 -19.48 -41.16
C HIS A 273 37.25 -19.55 -40.77
N GLU A 274 36.78 -18.52 -40.08
CA GLU A 274 35.40 -18.45 -39.60
C GLU A 274 34.38 -18.94 -40.63
N HIS A 275 34.49 -18.43 -41.85
CA HIS A 275 33.49 -18.69 -42.88
C HIS A 275 33.78 -19.89 -43.78
N ASP A 276 34.81 -20.67 -43.45
CA ASP A 276 35.04 -21.93 -44.15
C ASP A 276 33.83 -22.85 -43.98
N VAL A 277 33.68 -23.81 -44.88
CA VAL A 277 32.53 -24.72 -44.88
C VAL A 277 32.97 -26.14 -44.56
N PRO A 278 32.33 -26.76 -43.56
CA PRO A 278 32.71 -28.13 -43.20
C PRO A 278 32.30 -29.14 -44.25
N ASP A 279 33.06 -30.24 -44.31
CA ASP A 279 32.77 -31.34 -45.21
C ASP A 279 32.37 -32.55 -44.38
N TYR A 280 31.06 -32.72 -44.17
CA TYR A 280 30.56 -33.80 -43.32
C TYR A 280 30.74 -35.16 -43.97
N ALA A 281 30.72 -35.18 -45.29
CA ALA A 281 30.92 -36.41 -46.06
C ALA A 281 32.22 -37.13 -45.68
N SER A 282 33.30 -36.37 -45.54
CA SER A 282 34.60 -36.94 -45.18
C SER A 282 34.79 -37.09 -43.67
N ASP A 283 33.67 -37.05 -42.92
CA ASP A 283 33.68 -37.22 -41.47
C ASP A 283 32.39 -37.89 -40.98
N PRO A 284 32.19 -39.17 -41.37
CA PRO A 284 30.92 -39.86 -41.13
C PRO A 284 30.73 -40.34 -39.70
N GLU A 285 31.80 -40.36 -38.91
CA GLU A 285 31.66 -40.76 -37.51
C GLU A 285 31.71 -39.54 -36.59
N GLY A 286 31.91 -38.37 -37.18
CA GLY A 286 31.90 -37.15 -36.40
C GLY A 286 33.05 -37.06 -35.43
N LYS A 287 34.19 -37.58 -35.84
CA LYS A 287 35.44 -37.44 -35.07
C LYS A 287 35.89 -35.97 -35.08
N GLY A 288 35.70 -35.30 -36.21
CA GLY A 288 36.08 -33.91 -36.34
C GLY A 288 35.00 -32.96 -35.81
N ILE A 289 33.81 -33.08 -36.36
CA ILE A 289 32.64 -32.35 -35.88
C ILE A 289 31.54 -33.33 -35.45
N ALA A 290 31.18 -33.30 -34.16
CA ALA A 290 30.31 -34.33 -33.58
C ALA A 290 28.93 -34.43 -34.21
N LEU A 291 28.42 -35.66 -34.29
CA LEU A 291 27.09 -35.91 -34.85
C LEU A 291 25.96 -35.25 -34.05
N ASP A 292 26.19 -35.01 -32.76
CA ASP A 292 25.21 -34.29 -31.95
C ASP A 292 25.61 -32.82 -31.70
N SER A 293 26.57 -32.32 -32.48
CA SER A 293 26.95 -30.90 -32.38
C SER A 293 25.82 -30.03 -32.91
N HIS A 294 25.80 -28.79 -32.42
CA HIS A 294 24.74 -27.86 -32.79
C HIS A 294 24.71 -27.62 -34.29
N ILE A 295 25.84 -27.33 -34.91
CA ILE A 295 25.80 -26.92 -36.32
C ILE A 295 25.54 -28.06 -37.28
N ARG A 296 26.08 -29.23 -36.98
CA ARG A 296 25.90 -30.41 -37.84
C ARG A 296 24.43 -30.83 -37.91
N LEU A 297 23.73 -30.74 -36.77
CA LEU A 297 22.31 -31.02 -36.72
C LEU A 297 21.48 -29.88 -37.32
N ALA A 298 21.87 -28.63 -37.05
CA ALA A 298 21.11 -27.50 -37.57
C ALA A 298 21.19 -27.52 -39.09
N ASN A 299 22.36 -27.85 -39.60
CA ASN A 299 22.55 -27.85 -41.04
C ASN A 299 23.40 -29.02 -41.46
N PRO A 300 22.75 -30.13 -41.85
CA PRO A 300 23.43 -31.34 -42.32
C PRO A 300 24.21 -31.10 -43.64
N ARG A 301 23.91 -30.00 -44.32
CA ARG A 301 24.56 -29.64 -45.60
C ARG A 301 24.44 -30.73 -46.69
N THR A 302 23.23 -31.25 -46.83
CA THR A 302 22.90 -32.20 -47.90
C THR A 302 21.99 -31.50 -48.89
N ALA A 303 21.83 -32.09 -50.07
CA ALA A 303 20.97 -31.48 -51.09
C ALA A 303 19.58 -31.27 -50.53
N GLU A 304 19.11 -32.21 -49.72
CA GLU A 304 17.75 -32.15 -49.23
C GLU A 304 17.53 -31.16 -48.08
N SER A 305 18.59 -30.85 -47.34
CA SER A 305 18.43 -29.97 -46.18
C SER A 305 18.37 -28.49 -46.57
N GLU A 306 18.74 -28.17 -47.82
CA GLU A 306 18.77 -26.78 -48.26
C GLU A 306 17.39 -26.12 -48.18
N SER A 307 16.34 -26.93 -48.11
CA SER A 307 15.00 -26.37 -48.02
C SER A 307 14.72 -25.84 -46.61
N SER A 308 15.60 -26.13 -45.66
CA SER A 308 15.39 -25.68 -44.30
C SER A 308 16.22 -24.45 -43.91
N LEU A 309 16.91 -23.85 -44.87
CA LEU A 309 17.63 -22.60 -44.59
C LEU A 309 16.66 -21.53 -44.06
N LEU A 311 16.73 -17.26 -42.08
CA LEU A 311 17.52 -16.11 -41.68
C LEU A 311 17.36 -15.90 -40.17
N ARG A 312 18.45 -16.09 -39.42
CA ARG A 312 18.42 -15.83 -37.98
C ARG A 312 18.80 -14.38 -37.69
N ARG A 313 18.14 -13.82 -36.69
CA ARG A 313 18.40 -12.42 -36.33
C ARG A 313 18.26 -12.27 -34.81
N GLY A 314 19.05 -13.06 -34.08
CA GLY A 314 18.91 -13.18 -32.65
C GLY A 314 19.71 -12.15 -31.86
N TYR A 315 19.30 -11.92 -30.61
CA TYR A 315 19.96 -10.95 -29.72
C TYR A 315 20.25 -11.58 -28.35
N SER A 316 21.27 -11.08 -27.67
CA SER A 316 21.57 -11.55 -26.33
C SER A 316 20.62 -10.88 -25.35
N TYR A 317 20.34 -11.52 -24.21
CA TYR A 317 19.66 -10.81 -23.13
C TYR A 317 20.30 -11.06 -21.77
N SER A 318 20.15 -10.10 -20.88
CA SER A 318 20.68 -10.23 -19.53
C SER A 318 19.70 -9.55 -18.57
N LEU A 319 19.20 -10.28 -17.57
CA LEU A 319 18.20 -9.71 -16.65
C LEU A 319 18.77 -9.61 -15.24
N GLY A 320 18.16 -10.31 -14.31
CA GLY A 320 18.66 -10.38 -12.95
C GLY A 320 19.21 -11.78 -12.66
N VAL A 321 18.63 -12.45 -11.67
CA VAL A 321 19.04 -13.80 -11.33
C VAL A 321 17.85 -14.75 -11.49
N THR A 322 18.12 -16.05 -11.55
CA THR A 322 17.06 -17.03 -11.68
C THR A 322 16.54 -17.34 -10.27
N ASN A 323 15.62 -18.30 -10.14
CA ASN A 323 15.15 -18.69 -8.81
C ASN A 323 16.21 -19.44 -7.99
N SER A 324 17.28 -19.89 -8.64
CA SER A 324 18.39 -20.51 -7.92
C SER A 324 19.54 -19.54 -7.66
N GLY A 325 19.28 -18.25 -7.87
CA GLY A 325 20.29 -17.24 -7.62
C GLY A 325 21.43 -17.31 -8.62
N GLN A 326 21.16 -17.90 -9.78
CA GLN A 326 22.17 -17.93 -10.83
C GLN A 326 21.87 -16.88 -11.88
N LEU A 327 22.86 -16.57 -12.72
CA LEU A 327 22.68 -15.42 -13.61
C LEU A 327 21.59 -15.69 -14.64
N ASP A 328 20.69 -14.74 -14.82
CA ASP A 328 19.66 -14.85 -15.85
C ASP A 328 20.10 -14.16 -17.15
N GLY A 330 20.72 -14.96 -21.67
CA GLY A 330 20.47 -15.89 -22.75
C GLY A 330 20.34 -15.30 -24.14
N LEU A 331 19.44 -15.89 -24.90
CA LEU A 331 19.24 -15.59 -26.29
C LEU A 331 17.78 -15.28 -26.55
N LEU A 332 17.53 -14.13 -27.17
CA LEU A 332 16.25 -13.91 -27.83
C LEU A 332 16.46 -14.38 -29.28
N PHE A 333 16.10 -15.64 -29.54
CA PHE A 333 16.26 -16.22 -30.87
C PHE A 333 15.08 -15.77 -31.72
N VAL A 334 15.36 -15.21 -32.89
CA VAL A 334 14.33 -14.83 -33.84
C VAL A 334 14.76 -15.34 -35.20
N CYS A 335 13.86 -15.97 -35.95
CA CYS A 335 14.25 -16.36 -37.28
C CYS A 335 13.10 -16.16 -38.24
N TYR A 336 13.44 -15.86 -39.48
CA TYR A 336 12.47 -15.65 -40.54
C TYR A 336 12.65 -16.67 -41.67
N GLN A 337 11.55 -17.14 -42.23
CA GLN A 337 11.60 -18.17 -43.28
C GLN A 337 10.33 -18.14 -44.13
N HIS A 338 10.43 -18.55 -45.39
CA HIS A 338 9.25 -18.55 -46.25
C HIS A 338 8.19 -19.55 -45.80
N ASP A 339 8.59 -20.55 -45.04
CA ASP A 339 7.64 -21.57 -44.60
C ASP A 339 7.99 -22.09 -43.21
N LEU A 340 7.11 -21.87 -42.22
CA LEU A 340 7.42 -22.26 -40.84
C LEU A 340 7.72 -23.76 -40.68
N GLU A 341 7.01 -24.62 -41.41
CA GLU A 341 7.25 -26.06 -41.27
C GLU A 341 8.59 -26.47 -41.89
N LYS A 342 8.90 -25.95 -43.06
CA LYS A 342 10.15 -26.31 -43.72
C LYS A 342 11.37 -25.71 -43.05
N GLY A 343 11.20 -24.56 -42.38
CA GLY A 343 12.29 -23.88 -41.70
C GLY A 343 12.39 -24.32 -40.25
N PHE A 344 12.00 -23.44 -39.33
CA PHE A 344 12.13 -23.69 -37.90
C PHE A 344 11.64 -25.05 -37.41
N LEU A 345 10.43 -25.45 -37.77
CA LEU A 345 9.94 -26.73 -37.25
C LEU A 345 10.84 -27.91 -37.65
N THR A 346 11.33 -27.91 -38.87
CA THR A 346 12.22 -28.96 -39.33
C THR A 346 13.58 -28.93 -38.65
N VAL A 347 14.14 -27.74 -38.53
CA VAL A 347 15.46 -27.58 -37.94
C VAL A 347 15.45 -27.97 -36.45
N GLN A 348 14.44 -27.49 -35.71
CA GLN A 348 14.39 -27.81 -34.29
C GLN A 348 14.14 -29.32 -34.09
N LYS A 349 13.39 -29.92 -35.00
CA LYS A 349 13.18 -31.35 -34.88
C LYS A 349 14.52 -32.06 -34.98
N ARG A 350 15.38 -31.62 -35.91
CA ARG A 350 16.73 -32.15 -36.00
C ARG A 350 17.55 -31.89 -34.74
N LEU A 351 17.39 -30.70 -34.16
CA LEU A 351 18.13 -30.32 -32.96
C LEU A 351 17.71 -31.04 -31.67
N ASN A 352 16.49 -31.58 -31.61
CA ASN A 352 16.05 -32.29 -30.41
C ASN A 352 17.11 -33.30 -29.99
N GLY A 353 17.58 -33.20 -28.75
CA GLY A 353 18.51 -34.18 -28.23
C GLY A 353 19.97 -33.77 -28.44
N GLU A 354 20.21 -32.60 -29.02
CA GLU A 354 21.57 -32.13 -29.26
C GLU A 354 22.34 -31.98 -27.95
N ALA A 355 23.66 -31.99 -28.06
CA ALA A 355 24.51 -31.93 -26.87
C ALA A 355 24.30 -30.65 -26.05
N LEU A 356 23.95 -29.56 -26.73
CA LEU A 356 23.73 -28.28 -26.06
C LEU A 356 22.60 -28.27 -25.02
N GLU A 357 21.67 -29.22 -25.13
CA GLU A 357 20.42 -29.11 -24.39
C GLU A 357 20.53 -28.90 -22.89
N GLU A 358 21.43 -29.61 -22.24
CA GLU A 358 21.53 -29.50 -20.79
C GLU A 358 21.97 -28.11 -20.36
N TYR A 359 22.51 -27.34 -21.30
CA TYR A 359 22.99 -25.99 -20.99
C TYR A 359 21.97 -24.86 -21.23
N VAL A 360 20.85 -25.17 -21.89
CA VAL A 360 19.90 -24.13 -22.28
C VAL A 360 18.47 -24.49 -21.88
N LYS A 361 17.63 -23.48 -21.71
CA LYS A 361 16.28 -23.69 -21.24
C LYS A 361 15.32 -22.79 -22.00
N PRO A 362 14.63 -23.34 -23.02
CA PRO A 362 13.62 -22.56 -23.72
C PRO A 362 12.46 -22.34 -22.77
N ILE A 363 12.11 -21.08 -22.56
CA ILE A 363 11.04 -20.72 -21.62
C ILE A 363 9.93 -19.85 -22.22
N GLY A 364 10.05 -19.46 -23.48
CA GLY A 364 9.08 -18.55 -24.07
C GLY A 364 9.25 -18.32 -25.55
N GLY A 365 8.38 -17.46 -26.09
CA GLY A 365 8.41 -17.13 -27.51
C GLY A 365 7.10 -17.48 -28.19
N GLY A 366 7.14 -17.79 -29.47
CA GLY A 366 5.93 -18.19 -30.17
C GLY A 366 6.10 -18.09 -31.67
N TYR A 367 5.06 -18.46 -32.41
CA TYR A 367 5.12 -18.40 -33.86
C TYR A 367 4.22 -17.28 -34.34
N PHE A 368 4.71 -16.52 -35.30
CA PHE A 368 3.92 -15.42 -35.83
C PHE A 368 4.12 -15.33 -37.34
N PHE A 369 3.27 -14.54 -37.99
CA PHE A 369 3.52 -14.23 -39.38
C PHE A 369 3.77 -12.74 -39.56
N ALA A 370 4.98 -12.39 -40.00
CA ALA A 370 5.35 -10.99 -40.23
C ALA A 370 4.64 -10.52 -41.50
N LEU A 371 3.90 -9.43 -41.36
CA LEU A 371 3.05 -8.99 -42.46
C LEU A 371 3.85 -8.50 -43.64
N PRO A 372 3.22 -8.46 -44.82
CA PRO A 372 3.93 -7.81 -45.92
C PRO A 372 4.18 -6.33 -45.64
N GLY A 373 4.98 -5.69 -46.48
CA GLY A 373 5.22 -4.25 -46.37
C GLY A 373 4.02 -3.33 -46.55
N VAL A 374 4.16 -2.09 -46.10
CA VAL A 374 3.18 -1.05 -46.38
C VAL A 374 3.71 -0.17 -47.52
N LYS A 375 2.94 -0.06 -48.59
CA LYS A 375 3.44 0.57 -49.81
C LYS A 375 3.72 2.07 -49.69
N ASP A 376 2.80 2.81 -49.07
CA ASP A 376 2.97 4.24 -48.86
C ASP A 376 1.95 4.74 -47.84
N ALA A 377 1.92 6.06 -47.61
CA ALA A 377 1.08 6.65 -46.56
C ALA A 377 -0.42 6.41 -46.74
N ASN A 378 -0.83 6.04 -47.95
CA ASN A 378 -2.23 5.72 -48.21
C ASN A 378 -2.57 4.27 -47.91
N ASP A 379 -1.52 3.47 -47.69
CA ASP A 379 -1.68 2.07 -47.36
C ASP A 379 -1.47 1.91 -45.85
N TYR A 380 -1.78 0.73 -45.31
CA TYR A 380 -1.51 0.46 -43.90
C TYR A 380 -1.20 -1.02 -43.67
N LEU A 381 -0.45 -1.30 -42.61
CA LEU A 381 -0.14 -2.68 -42.25
C LEU A 381 -1.41 -3.50 -42.16
N GLY A 382 -1.39 -4.67 -42.79
CA GLY A 382 -2.50 -5.59 -42.73
C GLY A 382 -3.64 -5.31 -43.69
N SER A 383 -3.46 -4.35 -44.59
CA SER A 383 -4.55 -3.99 -45.51
C SER A 383 -5.07 -5.20 -46.31
N ALA A 384 -4.14 -5.95 -46.91
CA ALA A 384 -4.53 -7.14 -47.67
C ALA A 384 -5.19 -8.20 -46.77
N LEU A 385 -4.65 -8.36 -45.56
CA LEU A 385 -5.22 -9.28 -44.58
C LEU A 385 -6.68 -8.92 -44.27
N LEU A 386 -6.93 -7.62 -44.11
CA LEU A 386 -8.21 -7.18 -43.58
C LEU A 386 -9.28 -7.05 -44.65
N ARG A 387 -8.88 -7.10 -45.91
CA ARG A 387 -9.82 -6.93 -47.02
C ARG A 387 -10.20 -8.29 -47.61
N VAL B 13 36.97 3.99 -30.90
CA VAL B 13 37.62 5.02 -30.10
C VAL B 13 37.18 4.94 -28.63
N ALA B 14 35.87 4.84 -28.43
CA ALA B 14 35.29 4.83 -27.09
C ALA B 14 35.77 3.62 -26.28
N ARG B 15 35.92 2.48 -26.96
CA ARG B 15 36.45 1.26 -26.35
C ARG B 15 37.81 1.46 -25.67
N ASN B 16 38.60 2.43 -26.16
CA ASN B 16 39.96 2.61 -25.67
C ASN B 16 40.08 3.49 -24.44
N GLU B 17 38.99 4.18 -24.08
CA GLU B 17 38.95 5.07 -22.92
C GLU B 17 39.20 4.33 -21.61
N LYS B 18 39.99 4.94 -20.74
CA LYS B 18 40.31 4.38 -19.43
C LYS B 18 39.97 5.38 -18.33
N GLN B 19 39.45 4.88 -17.21
CA GLN B 19 39.38 5.64 -15.98
C GLN B 19 40.41 5.06 -15.02
N PRO B 20 41.15 5.93 -14.33
CA PRO B 20 42.12 5.49 -13.34
C PRO B 20 41.48 4.62 -12.25
N PHE B 21 42.11 3.48 -11.97
CA PHE B 21 41.64 2.63 -10.90
C PHE B 21 42.22 3.05 -9.56
N TYR B 22 43.53 3.31 -9.52
CA TYR B 22 44.21 3.72 -8.30
C TYR B 22 43.94 5.20 -7.97
N GLY B 23 43.93 5.53 -6.68
CA GLY B 23 43.67 6.89 -6.28
C GLY B 23 43.35 6.99 -4.80
N GLU B 24 43.22 8.22 -4.32
CA GLU B 24 42.83 8.48 -2.95
C GLU B 24 41.41 7.95 -2.73
N HIS B 25 40.59 8.06 -3.77
CA HIS B 25 39.22 7.57 -3.70
C HIS B 25 39.05 6.47 -4.75
N GLN B 26 38.04 5.63 -4.57
CA GLN B 26 37.64 4.73 -5.64
C GLN B 26 37.05 5.52 -6.80
N ALA B 27 37.22 5.02 -8.02
CA ALA B 27 36.51 5.53 -9.17
C ALA B 27 35.03 5.17 -9.07
N GLY B 28 34.24 5.73 -9.98
CA GLY B 28 32.82 5.43 -10.08
C GLY B 28 31.93 6.22 -9.13
N ILE B 29 32.53 7.16 -8.41
CA ILE B 29 31.76 8.01 -7.50
C ILE B 29 31.64 9.43 -8.05
N LEU B 30 32.78 10.07 -8.27
CA LEU B 30 32.84 11.37 -8.92
C LEU B 30 32.90 11.21 -10.42
N THR B 31 33.29 10.04 -10.88
CA THR B 31 33.39 9.78 -12.32
C THR B 31 32.11 10.14 -13.05
N PRO B 32 32.22 10.90 -14.16
CA PRO B 32 31.01 11.16 -14.93
C PRO B 32 30.33 9.86 -15.38
N GLN B 33 29.00 9.85 -15.37
CA GLN B 33 28.24 8.64 -15.64
C GLN B 33 28.47 8.06 -17.02
N GLN B 34 28.96 6.81 -17.06
CA GLN B 34 29.01 6.02 -18.29
C GLN B 34 27.60 5.56 -18.68
N ALA B 35 27.44 5.08 -19.91
CA ALA B 35 26.13 4.68 -20.43
C ALA B 35 25.52 3.41 -19.83
N ALA B 36 26.36 2.47 -19.36
CA ALA B 36 25.86 1.18 -18.93
C ALA B 36 26.34 0.91 -17.52
N LEU B 39 24.44 -3.05 -10.77
CA LEU B 39 24.63 -3.18 -9.34
C LEU B 39 24.56 -4.67 -9.11
N VAL B 40 25.55 -5.23 -8.44
CA VAL B 40 25.48 -6.64 -8.10
C VAL B 40 25.92 -6.82 -6.66
N ALA B 41 25.00 -7.31 -5.83
CA ALA B 41 25.29 -7.59 -4.42
C ALA B 41 25.69 -9.04 -4.25
N PHE B 42 26.65 -9.30 -3.36
CA PHE B 42 27.10 -10.66 -3.09
C PHE B 42 26.98 -11.00 -1.60
N ASP B 43 26.74 -12.28 -1.34
CA ASP B 43 27.02 -12.87 -0.04
C ASP B 43 28.52 -13.26 -0.02
N VAL B 44 29.23 -12.94 1.05
CA VAL B 44 30.61 -13.39 1.16
C VAL B 44 30.68 -14.78 1.78
N LEU B 45 31.40 -15.67 1.11
CA LEU B 45 31.49 -17.08 1.53
C LEU B 45 32.73 -17.36 2.37
N ALA B 46 33.63 -16.40 2.45
CA ALA B 46 34.82 -16.51 3.29
C ALA B 46 34.42 -16.84 4.73
N SER B 47 35.19 -17.72 5.38
CA SER B 47 34.89 -18.12 6.75
C SER B 47 35.73 -17.36 7.77
N ASP B 48 36.94 -17.00 7.35
CA ASP B 48 37.90 -16.31 8.20
C ASP B 48 37.99 -14.86 7.80
N LYS B 49 38.62 -14.05 8.65
CA LYS B 49 39.13 -12.77 8.21
C LYS B 49 40.29 -12.99 7.23
N ALA B 50 40.99 -14.10 7.39
CA ALA B 50 42.11 -14.41 6.50
C ALA B 50 41.59 -14.62 5.09
N ASP B 51 40.49 -15.37 4.99
CA ASP B 51 39.80 -15.58 3.72
C ASP B 51 39.20 -14.28 3.18
N LEU B 52 38.69 -13.44 4.07
CA LEU B 52 38.16 -12.15 3.66
C LEU B 52 39.25 -11.33 2.98
N GLU B 53 40.42 -11.27 3.60
CA GLU B 53 41.54 -10.53 3.03
C GLU B 53 41.98 -11.13 1.69
N ARG B 54 41.89 -12.44 1.56
CA ARG B 54 42.26 -13.09 0.30
C ARG B 54 41.31 -12.66 -0.82
N LEU B 55 40.04 -12.57 -0.50
CA LEU B 55 39.02 -12.09 -1.43
C LEU B 55 39.28 -10.63 -1.84
N PHE B 56 39.53 -9.79 -0.85
CA PHE B 56 39.73 -8.38 -1.17
C PHE B 56 40.96 -8.17 -2.04
N ARG B 57 42.02 -8.92 -1.78
CA ARG B 57 43.22 -8.80 -2.61
C ARG B 57 42.92 -9.29 -4.01
N LEU B 58 42.20 -10.39 -4.09
CA LEU B 58 41.79 -10.96 -5.37
C LEU B 58 40.93 -9.97 -6.21
N LEU B 59 39.89 -9.43 -5.59
CA LEU B 59 39.07 -8.41 -6.24
C LEU B 59 39.90 -7.22 -6.73
N THR B 60 40.86 -6.77 -5.92
CA THR B 60 41.67 -5.62 -6.33
C THR B 60 42.41 -5.98 -7.62
N GLN B 61 42.98 -7.18 -7.65
CA GLN B 61 43.68 -7.65 -8.84
C GLN B 61 42.77 -7.73 -10.08
N ARG B 62 41.57 -8.24 -9.91
CA ARG B 62 40.68 -8.35 -11.07
C ARG B 62 40.29 -6.94 -11.55
N PHE B 63 39.97 -6.06 -10.60
CA PHE B 63 39.55 -4.71 -10.96
C PHE B 63 40.67 -3.94 -11.67
N ALA B 64 41.89 -4.04 -11.15
CA ALA B 64 43.03 -3.37 -11.78
C ALA B 64 43.19 -3.81 -13.22
N PHE B 65 43.07 -5.11 -13.46
CA PHE B 65 43.21 -5.62 -14.81
C PHE B 65 42.07 -5.17 -15.72
N LEU B 66 40.84 -5.42 -15.28
CA LEU B 66 39.68 -5.17 -16.12
C LEU B 66 39.56 -3.70 -16.49
N THR B 67 39.82 -2.80 -15.56
CA THR B 67 39.64 -1.37 -15.81
C THR B 67 40.66 -0.80 -16.79
N GLN B 68 41.85 -1.39 -16.81
CA GLN B 68 42.89 -0.88 -17.71
C GLN B 68 42.96 -1.68 -19.03
N GLY B 69 42.33 -2.85 -19.04
CA GLY B 69 42.22 -3.63 -20.25
C GLY B 69 43.50 -4.37 -20.60
N GLY B 70 43.41 -5.25 -21.60
CA GLY B 70 44.54 -6.05 -22.02
C GLY B 70 44.06 -7.29 -22.75
N ALA B 71 45.01 -8.08 -23.24
CA ALA B 71 44.68 -9.32 -23.95
C ALA B 71 43.90 -10.25 -23.05
N ALA B 72 42.91 -10.93 -23.59
CA ALA B 72 42.16 -11.88 -22.78
C ALA B 72 43.12 -13.03 -22.45
N PRO B 73 43.04 -13.55 -21.23
CA PRO B 73 43.98 -14.62 -20.87
C PRO B 73 43.66 -15.84 -21.69
N GLU B 74 44.69 -16.56 -22.13
CA GLU B 74 44.45 -17.73 -22.96
C GLU B 74 44.30 -18.99 -22.12
N THR B 75 43.69 -20.01 -22.73
CA THR B 75 43.54 -21.32 -22.11
C THR B 75 44.62 -22.21 -22.69
N PRO B 76 45.56 -22.70 -21.84
CA PRO B 76 46.75 -23.42 -22.32
C PRO B 76 46.49 -24.87 -22.76
N ASN B 77 45.36 -25.43 -22.33
CA ASN B 77 45.02 -26.81 -22.64
C ASN B 77 43.51 -26.88 -22.65
N PRO B 78 42.91 -27.33 -23.76
CA PRO B 78 41.45 -27.30 -23.90
C PRO B 78 40.69 -28.21 -22.90
N ARG B 79 41.40 -29.08 -22.18
CA ARG B 79 40.75 -29.82 -21.10
C ARG B 79 40.37 -28.90 -19.93
N LEU B 80 40.93 -27.69 -19.90
CA LEU B 80 40.60 -26.71 -18.87
C LEU B 80 39.40 -25.83 -19.29
N PRO B 81 38.54 -25.47 -18.33
CA PRO B 81 37.50 -24.47 -18.61
C PRO B 81 38.18 -23.21 -19.14
N PRO B 82 37.55 -22.51 -20.10
CA PRO B 82 38.18 -21.28 -20.60
C PRO B 82 38.55 -20.32 -19.46
N LEU B 83 39.74 -19.74 -19.55
CA LEU B 83 40.20 -18.77 -18.56
C LEU B 83 39.46 -17.44 -18.63
N ASP B 84 38.80 -17.19 -19.77
CA ASP B 84 37.95 -16.02 -19.93
C ASP B 84 36.65 -16.49 -20.60
N SER B 85 35.56 -15.78 -20.33
CA SER B 85 34.25 -16.11 -20.95
C SER B 85 34.26 -15.99 -22.47
N GLY B 86 35.12 -15.13 -23.00
CA GLY B 86 35.23 -14.94 -24.44
C GLY B 86 34.18 -14.01 -25.06
N ILE B 87 33.32 -13.44 -24.23
CA ILE B 87 32.21 -12.65 -24.79
C ILE B 87 32.67 -11.32 -25.39
N LEU B 88 33.92 -10.92 -25.14
CA LEU B 88 34.45 -9.72 -25.79
C LEU B 88 35.40 -10.06 -26.95
N GLY B 89 35.68 -11.34 -27.15
CA GLY B 89 36.67 -11.69 -28.14
C GLY B 89 38.04 -11.79 -27.49
N GLY B 90 39.09 -11.58 -28.29
CA GLY B 90 40.47 -11.77 -27.85
C GLY B 90 41.10 -10.62 -27.07
N TYR B 91 40.47 -9.44 -27.10
CA TYR B 91 40.99 -8.30 -26.36
C TYR B 91 39.95 -7.71 -25.41
N ILE B 92 40.33 -7.52 -24.15
CA ILE B 92 39.47 -6.91 -23.14
C ILE B 92 39.72 -5.40 -23.10
N ALA B 93 38.94 -4.64 -23.85
CA ALA B 93 39.09 -3.18 -23.86
C ALA B 93 38.56 -2.60 -22.55
N PRO B 94 39.20 -1.52 -22.05
CA PRO B 94 38.79 -0.86 -20.79
C PRO B 94 37.39 -0.28 -20.93
N ASP B 95 37.11 0.37 -22.06
CA ASP B 95 35.76 0.84 -22.37
C ASP B 95 35.20 1.68 -21.22
N ASN B 96 36.09 2.42 -20.57
CA ASN B 96 35.68 3.39 -19.57
C ASN B 96 35.14 2.73 -18.28
N LEU B 97 35.46 1.45 -18.10
CA LEU B 97 35.02 0.68 -16.95
C LEU B 97 35.47 1.27 -15.62
N THR B 98 34.54 1.36 -14.67
CA THR B 98 34.90 1.58 -13.27
C THR B 98 34.18 0.54 -12.42
N ILE B 99 34.82 0.12 -11.34
CA ILE B 99 34.21 -0.85 -10.44
C ILE B 99 34.38 -0.34 -9.02
N THR B 100 33.28 -0.12 -8.35
CA THR B 100 33.27 0.48 -7.03
C THR B 100 32.79 -0.54 -6.02
N LEU B 101 33.60 -0.79 -4.99
CA LEU B 101 33.28 -1.81 -3.99
C LEU B 101 32.81 -1.16 -2.68
N SER B 102 31.70 -1.67 -2.14
CA SER B 102 31.17 -1.20 -0.88
C SER B 102 30.75 -2.38 0.00
N VAL B 103 30.73 -2.17 1.31
CA VAL B 103 30.47 -3.23 2.28
C VAL B 103 29.19 -2.98 3.06
N GLY B 104 28.42 -4.04 3.26
CA GLY B 104 27.16 -3.91 3.96
C GLY B 104 27.31 -4.09 5.46
N HIS B 105 26.27 -3.73 6.19
CA HIS B 105 26.24 -3.91 7.63
C HIS B 105 26.59 -5.35 8.04
N SER B 106 26.08 -6.33 7.30
CA SER B 106 26.30 -7.73 7.67
C SER B 106 27.78 -8.15 7.65
N LEU B 107 28.63 -7.41 6.95
CA LEU B 107 30.04 -7.79 6.90
C LEU B 107 30.67 -7.59 8.29
N PHE B 108 29.99 -6.85 9.14
CA PHE B 108 30.53 -6.46 10.42
C PHE B 108 30.01 -7.34 11.55
N ASP B 109 29.49 -8.50 11.20
CA ASP B 109 28.95 -9.42 12.19
C ASP B 109 30.09 -10.23 12.81
N GLU B 110 29.77 -11.41 13.32
CA GLU B 110 30.74 -12.19 14.09
C GLU B 110 31.78 -12.95 13.24
N ARG B 111 31.62 -12.97 11.92
CA ARG B 111 32.48 -13.83 11.10
C ARG B 111 33.92 -13.36 10.99
N PHE B 112 34.13 -12.05 10.91
CA PHE B 112 35.45 -11.53 10.59
C PHE B 112 35.97 -10.58 11.65
N GLY B 113 35.27 -10.55 12.79
CA GLY B 113 35.62 -9.68 13.90
C GLY B 113 35.79 -8.22 13.52
N LEU B 114 34.91 -7.73 12.65
CA LEU B 114 35.00 -6.34 12.21
C LEU B 114 34.05 -5.42 12.95
N ALA B 115 33.27 -5.99 13.88
CA ALA B 115 32.30 -5.22 14.66
C ALA B 115 32.84 -3.90 15.22
N PRO B 116 34.03 -3.92 15.83
CA PRO B 116 34.59 -2.67 16.38
C PRO B 116 34.91 -1.63 15.32
N GLN B 117 35.00 -2.06 14.05
CA GLN B 117 35.46 -1.21 12.96
C GLN B 117 34.30 -0.57 12.20
N PRO B 119 31.40 1.52 10.51
CA PRO B 119 31.10 2.94 10.42
C PRO B 119 29.91 3.28 11.31
N LYS B 120 29.98 4.41 12.01
CA LYS B 120 29.00 4.71 13.06
C LYS B 120 27.55 4.68 12.57
N LYS B 121 27.33 5.12 11.33
CA LYS B 121 25.95 5.23 10.81
C LYS B 121 25.51 4.02 9.98
N LEU B 122 26.39 3.04 9.78
CA LEU B 122 26.04 1.91 8.95
C LEU B 122 25.02 1.01 9.64
N GLN B 123 24.04 0.57 8.88
CA GLN B 123 22.92 -0.17 9.45
C GLN B 123 22.24 -0.97 8.36
N LYS B 124 21.44 -1.94 8.77
CA LYS B 124 20.62 -2.68 7.83
C LYS B 124 19.44 -1.80 7.42
N THR B 126 15.87 -0.71 6.60
CA THR B 126 14.54 -1.13 7.02
C THR B 126 13.53 -0.33 6.23
N ARG B 127 12.33 -0.88 6.09
CA ARG B 127 11.37 -0.31 5.16
C ARG B 127 10.89 1.09 5.52
N PHE B 128 10.71 1.91 4.48
CA PHE B 128 9.98 3.15 4.61
C PHE B 128 8.51 2.89 4.28
N PRO B 129 7.62 3.83 4.61
CA PRO B 129 6.17 3.57 4.52
C PRO B 129 5.67 3.12 3.15
N ASN B 130 6.22 3.67 2.06
CA ASN B 130 5.76 3.37 0.70
C ASN B 130 6.49 2.17 0.05
N ASP B 131 7.33 1.47 0.79
CA ASP B 131 8.15 0.37 0.26
C ASP B 131 7.36 -0.92 0.11
N SER B 132 7.66 -1.69 -0.94
CA SER B 132 7.25 -3.11 -1.02
C SER B 132 8.51 -3.93 -1.23
N LEU B 133 9.30 -4.10 -0.18
CA LEU B 133 10.62 -4.68 -0.36
C LEU B 133 10.53 -6.16 -0.67
N ASP B 134 11.25 -6.57 -1.71
CA ASP B 134 11.41 -7.97 -2.04
C ASP B 134 12.68 -8.42 -1.33
N ALA B 135 12.55 -9.38 -0.40
CA ALA B 135 13.72 -9.86 0.35
C ALA B 135 14.89 -10.22 -0.54
N ALA B 136 14.59 -10.81 -1.69
CA ALA B 136 15.63 -11.32 -2.58
C ALA B 136 16.43 -10.18 -3.26
N LEU B 137 15.93 -8.95 -3.15
CA LEU B 137 16.56 -7.80 -3.79
C LEU B 137 17.12 -6.81 -2.76
N CYS B 138 17.35 -7.29 -1.54
CA CYS B 138 17.83 -6.44 -0.46
C CYS B 138 19.14 -6.89 0.15
N HIS B 139 19.93 -5.89 0.56
CA HIS B 139 21.10 -6.07 1.41
C HIS B 139 22.24 -6.75 0.67
N GLY B 140 23.13 -7.38 1.44
CA GLY B 140 24.30 -8.05 0.90
C GLY B 140 25.55 -7.68 1.70
N ASP B 141 26.50 -8.62 1.77
CA ASP B 141 27.77 -8.41 2.47
C ASP B 141 28.63 -7.37 1.73
N VAL B 142 28.60 -7.46 0.40
CA VAL B 142 29.31 -6.53 -0.46
C VAL B 142 28.47 -6.19 -1.68
N LEU B 143 28.71 -5.02 -2.23
CA LEU B 143 28.04 -4.60 -3.44
C LEU B 143 29.11 -4.07 -4.40
N LEU B 144 29.02 -4.47 -5.67
CA LEU B 144 29.83 -3.90 -6.74
C LEU B 144 28.96 -3.03 -7.65
N GLN B 145 29.42 -1.81 -7.91
CA GLN B 145 28.80 -0.94 -8.91
C GLN B 145 29.75 -0.97 -10.09
N ILE B 146 29.31 -1.54 -11.19
CA ILE B 146 30.16 -1.78 -12.33
C ILE B 146 29.62 -0.96 -13.49
N CYS B 147 30.40 0.01 -13.96
CA CYS B 147 29.93 0.95 -15.00
C CYS B 147 30.93 1.00 -16.15
N ALA B 148 30.44 1.12 -17.37
CA ALA B 148 31.29 1.16 -18.57
C ALA B 148 30.49 1.76 -19.74
N ASN B 149 31.17 2.04 -20.85
CA ASN B 149 30.48 2.58 -22.02
C ASN B 149 29.41 1.62 -22.53
N THR B 150 29.64 0.32 -22.38
CA THR B 150 28.75 -0.68 -22.96
C THR B 150 28.44 -1.84 -22.02
N GLN B 151 27.26 -2.42 -22.21
CA GLN B 151 26.78 -3.55 -21.41
C GLN B 151 27.70 -4.78 -21.51
N ASP B 152 28.32 -4.99 -22.67
CA ASP B 152 29.15 -6.19 -22.85
C ASP B 152 30.33 -6.13 -21.89
N THR B 153 30.88 -4.93 -21.74
CA THR B 153 32.03 -4.75 -20.85
C THR B 153 31.65 -5.06 -19.40
N VAL B 154 30.48 -4.60 -19.02
CA VAL B 154 30.00 -4.78 -17.65
C VAL B 154 29.76 -6.28 -17.34
N ILE B 155 29.04 -6.96 -18.22
CA ILE B 155 28.77 -8.41 -18.05
C ILE B 155 30.05 -9.23 -18.06
N HIS B 156 30.97 -8.86 -18.94
CA HIS B 156 32.27 -9.52 -18.99
C HIS B 156 32.99 -9.39 -17.67
N ALA B 157 32.98 -8.19 -17.10
CA ALA B 157 33.63 -7.97 -15.81
C ALA B 157 33.01 -8.88 -14.74
N LEU B 158 31.69 -8.85 -14.65
CA LEU B 158 30.99 -9.73 -13.70
C LEU B 158 31.42 -11.22 -13.85
N ARG B 159 31.43 -11.73 -15.07
CA ARG B 159 31.73 -13.15 -15.30
C ARG B 159 33.17 -13.45 -14.86
N ASP B 160 34.07 -12.49 -15.11
CA ASP B 160 35.47 -12.65 -14.70
C ASP B 160 35.58 -12.71 -13.19
N ILE B 161 34.95 -11.76 -12.52
CA ILE B 161 34.89 -11.74 -11.06
C ILE B 161 34.36 -13.07 -10.48
N ILE B 162 33.23 -13.52 -11.02
CA ILE B 162 32.62 -14.78 -10.60
C ILE B 162 33.56 -15.98 -10.81
N LYS B 163 34.20 -15.99 -11.97
CA LYS B 163 35.12 -17.07 -12.33
C LYS B 163 36.23 -17.18 -11.31
N HIS B 164 36.68 -16.05 -10.79
CA HIS B 164 37.79 -16.07 -9.86
C HIS B 164 37.40 -16.23 -8.38
N THR B 165 36.12 -16.33 -8.07
CA THR B 165 35.71 -16.32 -6.66
C THR B 165 34.72 -17.43 -6.27
N PRO B 166 34.82 -18.60 -6.93
CA PRO B 166 33.77 -19.61 -6.77
C PRO B 166 33.57 -19.99 -5.30
N ASP B 167 34.64 -19.88 -4.53
CA ASP B 167 34.68 -20.31 -3.13
C ASP B 167 34.46 -19.14 -2.18
N LEU B 168 34.22 -17.96 -2.72
CA LEU B 168 34.30 -16.74 -1.92
C LEU B 168 33.11 -15.80 -2.10
N LEU B 169 32.47 -15.85 -3.25
CA LEU B 169 31.33 -14.98 -3.52
C LEU B 169 30.14 -15.77 -4.06
N SER B 170 28.95 -15.35 -3.63
CA SER B 170 27.71 -15.85 -4.16
C SER B 170 26.82 -14.66 -4.55
N VAL B 171 26.33 -14.63 -5.79
CA VAL B 171 25.49 -13.52 -6.22
C VAL B 171 24.17 -13.51 -5.47
N ARG B 172 23.83 -12.37 -4.87
CA ARG B 172 22.63 -12.27 -4.07
C ARG B 172 21.51 -11.62 -4.86
N TRP B 173 21.81 -10.49 -5.48
CA TRP B 173 20.88 -9.83 -6.40
C TRP B 173 21.67 -9.00 -7.42
N LYS B 174 21.05 -8.74 -8.56
CA LYS B 174 21.71 -8.04 -9.66
C LYS B 174 20.70 -7.25 -10.46
N ARG B 175 21.05 -6.02 -10.79
CA ARG B 175 20.23 -5.28 -11.75
C ARG B 175 21.10 -4.39 -12.63
N GLU B 176 20.76 -4.33 -13.91
CA GLU B 176 21.51 -3.53 -14.86
C GLU B 176 20.72 -2.29 -15.25
N GLY B 177 21.43 -1.22 -15.57
CA GLY B 177 20.76 0.03 -15.90
C GLY B 177 21.48 0.80 -16.98
N PHE B 178 20.93 1.95 -17.35
CA PHE B 178 21.48 2.74 -18.45
C PHE B 178 21.13 4.20 -18.25
N ILE B 179 21.94 5.07 -18.85
CA ILE B 179 21.45 6.41 -19.16
C ILE B 179 21.55 6.56 -20.67
N SER B 180 21.00 7.62 -21.23
CA SER B 180 20.99 7.78 -22.68
C SER B 180 22.41 7.88 -23.23
N ASP B 181 22.59 7.43 -24.46
CA ASP B 181 23.92 7.43 -25.08
C ASP B 181 24.51 8.84 -25.19
N HIS B 182 23.69 9.81 -25.55
CA HIS B 182 24.19 11.16 -25.79
C HIS B 182 24.44 11.95 -24.50
N ALA B 183 23.50 11.87 -23.56
CA ALA B 183 23.76 12.41 -22.24
C ALA B 183 25.03 11.78 -21.71
N ALA B 184 25.17 10.46 -21.88
CA ALA B 184 26.36 9.75 -21.43
C ALA B 184 27.62 10.28 -22.12
N ARG B 185 27.49 10.64 -23.39
CA ARG B 185 28.63 11.07 -24.19
C ARG B 185 29.13 12.48 -23.83
N SER B 186 28.23 13.36 -23.41
CA SER B 186 28.59 14.71 -23.02
C SER B 186 29.38 14.69 -21.70
N LYS B 187 29.54 13.48 -21.14
CA LYS B 187 30.32 13.27 -19.93
C LYS B 187 30.00 14.24 -18.79
N GLY B 188 28.74 14.24 -18.35
CA GLY B 188 28.31 15.11 -17.27
C GLY B 188 27.76 16.48 -17.69
N LYS B 189 27.93 16.83 -18.96
CA LYS B 189 27.54 18.17 -19.44
C LYS B 189 26.02 18.32 -19.70
N GLU B 190 25.36 17.22 -20.04
CA GLU B 190 23.93 17.24 -20.31
C GLU B 190 23.20 16.25 -19.40
N THR B 191 22.13 16.71 -18.74
CA THR B 191 21.47 15.93 -17.69
C THR B 191 20.68 14.78 -18.29
N PRO B 192 20.89 13.57 -17.78
CA PRO B 192 20.13 12.39 -18.22
C PRO B 192 18.64 12.60 -17.93
N ILE B 193 17.78 12.08 -18.80
CA ILE B 193 16.34 12.14 -18.59
C ILE B 193 15.88 10.79 -18.07
N ASN B 194 15.13 10.77 -16.96
CA ASN B 194 14.71 9.50 -16.41
C ASN B 194 13.47 8.98 -17.16
N LEU B 195 13.00 7.80 -16.77
CA LEU B 195 11.92 7.14 -17.51
C LEU B 195 10.54 7.70 -17.20
N LEU B 196 10.47 8.70 -16.31
CA LEU B 196 9.25 9.52 -16.17
C LEU B 196 9.34 10.76 -17.07
N GLY B 197 10.45 10.91 -17.77
CA GLY B 197 10.61 11.99 -18.73
C GLY B 197 11.10 13.29 -18.14
N PHE B 198 11.63 13.24 -16.92
CA PHE B 198 12.18 14.43 -16.28
C PHE B 198 13.70 14.35 -16.27
N LYS B 199 14.34 15.48 -16.52
CA LYS B 199 15.79 15.61 -16.30
C LYS B 199 16.10 15.24 -14.87
N ASP B 200 17.15 14.47 -14.68
CA ASP B 200 17.43 13.87 -13.38
C ASP B 200 18.93 13.99 -13.08
N GLY B 201 19.29 14.88 -12.17
CA GLY B 201 20.70 15.15 -11.85
C GLY B 201 21.00 16.64 -11.72
N THR B 202 20.10 17.47 -12.23
CA THR B 202 20.25 18.91 -12.25
C THR B 202 20.90 19.52 -11.00
N ALA B 203 20.29 19.30 -9.83
CA ALA B 203 20.75 19.99 -8.60
C ALA B 203 21.89 19.30 -7.84
N ASN B 204 22.51 18.27 -8.41
CA ASN B 204 23.63 17.60 -7.75
C ASN B 204 24.69 18.64 -7.36
N PRO B 205 25.32 18.47 -6.18
CA PRO B 205 26.47 19.33 -5.89
C PRO B 205 27.54 19.09 -6.94
N ASP B 206 28.46 20.04 -7.08
CA ASP B 206 29.48 20.00 -8.12
C ASP B 206 30.61 19.03 -7.76
N SER B 207 30.65 17.90 -8.44
CA SER B 207 31.59 16.82 -8.14
C SER B 207 33.04 17.19 -8.46
N GLN B 208 33.24 18.30 -9.20
CA GLN B 208 34.57 18.78 -9.54
C GLN B 208 35.11 19.76 -8.51
N ASN B 209 34.23 20.17 -7.59
CA ASN B 209 34.59 21.05 -6.49
C ASN B 209 35.15 20.21 -5.35
N ASP B 210 36.46 20.28 -5.13
CA ASP B 210 37.10 19.40 -4.16
C ASP B 210 36.69 19.70 -2.73
N LYS B 211 36.70 20.97 -2.35
CA LYS B 211 36.31 21.36 -1.00
C LYS B 211 34.85 20.99 -0.74
N LEU B 212 34.01 21.15 -1.75
CA LEU B 212 32.60 20.77 -1.61
C LEU B 212 32.44 19.25 -1.45
N GLN B 214 34.69 17.17 -0.26
CA GLN B 214 35.22 16.81 1.05
CA GLN B 214 35.22 16.82 1.06
C GLN B 214 34.18 17.03 2.14
N LYS B 215 33.31 18.01 1.92
CA LYS B 215 32.26 18.33 2.88
C LYS B 215 31.07 17.39 2.69
N VAL B 216 30.62 17.23 1.45
CA VAL B 216 29.38 16.51 1.15
C VAL B 216 29.54 14.98 1.09
N VAL B 217 30.54 14.51 0.35
CA VAL B 217 30.62 13.11 -0.04
C VAL B 217 31.61 12.29 0.77
N TRP B 218 32.82 12.80 0.94
CA TRP B 218 33.89 12.00 1.58
C TRP B 218 33.87 12.05 3.09
N VAL B 219 34.16 10.93 3.72
CA VAL B 219 34.31 10.91 5.16
C VAL B 219 35.64 11.57 5.52
N THR B 220 35.59 12.52 6.44
CA THR B 220 36.80 13.25 6.83
C THR B 220 37.14 13.06 8.31
N ALA B 221 38.41 13.27 8.65
CA ALA B 221 38.94 13.03 9.99
C ALA B 221 38.05 13.56 11.13
N ASP B 222 37.43 14.71 10.91
CA ASP B 222 36.59 15.35 11.92
C ASP B 222 35.38 14.53 12.33
N GLN B 223 34.87 13.70 11.44
CA GLN B 223 33.69 12.92 11.77
C GLN B 223 34.03 11.91 12.86
N GLN B 224 33.04 11.51 13.62
CA GLN B 224 33.27 10.59 14.72
C GLN B 224 33.29 9.15 14.20
N GLU B 225 34.23 8.88 13.29
CA GLU B 225 34.29 7.60 12.55
C GLU B 225 35.63 6.90 12.75
N PRO B 226 35.63 5.56 12.68
CA PRO B 226 36.87 4.79 12.63
C PRO B 226 37.81 5.34 11.55
N ALA B 227 39.10 5.44 11.88
CA ALA B 227 40.08 6.05 10.98
C ALA B 227 40.14 5.44 9.58
N TRP B 228 39.80 4.16 9.46
CA TRP B 228 39.88 3.49 8.16
C TRP B 228 38.90 4.03 7.13
N THR B 229 37.78 4.57 7.60
CA THR B 229 36.72 5.06 6.71
C THR B 229 37.13 6.31 5.96
N ILE B 230 38.16 7.01 6.43
CA ILE B 230 38.55 8.27 5.81
C ILE B 230 38.74 8.10 4.30
N GLY B 231 38.12 8.97 3.50
CA GLY B 231 38.24 8.87 2.06
C GLY B 231 37.22 7.94 1.42
N GLY B 232 36.48 7.20 2.26
CA GLY B 232 35.34 6.41 1.81
C GLY B 232 34.09 7.28 1.78
N SER B 233 32.93 6.66 1.53
CA SER B 233 31.68 7.40 1.45
C SER B 233 30.52 6.47 1.72
N TYR B 234 29.51 6.95 2.43
CA TYR B 234 28.33 6.14 2.66
C TYR B 234 27.51 6.07 1.37
N GLN B 235 26.99 4.89 1.08
CA GLN B 235 26.28 4.64 -0.18
C GLN B 235 24.89 4.08 0.12
N ALA B 236 23.85 4.74 -0.38
CA ALA B 236 22.50 4.20 -0.29
C ALA B 236 21.99 3.82 -1.68
N VAL B 237 21.45 2.61 -1.78
CA VAL B 237 20.96 2.11 -3.07
C VAL B 237 19.47 1.79 -2.93
N ARG B 238 18.66 2.24 -3.88
CA ARG B 238 17.23 1.94 -3.84
C ARG B 238 16.78 1.52 -5.23
N LEU B 239 16.18 0.34 -5.32
CA LEU B 239 15.62 -0.17 -6.56
C LEU B 239 14.17 0.26 -6.56
N ILE B 240 13.81 1.12 -7.51
CA ILE B 240 12.53 1.76 -7.44
C ILE B 240 11.76 1.57 -8.73
N GLN B 241 10.58 1.00 -8.62
CA GLN B 241 9.77 0.67 -9.78
C GLN B 241 8.78 1.80 -10.08
N PHE B 242 8.57 2.11 -11.36
CA PHE B 242 7.65 3.19 -11.75
C PHE B 242 6.34 2.60 -12.26
N ARG B 243 5.22 3.27 -11.97
CA ARG B 243 3.95 2.91 -12.57
C ARG B 243 3.84 3.72 -13.86
N VAL B 244 4.56 3.25 -14.85
CA VAL B 244 4.84 4.02 -16.05
C VAL B 244 3.59 4.36 -16.88
N GLU B 245 2.71 3.39 -17.06
CA GLU B 245 1.53 3.62 -17.89
C GLU B 245 0.60 4.60 -17.21
N PHE B 246 0.41 4.43 -15.91
CA PHE B 246 -0.44 5.30 -15.10
C PHE B 246 0.13 6.73 -15.11
N TRP B 247 1.44 6.85 -14.93
CA TRP B 247 2.10 8.15 -15.04
C TRP B 247 1.82 8.79 -16.39
N ASP B 248 2.01 8.03 -17.46
CA ASP B 248 1.80 8.58 -18.81
C ASP B 248 0.38 9.08 -19.08
N ARG B 249 -0.61 8.64 -18.31
CA ARG B 249 -1.93 9.23 -18.49
C ARG B 249 -2.28 10.23 -17.38
N THR B 250 -1.25 10.79 -16.78
CA THR B 250 -1.43 11.79 -15.74
C THR B 250 -1.16 13.14 -16.35
N PRO B 251 -2.04 14.12 -16.07
CA PRO B 251 -1.87 15.44 -16.70
C PRO B 251 -0.48 16.03 -16.48
N LEU B 252 0.03 16.73 -17.49
CA LEU B 252 1.35 17.32 -17.40
C LEU B 252 1.45 18.29 -16.24
N LYS B 253 0.40 19.06 -16.03
CA LYS B 253 0.36 20.00 -14.91
C LYS B 253 0.62 19.25 -13.60
N GLU B 254 0.04 18.06 -13.49
CA GLU B 254 0.23 17.27 -12.28
C GLU B 254 1.64 16.70 -12.18
N GLN B 255 2.17 16.19 -13.28
CA GLN B 255 3.56 15.72 -13.28
C GLN B 255 4.51 16.82 -12.79
N GLN B 256 4.31 18.03 -13.30
CA GLN B 256 5.17 19.16 -12.92
C GLN B 256 5.00 19.57 -11.44
N THR B 257 3.77 19.57 -10.96
CA THR B 257 3.48 19.99 -9.58
C THR B 257 4.13 18.99 -8.64
N ILE B 258 4.09 17.72 -9.01
CA ILE B 258 4.77 16.71 -8.22
C ILE B 258 6.26 16.99 -8.05
N PHE B 259 6.97 17.30 -9.15
CA PHE B 259 8.41 17.52 -9.01
C PHE B 259 8.79 18.93 -8.55
N GLY B 260 8.10 19.93 -9.05
CA GLY B 260 8.47 21.30 -8.78
C GLY B 260 9.24 21.87 -9.96
N ARG B 261 9.32 21.11 -11.05
CA ARG B 261 10.06 21.57 -12.22
C ARG B 261 9.28 21.46 -13.51
N ASP B 262 9.64 22.31 -14.47
CA ASP B 262 9.12 22.27 -15.82
C ASP B 262 9.68 21.02 -16.51
N LYS B 263 8.81 20.19 -17.06
CA LYS B 263 9.27 18.94 -17.65
C LYS B 263 10.16 19.19 -18.87
N GLN B 264 9.72 20.08 -19.75
CA GLN B 264 10.48 20.33 -20.97
C GLN B 264 11.83 20.97 -20.71
N THR B 265 11.85 22.08 -19.97
CA THR B 265 13.09 22.81 -19.77
C THR B 265 13.90 22.33 -18.57
N GLY B 266 13.23 21.68 -17.62
CA GLY B 266 13.88 21.25 -16.39
C GLY B 266 14.13 22.34 -15.37
N ALA B 267 13.64 23.55 -15.66
CA ALA B 267 13.82 24.69 -14.74
C ALA B 267 12.87 24.59 -13.55
N PRO B 268 13.27 25.14 -12.40
CA PRO B 268 12.27 25.24 -11.33
C PRO B 268 11.03 25.93 -11.88
N LEU B 269 9.84 25.44 -11.55
CA LEU B 269 8.62 26.07 -12.02
C LEU B 269 8.69 27.57 -11.77
N GLY B 270 8.36 28.35 -12.81
CA GLY B 270 8.35 29.79 -12.68
C GLY B 270 9.67 30.45 -13.02
N GLN B 272 13.48 30.10 -15.64
CA GLN B 272 13.80 29.93 -17.06
C GLN B 272 14.75 28.78 -17.37
N HIS B 273 15.91 28.78 -16.72
CA HIS B 273 16.97 27.83 -17.06
C HIS B 273 16.89 26.59 -16.19
N GLU B 274 17.28 25.46 -16.77
CA GLU B 274 17.42 24.22 -16.01
C GLU B 274 18.12 24.44 -14.67
N HIS B 275 19.25 25.12 -14.68
CA HIS B 275 20.06 25.26 -13.48
C HIS B 275 19.81 26.47 -12.59
N ASP B 276 18.74 27.22 -12.86
CA ASP B 276 18.34 28.29 -11.97
C ASP B 276 18.09 27.73 -10.58
N VAL B 277 18.36 28.54 -9.56
CA VAL B 277 18.18 28.18 -8.17
C VAL B 277 16.86 28.76 -7.67
N PRO B 278 15.96 27.91 -7.16
CA PRO B 278 14.68 28.47 -6.68
C PRO B 278 14.86 29.38 -5.47
N ASP B 279 14.04 30.43 -5.38
CA ASP B 279 14.05 31.30 -4.21
C ASP B 279 12.88 30.94 -3.31
N TYR B 280 13.06 29.93 -2.46
CA TYR B 280 11.98 29.50 -1.59
C TYR B 280 11.60 30.57 -0.56
N ALA B 281 12.58 31.38 -0.16
CA ALA B 281 12.33 32.46 0.79
C ALA B 281 11.26 33.43 0.28
N SER B 282 11.24 33.66 -1.03
CA SER B 282 10.27 34.56 -1.64
C SER B 282 8.94 33.87 -1.98
N ASP B 283 8.81 32.61 -1.58
CA ASP B 283 7.58 31.86 -1.82
C ASP B 283 7.24 30.99 -0.62
N PRO B 284 7.11 31.62 0.55
CA PRO B 284 7.02 30.91 1.83
C PRO B 284 5.88 29.89 1.86
N GLU B 285 4.86 30.09 1.02
CA GLU B 285 3.64 29.30 1.10
C GLU B 285 3.52 28.21 0.04
N GLY B 286 4.47 28.16 -0.89
CA GLY B 286 4.49 27.11 -1.90
C GLY B 286 3.50 27.28 -3.04
N LYS B 287 3.26 28.53 -3.41
CA LYS B 287 2.34 28.78 -4.52
C LYS B 287 3.03 28.58 -5.87
N GLY B 288 4.35 28.78 -5.91
CA GLY B 288 5.12 28.49 -7.10
C GLY B 288 5.56 27.04 -7.16
N ILE B 289 6.39 26.65 -6.20
CA ILE B 289 6.84 25.27 -6.07
C ILE B 289 6.29 24.74 -4.75
N ALA B 290 5.45 23.73 -4.83
CA ALA B 290 4.69 23.23 -3.70
C ALA B 290 5.57 22.85 -2.49
N LEU B 291 5.04 23.05 -1.29
CA LEU B 291 5.80 22.72 -0.08
C LEU B 291 6.05 21.22 0.03
N ASP B 292 5.16 20.44 -0.57
CA ASP B 292 5.28 18.98 -0.60
C ASP B 292 5.67 18.47 -1.99
N SER B 293 6.24 19.34 -2.83
CA SER B 293 6.80 18.87 -4.09
C SER B 293 8.05 18.06 -3.80
N HIS B 294 8.42 17.16 -4.72
CA HIS B 294 9.64 16.37 -4.57
C HIS B 294 10.88 17.19 -4.22
N ILE B 295 11.22 18.19 -5.04
CA ILE B 295 12.50 18.87 -4.86
C ILE B 295 12.57 19.72 -3.59
N ARG B 296 11.45 20.30 -3.22
CA ARG B 296 11.37 21.19 -2.07
C ARG B 296 11.41 20.37 -0.78
N LEU B 297 10.81 19.19 -0.81
CA LEU B 297 10.95 18.29 0.33
C LEU B 297 12.38 17.76 0.40
N ALA B 298 12.94 17.39 -0.75
CA ALA B 298 14.26 16.80 -0.80
C ALA B 298 15.34 17.80 -0.36
N ASN B 299 15.22 19.05 -0.82
CA ASN B 299 16.18 20.10 -0.52
C ASN B 299 15.45 21.42 -0.24
N PRO B 300 15.24 21.73 1.04
CA PRO B 300 14.62 22.99 1.48
C PRO B 300 15.46 24.23 1.14
N ARG B 301 16.72 24.03 0.76
CA ARG B 301 17.60 25.15 0.41
C ARG B 301 17.65 26.21 1.50
N THR B 302 17.90 25.75 2.73
CA THR B 302 18.29 26.61 3.83
C THR B 302 19.73 26.26 4.18
N ALA B 303 20.47 27.22 4.72
CA ALA B 303 21.86 26.95 5.11
C ALA B 303 21.91 25.75 6.08
N GLU B 304 20.88 25.62 6.90
CA GLU B 304 20.79 24.51 7.85
C GLU B 304 20.71 23.13 7.19
N SER B 305 19.93 23.03 6.11
CA SER B 305 19.69 21.72 5.50
C SER B 305 20.86 21.24 4.63
N GLU B 306 21.89 22.08 4.51
CA GLU B 306 23.03 21.72 3.68
C GLU B 306 23.76 20.47 4.18
N SER B 307 23.54 20.12 5.44
CA SER B 307 24.11 18.89 5.98
C SER B 307 23.50 17.65 5.33
N SER B 308 22.39 17.82 4.60
CA SER B 308 21.70 16.69 3.98
C SER B 308 21.97 16.54 2.48
N LEU B 309 22.86 17.39 1.94
CA LEU B 309 23.21 17.31 0.54
C LEU B 309 23.88 15.97 0.22
N LEU B 311 25.41 13.25 -3.34
CA LEU B 311 25.71 13.14 -4.75
C LEU B 311 24.94 11.94 -5.31
N ARG B 312 23.94 12.22 -6.14
CA ARG B 312 23.14 11.14 -6.73
C ARG B 312 23.76 10.70 -8.04
N ARG B 313 23.74 9.40 -8.31
CA ARG B 313 24.34 8.87 -9.53
C ARG B 313 23.46 7.71 -9.99
N GLY B 314 22.19 7.99 -10.24
CA GLY B 314 21.22 6.94 -10.52
C GLY B 314 21.11 6.57 -11.98
N TYR B 315 20.53 5.41 -12.26
CA TYR B 315 20.43 4.90 -13.62
C TYR B 315 19.02 4.40 -13.86
N SER B 316 18.55 4.49 -15.10
CA SER B 316 17.26 3.89 -15.45
C SER B 316 17.38 2.39 -15.58
N TYR B 317 16.26 1.67 -15.40
CA TYR B 317 16.27 0.25 -15.69
C TYR B 317 14.96 -0.14 -16.36
N SER B 318 15.02 -1.17 -17.18
CA SER B 318 13.83 -1.66 -17.86
C SER B 318 13.94 -3.18 -17.96
N LEU B 319 12.98 -3.88 -17.37
CA LEU B 319 13.03 -5.33 -17.35
C LEU B 319 11.89 -5.94 -18.17
N GLY B 320 10.97 -6.62 -17.52
CA GLY B 320 9.90 -7.28 -18.24
C GLY B 320 8.53 -6.71 -17.93
N VAL B 321 7.57 -7.59 -17.68
CA VAL B 321 6.19 -7.22 -17.41
C VAL B 321 5.81 -7.84 -16.07
N THR B 322 5.14 -7.10 -15.21
CA THR B 322 4.76 -7.68 -13.91
C THR B 322 3.62 -8.65 -14.12
N ASN B 323 3.24 -9.39 -13.07
CA ASN B 323 2.14 -10.35 -13.20
C ASN B 323 0.78 -9.68 -13.37
N SER B 324 0.73 -8.36 -13.24
CA SER B 324 -0.52 -7.63 -13.47
C SER B 324 -0.52 -6.96 -14.83
N GLY B 325 0.51 -7.24 -15.62
CA GLY B 325 0.55 -6.78 -17.00
C GLY B 325 1.13 -5.38 -17.18
N GLN B 326 1.83 -4.89 -16.17
CA GLN B 326 2.41 -3.56 -16.30
C GLN B 326 3.93 -3.61 -16.49
N LEU B 327 4.45 -2.68 -17.30
CA LEU B 327 5.88 -2.65 -17.62
C LEU B 327 6.69 -2.53 -16.33
N ASP B 328 7.72 -3.35 -16.18
CA ASP B 328 8.65 -3.21 -15.04
C ASP B 328 9.85 -2.32 -15.43
N GLY B 330 12.06 1.47 -14.07
CA GLY B 330 12.20 2.43 -13.00
C GLY B 330 13.58 3.02 -12.86
N LEU B 331 14.03 3.14 -11.62
CA LEU B 331 15.28 3.80 -11.32
C LEU B 331 16.11 2.94 -10.39
N LEU B 332 17.38 2.79 -10.71
CA LEU B 332 18.37 2.28 -9.78
C LEU B 332 18.97 3.53 -9.14
N PHE B 333 18.43 3.89 -7.99
CA PHE B 333 18.86 5.06 -7.26
C PHE B 333 20.12 4.72 -6.50
N VAL B 334 21.17 5.52 -6.69
CA VAL B 334 22.40 5.37 -5.93
C VAL B 334 22.86 6.76 -5.47
N CYS B 335 23.14 6.91 -4.18
CA CYS B 335 23.68 8.20 -3.73
C CYS B 335 24.84 8.05 -2.77
N TYR B 336 25.68 9.07 -2.74
CA TYR B 336 26.89 9.06 -1.92
C TYR B 336 26.85 10.26 -1.00
N GLN B 337 27.32 10.05 0.22
CA GLN B 337 27.31 11.12 1.23
C GLN B 337 28.25 10.78 2.37
N HIS B 338 28.75 11.81 3.04
CA HIS B 338 29.69 11.62 4.15
C HIS B 338 29.07 10.94 5.38
N ASP B 339 27.75 11.02 5.50
CA ASP B 339 27.05 10.52 6.68
C ASP B 339 25.66 10.01 6.26
N LEU B 340 25.46 8.70 6.32
CA LEU B 340 24.21 8.11 5.86
C LEU B 340 23.01 8.69 6.60
N GLU B 341 23.20 9.01 7.87
CA GLU B 341 22.09 9.52 8.66
C GLU B 341 21.75 10.96 8.27
N LYS B 342 22.78 11.77 8.07
CA LYS B 342 22.61 13.19 7.72
C LYS B 342 22.10 13.37 6.30
N GLY B 343 22.47 12.43 5.43
CA GLY B 343 22.06 12.46 4.03
C GLY B 343 20.80 11.66 3.78
N PHE B 344 20.93 10.49 3.14
CA PHE B 344 19.76 9.72 2.72
C PHE B 344 18.66 9.52 3.76
N LEU B 345 19.05 9.12 4.97
CA LEU B 345 18.03 8.86 5.98
C LEU B 345 17.19 10.11 6.26
N THR B 346 17.87 11.25 6.34
CA THR B 346 17.23 12.53 6.61
C THR B 346 16.39 12.94 5.41
N VAL B 347 16.94 12.81 4.22
CA VAL B 347 16.20 13.19 3.01
C VAL B 347 14.95 12.31 2.79
N GLN B 348 15.10 10.99 2.88
CA GLN B 348 13.94 10.11 2.67
C GLN B 348 12.86 10.32 3.74
N LYS B 349 13.28 10.64 4.96
CA LYS B 349 12.34 10.99 6.01
C LYS B 349 11.47 12.19 5.60
N ARG B 350 12.07 13.21 4.98
CA ARG B 350 11.30 14.34 4.48
C ARG B 350 10.38 13.93 3.33
N LEU B 351 10.84 12.99 2.50
CA LEU B 351 10.11 12.55 1.32
C LEU B 351 8.91 11.65 1.63
N ASN B 352 8.94 10.99 2.78
CA ASN B 352 7.87 10.07 3.14
C ASN B 352 6.49 10.71 3.02
N GLY B 353 5.62 10.04 2.28
CA GLY B 353 4.28 10.55 2.05
C GLY B 353 4.15 11.56 0.92
N GLU B 354 5.24 11.81 0.18
CA GLU B 354 5.19 12.75 -0.97
C GLU B 354 4.21 12.29 -2.05
N ALA B 355 3.75 13.21 -2.90
CA ALA B 355 2.80 12.86 -3.95
C ALA B 355 3.36 11.87 -4.99
N LEU B 356 4.67 11.91 -5.18
CA LEU B 356 5.32 11.00 -6.12
C LEU B 356 5.06 9.56 -5.74
N GLU B 357 4.83 9.29 -4.46
CA GLU B 357 4.65 7.91 -4.05
C GLU B 357 3.53 7.18 -4.79
N GLU B 358 2.59 7.89 -5.37
CA GLU B 358 1.54 7.14 -6.03
C GLU B 358 1.99 6.61 -7.39
N TYR B 359 3.20 7.01 -7.80
CA TYR B 359 3.74 6.56 -9.07
C TYR B 359 4.98 5.68 -8.95
N VAL B 360 5.54 5.58 -7.75
CA VAL B 360 6.78 4.83 -7.56
C VAL B 360 6.67 3.85 -6.40
N LYS B 361 7.53 2.84 -6.42
CA LYS B 361 7.43 1.73 -5.49
C LYS B 361 8.81 1.13 -5.26
N PRO B 362 9.47 1.54 -4.16
CA PRO B 362 10.74 0.91 -3.78
C PRO B 362 10.57 -0.57 -3.49
N ILE B 363 11.41 -1.41 -4.09
CA ILE B 363 11.33 -2.86 -3.89
C ILE B 363 12.63 -3.51 -3.44
N GLY B 364 13.72 -2.76 -3.43
CA GLY B 364 15.00 -3.36 -3.02
C GLY B 364 16.12 -2.35 -2.79
N GLY B 365 17.33 -2.87 -2.60
CA GLY B 365 18.49 -2.03 -2.40
C GLY B 365 19.16 -2.30 -1.06
N GLY B 366 19.74 -1.28 -0.47
CA GLY B 366 20.51 -1.48 0.75
C GLY B 366 21.41 -0.32 1.04
N TYR B 367 21.99 -0.35 2.22
CA TYR B 367 22.96 0.65 2.64
C TYR B 367 24.32 -0.03 2.68
N PHE B 368 25.33 0.66 2.20
CA PHE B 368 26.67 0.13 2.19
C PHE B 368 27.67 1.24 2.48
N PHE B 369 28.91 0.88 2.76
CA PHE B 369 29.95 1.89 2.85
C PHE B 369 30.97 1.65 1.76
N ALA B 370 31.13 2.62 0.86
CA ALA B 370 32.10 2.53 -0.21
C ALA B 370 33.51 2.76 0.35
N LEU B 371 34.40 1.79 0.18
CA LEU B 371 35.73 1.87 0.80
C LEU B 371 36.57 3.01 0.25
N PRO B 372 37.58 3.44 1.02
CA PRO B 372 38.58 4.40 0.52
C PRO B 372 39.28 3.87 -0.73
N GLY B 373 39.98 4.73 -1.44
CA GLY B 373 40.67 4.34 -2.66
C GLY B 373 41.85 3.41 -2.42
N VAL B 374 42.34 2.77 -3.48
CA VAL B 374 43.53 1.94 -3.40
C VAL B 374 44.70 2.74 -3.97
N LYS B 375 45.75 2.90 -3.17
CA LYS B 375 46.81 3.86 -3.46
C LYS B 375 47.66 3.49 -4.68
N ASP B 376 48.08 2.24 -4.75
CA ASP B 376 48.82 1.74 -5.90
C ASP B 376 48.80 0.23 -5.81
N ALA B 377 49.53 -0.43 -6.72
CA ALA B 377 49.50 -1.90 -6.78
C ALA B 377 50.00 -2.56 -5.51
N ASN B 378 50.61 -1.79 -4.63
CA ASN B 378 51.08 -2.33 -3.36
C ASN B 378 50.01 -2.23 -2.28
N ASP B 379 48.93 -1.53 -2.60
CA ASP B 379 47.78 -1.42 -1.71
C ASP B 379 46.69 -2.37 -2.23
N TYR B 380 45.61 -2.53 -1.48
CA TYR B 380 44.45 -3.29 -1.92
C TYR B 380 43.17 -2.78 -1.25
N LEU B 381 42.03 -3.01 -1.91
CA LEU B 381 40.75 -2.56 -1.39
C LEU B 381 40.53 -3.09 0.02
N GLY B 382 40.24 -2.18 0.95
CA GLY B 382 39.92 -2.57 2.33
C GLY B 382 41.11 -2.89 3.23
N SER B 383 42.29 -2.41 2.85
CA SER B 383 43.50 -2.70 3.61
C SER B 383 43.47 -2.05 5.00
N ALA B 384 43.02 -0.81 5.05
CA ALA B 384 42.86 -0.10 6.33
C ALA B 384 41.83 -0.76 7.23
N LEU B 385 40.72 -1.19 6.63
CA LEU B 385 39.66 -1.89 7.35
C LEU B 385 40.12 -3.23 7.94
N LEU B 386 40.99 -3.92 7.22
CA LEU B 386 41.42 -5.25 7.65
C LEU B 386 42.69 -5.23 8.50
N ARG B 387 43.18 -4.04 8.85
CA ARG B 387 44.28 -3.96 9.82
C ARG B 387 43.88 -3.25 11.12
N VAL C 13 1.83 -8.24 22.06
CA VAL C 13 0.61 -7.55 22.46
C VAL C 13 -0.42 -7.60 21.34
N ALA C 14 -1.69 -7.39 21.69
CA ALA C 14 -2.78 -7.44 20.70
C ALA C 14 -2.60 -6.38 19.61
N ARG C 15 -2.04 -5.24 20.01
CA ARG C 15 -1.83 -4.11 19.11
C ARG C 15 -0.97 -4.45 17.91
N ASN C 16 -0.19 -5.50 18.02
CA ASN C 16 0.76 -5.86 16.96
C ASN C 16 0.26 -6.97 16.02
N GLU C 17 -0.94 -7.46 16.26
CA GLU C 17 -1.57 -8.43 15.37
C GLU C 17 -1.85 -7.81 14.01
N LYS C 18 -1.56 -8.58 12.97
CA LYS C 18 -1.84 -8.14 11.60
C LYS C 18 -2.75 -9.14 10.94
N GLN C 19 -3.66 -8.64 10.10
CA GLN C 19 -4.40 -9.48 9.19
C GLN C 19 -3.89 -9.19 7.78
N PRO C 20 -3.66 -10.25 6.99
CA PRO C 20 -3.16 -10.08 5.63
C PRO C 20 -4.09 -9.22 4.80
N PHE C 21 -3.51 -8.25 4.10
CA PHE C 21 -4.29 -7.36 3.27
C PHE C 21 -4.45 -7.92 1.86
N TYR C 22 -3.36 -8.44 1.30
CA TYR C 22 -3.37 -8.99 -0.05
C TYR C 22 -3.88 -10.41 -0.02
N GLY C 23 -4.48 -10.85 -1.11
CA GLY C 23 -4.96 -12.21 -1.24
C GLY C 23 -5.96 -12.32 -2.38
N GLU C 24 -6.44 -13.54 -2.60
CA GLU C 24 -7.46 -13.80 -3.60
C GLU C 24 -8.78 -13.09 -3.24
N HIS C 25 -9.06 -12.99 -1.94
CA HIS C 25 -10.24 -12.29 -1.44
C HIS C 25 -9.81 -11.13 -0.54
N GLN C 26 -10.71 -10.16 -0.33
CA GLN C 26 -10.48 -9.12 0.67
C GLN C 26 -10.60 -9.69 2.07
N ALA C 27 -9.83 -9.13 3.01
CA ALA C 27 -9.99 -9.44 4.43
C ALA C 27 -11.28 -8.82 4.94
N GLY C 28 -11.65 -9.18 6.16
CA GLY C 28 -12.84 -8.62 6.79
C GLY C 28 -14.14 -9.32 6.45
N ILE C 29 -14.05 -10.43 5.72
CA ILE C 29 -15.24 -11.19 5.34
C ILE C 29 -15.24 -12.53 6.07
N LEU C 30 -14.22 -13.35 5.79
CA LEU C 30 -14.01 -14.60 6.52
C LEU C 30 -13.24 -14.36 7.82
N THR C 31 -12.57 -13.21 7.91
CA THR C 31 -11.80 -12.84 9.10
C THR C 31 -12.64 -12.96 10.37
N PRO C 32 -12.08 -13.59 11.42
CA PRO C 32 -12.83 -13.62 12.68
C PRO C 32 -13.10 -12.18 13.14
N GLN C 33 -14.26 -11.96 13.74
CA GLN C 33 -14.65 -10.61 14.11
C GLN C 33 -13.77 -9.94 15.13
N GLN C 34 -13.28 -8.75 14.79
CA GLN C 34 -12.55 -7.90 15.72
C GLN C 34 -13.56 -7.17 16.62
N ALA C 35 -13.11 -6.65 17.75
CA ALA C 35 -14.01 -6.07 18.75
C ALA C 35 -14.65 -4.77 18.29
N ALA C 36 -13.97 -4.04 17.41
CA ALA C 36 -14.44 -2.72 17.00
C ALA C 36 -14.67 -2.64 15.49
N LEU C 39 -18.95 1.14 9.77
CA LEU C 39 -19.44 1.10 8.40
C LEU C 39 -19.46 2.54 7.97
N VAL C 40 -18.86 2.86 6.84
CA VAL C 40 -18.90 4.23 6.35
C VAL C 40 -19.11 4.23 4.85
N ALA C 41 -20.23 4.83 4.44
CA ALA C 41 -20.58 4.92 3.03
C ALA C 41 -20.14 6.29 2.53
N PHE C 42 -19.70 6.33 1.27
CA PHE C 42 -19.24 7.56 0.63
C PHE C 42 -19.95 7.83 -0.69
N ASP C 43 -20.15 9.10 -0.98
CA ASP C 43 -20.41 9.53 -2.35
C ASP C 43 -19.07 9.66 -3.07
N VAL C 44 -18.99 9.10 -4.26
CA VAL C 44 -17.77 9.23 -5.06
C VAL C 44 -17.83 10.53 -5.85
N LEU C 45 -16.78 11.33 -5.71
CA LEU C 45 -16.72 12.65 -6.34
C LEU C 45 -16.00 12.61 -7.68
N ALA C 46 -15.43 11.47 -8.02
CA ALA C 46 -14.72 11.28 -9.28
C ALA C 46 -15.64 11.58 -10.47
N SER C 47 -15.14 12.36 -11.43
CA SER C 47 -15.97 12.79 -12.55
C SER C 47 -15.95 11.79 -13.72
N ASP C 48 -14.85 11.05 -13.86
CA ASP C 48 -14.75 10.08 -14.93
C ASP C 48 -14.05 8.80 -14.46
N LYS C 49 -13.96 7.83 -15.35
CA LYS C 49 -13.39 6.54 -15.02
C LYS C 49 -11.89 6.64 -14.67
N ALA C 50 -11.22 7.64 -15.23
CA ALA C 50 -9.80 7.85 -14.92
C ALA C 50 -9.61 8.29 -13.46
N ASP C 51 -10.50 9.17 -13.01
CA ASP C 51 -10.51 9.62 -11.61
C ASP C 51 -10.86 8.48 -10.67
N LEU C 52 -11.79 7.63 -11.10
CA LEU C 52 -12.19 6.47 -10.31
C LEU C 52 -11.02 5.51 -10.17
N GLU C 53 -10.28 5.30 -11.26
CA GLU C 53 -9.07 4.49 -11.18
C GLU C 53 -8.09 5.10 -10.18
N ARG C 54 -7.86 6.41 -10.29
CA ARG C 54 -6.95 7.04 -9.34
C ARG C 54 -7.44 6.78 -7.91
N LEU C 55 -8.74 6.89 -7.68
CA LEU C 55 -9.29 6.65 -6.35
C LEU C 55 -8.99 5.26 -5.85
N PHE C 56 -9.29 4.26 -6.68
CA PHE C 56 -9.09 2.86 -6.30
C PHE C 56 -7.63 2.56 -6.00
N ARG C 57 -6.72 3.11 -6.80
CA ARG C 57 -5.28 2.94 -6.58
C ARG C 57 -4.85 3.55 -5.27
N LEU C 58 -5.36 4.76 -5.00
CA LEU C 58 -5.01 5.49 -3.79
C LEU C 58 -5.52 4.81 -2.52
N LEU C 59 -6.76 4.31 -2.56
CA LEU C 59 -7.34 3.61 -1.42
C LEU C 59 -6.53 2.35 -1.17
N THR C 60 -6.13 1.68 -2.24
CA THR C 60 -5.37 0.44 -2.08
C THR C 60 -4.10 0.76 -1.32
N GLN C 61 -3.43 1.84 -1.71
CA GLN C 61 -2.19 2.22 -1.03
C GLN C 61 -2.43 2.52 0.43
N ARG C 62 -3.49 3.25 0.74
CA ARG C 62 -3.72 3.62 2.12
C ARG C 62 -4.02 2.37 2.95
N PHE C 63 -4.93 1.52 2.46
CA PHE C 63 -5.28 0.29 3.17
C PHE C 63 -4.05 -0.57 3.42
N ALA C 64 -3.18 -0.67 2.42
CA ALA C 64 -1.98 -1.49 2.55
C ALA C 64 -1.08 -0.95 3.64
N PHE C 65 -0.98 0.38 3.73
CA PHE C 65 -0.18 0.94 4.81
C PHE C 65 -0.86 0.76 6.17
N LEU C 66 -2.14 1.11 6.24
CA LEU C 66 -2.82 1.12 7.53
C LEU C 66 -2.93 -0.26 8.15
N THR C 67 -3.21 -1.28 7.35
CA THR C 67 -3.41 -2.62 7.90
C THR C 67 -2.11 -3.29 8.33
N GLN C 68 -0.98 -2.80 7.84
CA GLN C 68 0.29 -3.38 8.29
C GLN C 68 1.03 -2.52 9.32
N GLY C 69 0.65 -1.25 9.40
CA GLY C 69 1.19 -0.36 10.41
C GLY C 69 2.61 0.16 10.15
N GLY C 70 3.02 1.13 10.96
CA GLY C 70 4.33 1.74 10.80
C GLY C 70 4.36 2.98 11.66
N ALA C 71 5.48 3.71 11.60
CA ALA C 71 5.62 4.89 12.42
C ALA C 71 4.65 5.99 11.98
N ALA C 72 4.18 6.80 12.91
CA ALA C 72 3.34 7.92 12.53
C ALA C 72 4.20 8.91 11.75
N PRO C 73 3.73 9.30 10.56
CA PRO C 73 4.46 10.26 9.72
C PRO C 73 4.83 11.50 10.52
N GLU C 74 6.06 11.96 10.41
CA GLU C 74 6.40 13.27 10.95
C GLU C 74 6.28 14.26 9.80
N THR C 75 5.60 15.37 10.07
CA THR C 75 5.39 16.40 9.06
C THR C 75 6.70 17.17 8.92
N PRO C 76 7.19 17.32 7.68
CA PRO C 76 8.51 17.90 7.40
C PRO C 76 8.51 19.42 7.49
N ASN C 77 7.38 20.04 7.17
CA ASN C 77 7.26 21.48 7.13
C ASN C 77 5.96 21.92 7.85
N PRO C 78 6.09 22.65 8.97
CA PRO C 78 4.98 23.06 9.85
C PRO C 78 3.87 23.83 9.14
N ARG C 79 4.19 24.37 7.98
CA ARG C 79 3.21 25.11 7.19
C ARG C 79 2.21 24.18 6.54
N LEU C 80 2.56 22.90 6.48
CA LEU C 80 1.69 21.88 5.91
C LEU C 80 0.76 21.29 6.98
N PRO C 81 -0.44 20.87 6.57
CA PRO C 81 -1.30 20.16 7.52
C PRO C 81 -0.59 18.89 7.99
N PRO C 82 -0.84 18.45 9.23
CA PRO C 82 -0.13 17.25 9.66
C PRO C 82 -0.43 16.08 8.70
N LEU C 83 0.59 15.29 8.37
CA LEU C 83 0.41 14.15 7.47
C LEU C 83 -0.46 13.06 8.11
N ASP C 84 -0.48 13.04 9.43
CA ASP C 84 -1.30 12.09 10.17
C ASP C 84 -2.14 12.90 11.15
N SER C 85 -3.34 12.43 11.45
CA SER C 85 -4.19 13.09 12.46
C SER C 85 -3.54 13.08 13.85
N GLY C 86 -2.71 12.08 14.11
CA GLY C 86 -1.97 12.00 15.37
C GLY C 86 -2.73 11.38 16.53
N ILE C 87 -3.97 10.98 16.29
CA ILE C 87 -4.79 10.47 17.39
C ILE C 87 -4.29 9.15 18.00
N LEU C 88 -3.42 8.42 17.31
CA LEU C 88 -2.86 7.20 17.90
C LEU C 88 -1.52 7.48 18.61
N GLY C 89 -0.97 8.66 18.38
CA GLY C 89 0.33 9.00 18.92
C GLY C 89 1.42 8.64 17.94
N GLY C 90 2.52 8.11 18.46
CA GLY C 90 3.73 7.93 17.70
C GLY C 90 3.71 6.78 16.72
N TYR C 91 3.18 5.63 17.14
CA TYR C 91 3.18 4.47 16.24
C TYR C 91 1.76 4.08 15.80
N ILE C 92 1.61 3.86 14.49
CA ILE C 92 0.36 3.37 13.92
C ILE C 92 0.36 1.85 13.96
N ALA C 93 -0.14 1.29 15.05
CA ALA C 93 -0.20 -0.15 15.21
C ALA C 93 -1.24 -0.73 14.23
N PRO C 94 -0.95 -1.90 13.66
CA PRO C 94 -1.94 -2.53 12.77
C PRO C 94 -3.20 -2.93 13.57
N ASP C 95 -3.02 -3.48 14.77
CA ASP C 95 -4.16 -3.67 15.67
C ASP C 95 -5.26 -4.51 15.01
N ASN C 96 -4.84 -5.43 14.15
CA ASN C 96 -5.75 -6.39 13.56
C ASN C 96 -6.72 -5.74 12.57
N LEU C 97 -6.38 -4.55 12.11
CA LEU C 97 -7.23 -3.81 11.19
C LEU C 97 -7.49 -4.58 9.90
N THR C 98 -8.75 -4.63 9.49
CA THR C 98 -9.10 -4.98 8.12
C THR C 98 -9.98 -3.87 7.55
N ILE C 99 -9.89 -3.66 6.23
CA ILE C 99 -10.71 -2.69 5.52
C ILE C 99 -11.24 -3.37 4.26
N THR C 100 -12.56 -3.41 4.14
CA THR C 100 -13.22 -4.13 3.05
C THR C 100 -13.99 -3.11 2.23
N LEU C 101 -13.72 -3.09 0.93
CA LEU C 101 -14.31 -2.11 0.01
C LEU C 101 -15.40 -2.79 -0.81
N SER C 102 -16.55 -2.12 -0.91
CA SER C 102 -17.69 -2.67 -1.64
C SER C 102 -18.30 -1.56 -2.47
N VAL C 103 -18.95 -1.90 -3.57
CA VAL C 103 -19.50 -0.87 -4.42
C VAL C 103 -21.02 -0.99 -4.56
N GLY C 104 -21.70 0.16 -4.64
CA GLY C 104 -23.15 0.17 -4.75
C GLY C 104 -23.64 0.19 -6.18
N HIS C 105 -24.93 -0.12 -6.33
CA HIS C 105 -25.62 -0.02 -7.60
C HIS C 105 -25.33 1.29 -8.32
N SER C 106 -25.39 2.41 -7.58
CA SER C 106 -25.21 3.74 -8.17
C SER C 106 -23.87 3.98 -8.89
N LEU C 107 -22.83 3.23 -8.52
CA LEU C 107 -21.53 3.33 -9.19
C LEU C 107 -21.58 2.80 -10.63
N PHE C 108 -22.56 1.97 -10.92
CA PHE C 108 -22.69 1.41 -12.27
C PHE C 108 -23.60 2.24 -13.17
N ASP C 109 -23.71 3.53 -12.85
CA ASP C 109 -24.52 4.44 -13.65
C ASP C 109 -23.70 5.05 -14.82
N GLU C 110 -24.14 6.20 -15.33
CA GLU C 110 -23.52 6.74 -16.54
C GLU C 110 -22.11 7.31 -16.37
N ARG C 111 -21.74 7.71 -15.15
CA ARG C 111 -20.49 8.44 -14.93
C ARG C 111 -19.21 7.74 -15.38
N PHE C 112 -19.11 6.44 -15.15
CA PHE C 112 -17.84 5.75 -15.28
C PHE C 112 -17.86 4.67 -16.35
N GLY C 113 -19.01 4.47 -16.98
CA GLY C 113 -19.15 3.50 -18.05
C GLY C 113 -19.08 2.06 -17.56
N LEU C 114 -19.39 1.85 -16.30
CA LEU C 114 -19.34 0.50 -15.75
C LEU C 114 -20.66 -0.25 -15.90
N ALA C 115 -21.66 0.41 -16.48
CA ALA C 115 -22.97 -0.21 -16.70
C ALA C 115 -22.93 -1.69 -17.12
N PRO C 116 -22.14 -2.02 -18.15
CA PRO C 116 -22.12 -3.42 -18.62
C PRO C 116 -21.51 -4.37 -17.59
N GLN C 117 -20.78 -3.81 -16.63
CA GLN C 117 -20.02 -4.58 -15.64
C GLN C 117 -20.86 -4.97 -14.42
N PRO C 119 -22.94 -6.43 -11.52
CA PRO C 119 -23.30 -7.75 -11.02
C PRO C 119 -24.80 -7.98 -11.28
N LYS C 120 -25.16 -9.18 -11.71
CA LYS C 120 -26.52 -9.44 -12.19
C LYS C 120 -27.60 -9.18 -11.15
N LYS C 121 -27.27 -9.35 -9.86
CA LYS C 121 -28.26 -9.22 -8.80
C LYS C 121 -28.15 -7.93 -7.99
N LEU C 122 -27.24 -7.03 -8.38
CA LEU C 122 -27.06 -5.78 -7.63
C LEU C 122 -28.17 -4.80 -7.94
N GLN C 123 -28.66 -4.13 -6.91
CA GLN C 123 -29.77 -3.20 -7.06
C GLN C 123 -29.78 -2.23 -5.90
N LYS C 124 -30.50 -1.13 -6.07
CA LYS C 124 -30.71 -0.18 -4.99
C LYS C 124 -31.67 -0.79 -3.98
N THR C 126 -34.61 -1.40 -1.65
CA THR C 126 -35.96 -0.84 -1.47
C THR C 126 -36.59 -1.37 -0.19
N ARG C 127 -37.51 -0.61 0.38
CA ARG C 127 -37.98 -0.88 1.73
C ARG C 127 -38.74 -2.19 1.85
N PHE C 128 -38.55 -2.87 2.98
CA PHE C 128 -39.38 -4.01 3.34
C PHE C 128 -40.53 -3.52 4.25
N PRO C 129 -41.56 -4.34 4.43
CA PRO C 129 -42.76 -3.84 5.13
C PRO C 129 -42.51 -3.21 6.51
N ASN C 130 -41.64 -3.80 7.33
CA ASN C 130 -41.35 -3.26 8.67
C ASN C 130 -40.33 -2.08 8.71
N ASP C 131 -39.85 -1.66 7.55
CA ASP C 131 -38.83 -0.62 7.44
C ASP C 131 -39.35 0.79 7.69
N SER C 132 -38.50 1.62 8.29
CA SER C 132 -38.69 3.07 8.33
C SER C 132 -37.41 3.73 7.82
N LEU C 133 -37.13 3.58 6.53
CA LEU C 133 -35.82 3.97 6.02
C LEU C 133 -35.58 5.47 6.17
N ASP C 134 -34.40 5.80 6.70
CA ASP C 134 -33.94 7.19 6.79
C ASP C 134 -33.05 7.41 5.58
N ALA C 135 -33.49 8.27 4.67
CA ALA C 135 -32.78 8.51 3.41
C ALA C 135 -31.31 8.90 3.64
N ALA C 136 -31.04 9.57 4.76
CA ALA C 136 -29.67 9.99 5.06
C ALA C 136 -28.79 8.79 5.46
N LEU C 137 -29.41 7.66 5.74
CA LEU C 137 -28.69 6.48 6.22
C LEU C 137 -28.68 5.32 5.22
N CYS C 138 -28.99 5.61 3.95
CA CYS C 138 -29.08 4.56 2.94
C CYS C 138 -28.12 4.73 1.76
N HIS C 139 -27.73 3.60 1.17
CA HIS C 139 -27.04 3.57 -0.11
C HIS C 139 -25.64 4.19 -0.05
N GLY C 140 -25.11 4.54 -1.22
CA GLY C 140 -23.75 5.04 -1.34
C GLY C 140 -23.05 4.42 -2.55
N ASP C 141 -22.18 5.19 -3.20
CA ASP C 141 -21.37 4.67 -4.32
C ASP C 141 -20.40 3.60 -3.86
N VAL C 142 -19.82 3.80 -2.69
CA VAL C 142 -18.92 2.80 -2.12
C VAL C 142 -19.16 2.72 -0.63
N LEU C 143 -18.84 1.57 -0.04
CA LEU C 143 -18.92 1.40 1.39
C LEU C 143 -17.61 0.84 1.88
N LEU C 144 -17.11 1.34 3.00
CA LEU C 144 -15.96 0.71 3.66
C LEU C 144 -16.42 0.07 4.96
N GLN C 145 -16.05 -1.18 5.15
CA GLN C 145 -16.19 -1.84 6.43
C GLN C 145 -14.79 -1.87 7.04
N ILE C 146 -14.63 -1.12 8.14
CA ILE C 146 -13.34 -0.93 8.80
C ILE C 146 -13.39 -1.56 10.18
N CYS C 147 -12.64 -2.65 10.38
CA CYS C 147 -12.66 -3.37 11.67
C CYS C 147 -11.28 -3.48 12.28
N ALA C 148 -11.20 -3.37 13.60
CA ALA C 148 -9.94 -3.51 14.31
C ALA C 148 -10.19 -3.86 15.76
N ASN C 149 -9.12 -4.17 16.48
CA ASN C 149 -9.21 -4.41 17.93
C ASN C 149 -9.81 -3.23 18.70
N THR C 150 -9.53 -2.01 18.25
CA THR C 150 -9.98 -0.84 19.02
C THR C 150 -10.60 0.22 18.13
N GLN C 151 -11.49 1.01 18.72
CA GLN C 151 -12.16 2.11 18.04
C GLN C 151 -11.15 3.14 17.54
N ASP C 152 -10.11 3.38 18.35
CA ASP C 152 -9.06 4.36 18.00
C ASP C 152 -8.50 4.06 16.63
N THR C 153 -8.15 2.80 16.42
CA THR C 153 -7.53 2.35 15.17
C THR C 153 -8.48 2.55 14.00
N VAL C 154 -9.76 2.28 14.26
CA VAL C 154 -10.79 2.39 13.23
C VAL C 154 -10.99 3.86 12.82
N ILE C 155 -11.16 4.72 13.81
CA ILE C 155 -11.31 6.15 13.56
C ILE C 155 -10.07 6.72 12.86
N HIS C 156 -8.89 6.31 13.33
CA HIS C 156 -7.65 6.75 12.69
C HIS C 156 -7.61 6.39 11.21
N ALA C 157 -7.98 5.16 10.88
CA ALA C 157 -8.06 4.75 9.47
C ALA C 157 -8.98 5.65 8.66
N LEU C 158 -10.18 5.91 9.17
CA LEU C 158 -11.14 6.76 8.45
C LEU C 158 -10.55 8.13 8.20
N ARG C 159 -9.94 8.72 9.22
CA ARG C 159 -9.42 10.08 9.07
C ARG C 159 -8.29 10.10 8.03
N ASP C 160 -7.49 9.03 8.00
CA ASP C 160 -6.42 8.95 7.00
C ASP C 160 -6.97 8.85 5.57
N ILE C 161 -7.98 8.01 5.38
CA ILE C 161 -8.60 7.87 4.08
C ILE C 161 -9.21 9.18 3.60
N ILE C 162 -9.89 9.88 4.50
CA ILE C 162 -10.50 11.16 4.16
C ILE C 162 -9.43 12.18 3.76
N LYS C 163 -8.36 12.24 4.56
CA LYS C 163 -7.25 13.15 4.28
C LYS C 163 -6.71 12.99 2.87
N HIS C 164 -6.61 11.75 2.41
CA HIS C 164 -6.03 11.45 1.10
C HIS C 164 -7.01 11.53 -0.09
N THR C 165 -8.27 11.85 0.16
CA THR C 165 -9.27 11.81 -0.91
C THR C 165 -10.20 13.04 -0.96
N PRO C 166 -9.65 14.24 -0.68
CA PRO C 166 -10.48 15.44 -0.48
C PRO C 166 -11.42 15.75 -1.67
N ASP C 167 -11.00 15.43 -2.88
CA ASP C 167 -11.85 15.73 -4.04
C ASP C 167 -12.35 14.46 -4.72
N LEU C 168 -12.26 13.33 -4.03
CA LEU C 168 -12.62 12.05 -4.61
C LEU C 168 -13.73 11.36 -3.82
N LEU C 169 -13.83 11.68 -2.53
CA LEU C 169 -14.84 11.07 -1.67
C LEU C 169 -15.46 12.09 -0.74
N SER C 170 -16.75 11.88 -0.47
CA SER C 170 -17.46 12.64 0.55
C SER C 170 -18.23 11.65 1.42
N VAL C 171 -18.09 11.77 2.73
CA VAL C 171 -18.81 10.86 3.64
C VAL C 171 -20.32 11.02 3.49
N ARG C 172 -21.02 9.91 3.33
CA ARG C 172 -22.47 9.91 3.14
C ARG C 172 -23.19 9.53 4.43
N TRP C 173 -22.78 8.42 5.04
CA TRP C 173 -23.29 8.05 6.36
C TRP C 173 -22.28 7.16 7.08
N LYS C 174 -22.37 7.09 8.41
CA LYS C 174 -21.40 6.34 9.20
C LYS C 174 -22.04 5.84 10.50
N ARG C 175 -21.70 4.62 10.89
CA ARG C 175 -22.09 4.14 12.20
C ARG C 175 -21.02 3.18 12.73
N GLU C 176 -20.68 3.31 14.00
CA GLU C 176 -19.66 2.46 14.60
C GLU C 176 -20.32 1.42 15.46
N GLY C 177 -19.70 0.25 15.57
CA GLY C 177 -20.25 -0.82 16.38
C GLY C 177 -19.19 -1.63 17.09
N PHE C 178 -19.63 -2.62 17.87
CA PHE C 178 -18.71 -3.43 18.65
C PHE C 178 -19.32 -4.80 18.83
N ILE C 179 -18.49 -5.80 19.15
CA ILE C 179 -19.06 -7.06 19.60
C ILE C 179 -18.73 -7.27 21.06
N SER C 180 -19.54 -8.10 21.72
CA SER C 180 -19.43 -8.30 23.15
C SER C 180 -18.02 -8.72 23.51
N ASP C 181 -17.50 -8.16 24.60
CA ASP C 181 -16.09 -8.29 24.96
C ASP C 181 -15.64 -9.73 25.26
N HIS C 182 -16.44 -10.47 26.02
CA HIS C 182 -16.09 -11.87 26.33
C HIS C 182 -15.85 -12.64 25.03
N ALA C 183 -16.84 -12.60 24.13
CA ALA C 183 -16.75 -13.31 22.86
C ALA C 183 -15.52 -12.87 22.07
N ALA C 184 -15.33 -11.56 21.97
CA ALA C 184 -14.20 -11.03 21.22
C ALA C 184 -12.87 -11.63 21.69
N ARG C 185 -12.74 -11.83 22.99
CA ARG C 185 -11.50 -12.34 23.58
C ARG C 185 -11.46 -13.87 23.64
N SER C 186 -12.56 -14.51 23.26
CA SER C 186 -12.68 -15.96 23.37
C SER C 186 -11.97 -16.67 22.23
N LYS C 187 -11.45 -15.90 21.28
CA LYS C 187 -10.79 -16.48 20.12
C LYS C 187 -11.67 -17.51 19.43
N GLY C 188 -12.93 -17.14 19.17
CA GLY C 188 -13.83 -17.98 18.41
C GLY C 188 -14.49 -19.10 19.20
N LYS C 189 -14.22 -19.19 20.50
CA LYS C 189 -14.80 -20.27 21.30
C LYS C 189 -16.21 -19.93 21.75
N GLU C 190 -16.49 -18.63 21.88
CA GLU C 190 -17.81 -18.16 22.31
C GLU C 190 -18.49 -17.35 21.21
N THR C 191 -19.76 -17.65 20.98
CA THR C 191 -20.60 -16.85 20.08
C THR C 191 -20.86 -15.50 20.76
N PRO C 192 -20.75 -14.42 20.00
CA PRO C 192 -21.09 -13.09 20.56
C PRO C 192 -22.54 -13.01 21.08
N ILE C 193 -22.74 -12.21 22.13
CA ILE C 193 -24.09 -11.93 22.64
C ILE C 193 -24.55 -10.54 22.18
N ASN C 194 -25.70 -10.47 21.52
CA ASN C 194 -26.19 -9.16 21.10
C ASN C 194 -26.84 -8.40 22.26
N LEU C 195 -27.29 -7.17 21.98
CA LEU C 195 -27.82 -6.32 23.04
C LEU C 195 -29.22 -6.71 23.53
N LEU C 196 -29.79 -7.76 22.94
CA LEU C 196 -31.03 -8.36 23.44
C LEU C 196 -30.71 -9.54 24.35
N GLY C 197 -29.42 -9.80 24.55
CA GLY C 197 -28.96 -10.83 25.45
C GLY C 197 -28.95 -12.22 24.85
N PHE C 198 -29.16 -12.33 23.55
CA PHE C 198 -29.08 -13.64 22.88
C PHE C 198 -27.76 -13.84 22.12
N LYS C 199 -27.23 -15.06 22.15
CA LYS C 199 -26.12 -15.46 21.31
C LYS C 199 -26.51 -15.26 19.86
N ASP C 200 -25.61 -14.69 19.07
CA ASP C 200 -25.91 -14.26 17.71
C ASP C 200 -24.79 -14.76 16.81
N GLY C 201 -25.08 -15.75 15.97
CA GLY C 201 -24.11 -16.26 15.02
C GLY C 201 -24.01 -17.77 15.06
N THR C 202 -24.72 -18.38 16.00
CA THR C 202 -24.69 -19.83 16.21
C THR C 202 -24.72 -20.63 14.90
N ALA C 203 -25.72 -20.40 14.07
CA ALA C 203 -25.95 -21.22 12.88
C ALA C 203 -25.23 -20.73 11.60
N ASN C 204 -24.31 -19.78 11.74
CA ASN C 204 -23.52 -19.33 10.59
C ASN C 204 -22.77 -20.50 9.94
N PRO C 205 -22.74 -20.55 8.60
CA PRO C 205 -21.89 -21.53 7.90
C PRO C 205 -20.42 -21.37 8.31
N ASP C 206 -19.67 -22.47 8.33
CA ASP C 206 -18.28 -22.45 8.79
C ASP C 206 -17.35 -21.70 7.85
N SER C 207 -16.87 -20.54 8.29
CA SER C 207 -16.07 -19.69 7.41
C SER C 207 -14.71 -20.31 7.07
N GLN C 208 -14.24 -21.21 7.93
CA GLN C 208 -12.94 -21.86 7.75
C GLN C 208 -13.02 -23.04 6.79
N ASN C 209 -14.21 -23.27 6.27
CA ASN C 209 -14.43 -24.34 5.31
C ASN C 209 -14.42 -23.79 3.89
N ASP C 210 -13.27 -23.91 3.22
CA ASP C 210 -13.04 -23.29 1.93
C ASP C 210 -14.06 -23.70 0.86
N LYS C 211 -14.33 -24.99 0.74
CA LYS C 211 -15.26 -25.46 -0.28
C LYS C 211 -16.67 -24.92 -0.02
N LEU C 212 -17.12 -24.99 1.23
CA LEU C 212 -18.42 -24.44 1.62
C LEU C 212 -18.52 -22.95 1.30
N GLN C 214 -16.80 -21.35 -1.02
CA GLN C 214 -16.84 -21.21 -2.46
CA GLN C 214 -16.85 -21.19 -2.46
C GLN C 214 -18.28 -21.38 -2.93
N LYS C 215 -19.05 -22.15 -2.16
CA LYS C 215 -20.45 -22.37 -2.48
C LYS C 215 -21.32 -21.23 -1.97
N VAL C 216 -21.13 -20.89 -0.70
CA VAL C 216 -22.01 -19.96 0.00
C VAL C 216 -21.71 -18.47 -0.23
N VAL C 217 -20.44 -18.09 -0.07
CA VAL C 217 -20.05 -16.68 -0.02
C VAL C 217 -19.48 -16.09 -1.31
N TRP C 218 -18.51 -16.77 -1.91
CA TRP C 218 -17.80 -16.18 -3.06
C TRP C 218 -18.51 -16.39 -4.39
N VAL C 219 -18.57 -15.34 -5.20
CA VAL C 219 -18.99 -15.48 -6.60
C VAL C 219 -18.01 -16.39 -7.35
N THR C 220 -18.53 -17.40 -8.04
CA THR C 220 -17.69 -18.32 -8.82
C THR C 220 -18.06 -18.30 -10.31
N ALA C 221 -17.18 -18.87 -11.14
CA ALA C 221 -17.35 -18.80 -12.59
C ALA C 221 -18.66 -19.42 -13.09
N ASP C 222 -19.16 -20.41 -12.36
CA ASP C 222 -20.38 -21.10 -12.76
C ASP C 222 -21.64 -20.22 -12.67
N GLN C 223 -21.49 -19.03 -12.09
CA GLN C 223 -22.63 -18.13 -11.95
C GLN C 223 -22.80 -17.27 -13.20
N GLN C 224 -23.99 -16.71 -13.35
CA GLN C 224 -24.27 -15.88 -14.50
C GLN C 224 -23.77 -14.46 -14.27
N GLU C 225 -22.47 -14.30 -14.02
CA GLU C 225 -21.92 -13.01 -13.60
C GLU C 225 -20.79 -12.50 -14.51
N PRO C 226 -20.62 -11.18 -14.60
CA PRO C 226 -19.44 -10.61 -15.28
C PRO C 226 -18.18 -11.19 -14.64
N ALA C 227 -17.17 -11.51 -15.44
CA ALA C 227 -16.00 -12.23 -14.96
C ALA C 227 -15.26 -11.54 -13.82
N TRP C 228 -15.28 -10.21 -13.81
CA TRP C 228 -14.53 -9.46 -12.82
C TRP C 228 -15.01 -9.75 -11.39
N THR C 229 -16.30 -10.06 -11.24
CA THR C 229 -16.86 -10.37 -9.93
C THR C 229 -16.28 -11.62 -9.27
N ILE C 230 -15.63 -12.49 -10.04
CA ILE C 230 -15.13 -13.73 -9.45
C ILE C 230 -14.28 -13.45 -8.20
N GLY C 231 -14.58 -14.12 -7.10
CA GLY C 231 -13.83 -13.91 -5.87
C GLY C 231 -14.35 -12.78 -5.00
N GLY C 232 -15.30 -12.01 -5.50
CA GLY C 232 -16.02 -11.04 -4.69
C GLY C 232 -17.24 -11.67 -4.02
N SER C 233 -18.06 -10.84 -3.36
CA SER C 233 -19.27 -11.32 -2.73
C SER C 233 -20.31 -10.21 -2.60
N TYR C 234 -21.59 -10.58 -2.69
CA TYR C 234 -22.67 -9.61 -2.47
C TYR C 234 -22.79 -9.31 -0.97
N GLN C 235 -22.95 -8.04 -0.65
CA GLN C 235 -22.97 -7.62 0.75
C GLN C 235 -24.24 -6.85 1.05
N ALA C 236 -25.00 -7.30 2.04
CA ALA C 236 -26.20 -6.60 2.42
C ALA C 236 -25.99 -5.98 3.79
N VAL C 237 -26.34 -4.71 3.91
CA VAL C 237 -26.10 -4.01 5.16
C VAL C 237 -27.41 -3.44 5.69
N ARG C 238 -27.69 -3.69 6.97
CA ARG C 238 -28.95 -3.19 7.54
C ARG C 238 -28.68 -2.54 8.88
N LEU C 239 -29.07 -1.28 9.00
CA LEU C 239 -28.97 -0.61 10.27
C LEU C 239 -30.31 -0.78 10.98
N ILE C 240 -30.30 -1.45 12.13
CA ILE C 240 -31.55 -1.85 12.76
C ILE C 240 -31.62 -1.44 14.22
N GLN C 241 -32.57 -0.56 14.54
CA GLN C 241 -32.78 -0.11 15.90
C GLN C 241 -33.50 -1.15 16.73
N PHE C 242 -33.18 -1.18 18.03
CA PHE C 242 -33.83 -2.07 18.98
C PHE C 242 -34.71 -1.27 19.92
N ARG C 243 -35.90 -1.79 20.22
CA ARG C 243 -36.73 -1.20 21.27
C ARG C 243 -36.34 -1.80 22.60
N VAL C 244 -35.31 -1.22 23.21
CA VAL C 244 -34.64 -1.83 24.36
C VAL C 244 -35.51 -1.85 25.61
N GLU C 245 -36.10 -0.72 25.94
CA GLU C 245 -36.97 -0.61 27.11
C GLU C 245 -38.11 -1.63 27.04
N PHE C 246 -38.76 -1.67 25.88
CA PHE C 246 -39.85 -2.62 25.63
C PHE C 246 -39.34 -4.04 25.82
N TRP C 247 -38.17 -4.34 25.26
CA TRP C 247 -37.65 -5.70 25.29
C TRP C 247 -37.39 -6.16 26.71
N ASP C 248 -36.81 -5.26 27.50
CA ASP C 248 -36.37 -5.57 28.84
C ASP C 248 -37.56 -5.75 29.79
N ARG C 249 -38.73 -5.27 29.39
CA ARG C 249 -39.91 -5.49 30.22
C ARG C 249 -40.81 -6.58 29.62
N THR C 250 -40.24 -7.33 28.67
CA THR C 250 -40.91 -8.49 28.08
C THR C 250 -40.50 -9.77 28.80
N PRO C 251 -41.49 -10.59 29.17
CA PRO C 251 -41.25 -11.89 29.83
C PRO C 251 -40.18 -12.72 29.14
N LEU C 252 -39.32 -13.37 29.93
CA LEU C 252 -38.29 -14.24 29.38
C LEU C 252 -38.91 -15.31 28.47
N LYS C 253 -40.07 -15.84 28.85
CA LYS C 253 -40.71 -16.86 28.04
C LYS C 253 -40.99 -16.31 26.65
N GLU C 254 -41.42 -15.06 26.57
CA GLU C 254 -41.79 -14.49 25.29
C GLU C 254 -40.57 -14.16 24.41
N GLN C 255 -39.52 -13.62 25.03
CA GLN C 255 -38.28 -13.34 24.31
C GLN C 255 -37.80 -14.62 23.62
N GLN C 256 -37.87 -15.74 24.33
CA GLN C 256 -37.41 -17.01 23.78
C GLN C 256 -38.34 -17.50 22.68
N THR C 257 -39.64 -17.32 22.87
CA THR C 257 -40.59 -17.69 21.85
C THR C 257 -40.33 -16.87 20.57
N ILE C 258 -39.97 -15.61 20.74
CA ILE C 258 -39.74 -14.76 19.57
C ILE C 258 -38.57 -15.27 18.75
N PHE C 259 -37.50 -15.69 19.41
CA PHE C 259 -36.31 -16.12 18.66
C PHE C 259 -36.38 -17.57 18.23
N GLY C 260 -36.91 -18.41 19.12
CA GLY C 260 -36.95 -19.84 18.87
C GLY C 260 -35.82 -20.54 19.61
N ARG C 261 -35.10 -19.78 20.41
CA ARG C 261 -33.98 -20.35 21.17
C ARG C 261 -33.99 -20.00 22.65
N ASP C 262 -33.41 -20.89 23.44
CA ASP C 262 -33.20 -20.66 24.86
C ASP C 262 -32.12 -19.60 25.01
N LYS C 263 -32.40 -18.58 25.82
CA LYS C 263 -31.52 -17.43 25.98
C LYS C 263 -30.21 -17.78 26.67
N GLN C 264 -30.31 -18.61 27.70
CA GLN C 264 -29.15 -19.03 28.47
C GLN C 264 -28.21 -19.92 27.66
N THR C 265 -28.76 -21.01 27.14
CA THR C 265 -27.98 -22.05 26.49
C THR C 265 -27.80 -21.80 25.00
N GLY C 266 -28.76 -21.10 24.40
CA GLY C 266 -28.74 -20.85 22.98
C GLY C 266 -29.19 -22.04 22.16
N ALA C 267 -29.66 -23.08 22.84
CA ALA C 267 -30.14 -24.28 22.16
C ALA C 267 -31.51 -24.00 21.57
N PRO C 268 -31.85 -24.67 20.46
CA PRO C 268 -33.22 -24.52 19.93
C PRO C 268 -34.20 -24.85 21.05
N LEU C 269 -35.37 -24.21 21.05
CA LEU C 269 -36.31 -24.46 22.11
C LEU C 269 -36.71 -25.92 22.06
N GLY C 270 -36.75 -26.56 23.22
CA GLY C 270 -37.04 -27.98 23.31
C GLY C 270 -35.79 -28.82 23.44
N GLN C 272 -31.32 -29.26 23.90
CA GLN C 272 -30.43 -29.07 25.05
C GLN C 272 -29.14 -28.23 24.83
N HIS C 273 -28.53 -28.34 23.65
CA HIS C 273 -27.25 -27.66 23.42
C HIS C 273 -27.28 -26.62 22.30
N GLU C 274 -26.50 -25.55 22.46
CA GLU C 274 -26.48 -24.44 21.52
C GLU C 274 -26.46 -24.89 20.07
N HIS C 275 -25.62 -25.86 19.74
CA HIS C 275 -25.46 -26.22 18.34
C HIS C 275 -26.33 -27.39 17.86
N ASP C 276 -27.26 -27.84 18.72
CA ASP C 276 -28.31 -28.77 18.30
C ASP C 276 -29.06 -28.21 17.10
N VAL C 277 -29.65 -29.10 16.30
CA VAL C 277 -30.34 -28.73 15.09
C VAL C 277 -31.82 -29.09 15.21
N PRO C 278 -32.71 -28.10 15.06
CA PRO C 278 -34.15 -28.30 15.19
C PRO C 278 -34.76 -29.08 14.03
N ASP C 279 -35.83 -29.82 14.32
CA ASP C 279 -36.53 -30.57 13.29
C ASP C 279 -37.98 -30.09 13.18
N TYR C 280 -38.26 -29.32 12.13
CA TYR C 280 -39.56 -28.69 11.98
C TYR C 280 -40.61 -29.57 11.32
N ALA C 281 -40.19 -30.64 10.66
CA ALA C 281 -41.14 -31.55 10.05
C ALA C 281 -42.04 -32.16 11.11
N SER C 282 -41.49 -32.35 12.30
CA SER C 282 -42.22 -33.00 13.38
C SER C 282 -42.99 -32.00 14.26
N ASP C 283 -42.91 -30.72 13.92
CA ASP C 283 -43.59 -29.68 14.69
C ASP C 283 -44.40 -28.77 13.78
N PRO C 284 -45.26 -29.36 12.93
CA PRO C 284 -45.98 -28.69 11.83
C PRO C 284 -46.76 -27.43 12.27
N GLU C 285 -47.20 -27.40 13.52
CA GLU C 285 -48.05 -26.31 14.00
C GLU C 285 -47.29 -25.30 14.85
N GLY C 286 -45.99 -25.53 15.04
CA GLY C 286 -45.15 -24.55 15.73
C GLY C 286 -45.36 -24.50 17.22
N LYS C 287 -45.74 -25.64 17.80
CA LYS C 287 -45.91 -25.76 19.25
C LYS C 287 -44.55 -25.70 19.97
N GLY C 288 -43.53 -26.29 19.37
CA GLY C 288 -42.20 -26.29 19.95
C GLY C 288 -41.46 -25.00 19.64
N ILE C 289 -41.24 -24.75 18.36
CA ILE C 289 -40.63 -23.52 17.90
C ILE C 289 -41.64 -22.79 17.01
N ALA C 290 -41.99 -21.56 17.38
CA ALA C 290 -43.14 -20.86 16.78
C ALA C 290 -43.01 -20.62 15.29
N LEU C 291 -44.16 -20.57 14.60
CA LEU C 291 -44.20 -20.32 13.17
C LEU C 291 -43.75 -18.88 12.83
N ASP C 292 -43.81 -17.97 13.80
CA ASP C 292 -43.33 -16.62 13.52
C ASP C 292 -41.99 -16.34 14.21
N SER C 293 -41.35 -17.39 14.70
CA SER C 293 -40.07 -17.26 15.39
C SER C 293 -39.00 -16.86 14.40
N HIS C 294 -38.02 -16.11 14.88
CA HIS C 294 -36.93 -15.66 14.02
C HIS C 294 -36.21 -16.80 13.27
N ILE C 295 -35.76 -17.81 14.00
CA ILE C 295 -34.92 -18.82 13.36
C ILE C 295 -35.70 -19.74 12.43
N ARG C 296 -36.94 -20.04 12.79
CA ARG C 296 -37.74 -20.91 11.95
C ARG C 296 -38.07 -20.29 10.60
N LEU C 297 -38.23 -18.96 10.58
CA LEU C 297 -38.46 -18.26 9.32
C LEU C 297 -37.17 -18.04 8.53
N ALA C 298 -36.11 -17.67 9.24
CA ALA C 298 -34.81 -17.38 8.60
C ALA C 298 -34.24 -18.64 7.97
N ASN C 299 -34.40 -19.77 8.65
CA ASN C 299 -33.95 -21.04 8.12
C ASN C 299 -34.97 -22.14 8.40
N PRO C 300 -35.87 -22.38 7.43
CA PRO C 300 -36.91 -23.41 7.49
C PRO C 300 -36.30 -24.81 7.52
N ARG C 301 -35.05 -24.91 7.09
CA ARG C 301 -34.32 -26.17 7.12
C ARG C 301 -34.97 -27.27 6.26
N THR C 302 -35.36 -26.90 5.06
CA THR C 302 -35.78 -27.86 4.05
C THR C 302 -34.62 -28.05 3.07
N ALA C 303 -34.77 -29.00 2.15
CA ALA C 303 -33.73 -29.25 1.15
C ALA C 303 -33.56 -28.01 0.29
N GLU C 304 -34.67 -27.34 0.02
CA GLU C 304 -34.67 -26.19 -0.87
C GLU C 304 -34.05 -24.96 -0.23
N SER C 305 -34.37 -24.72 1.04
CA SER C 305 -33.95 -23.50 1.71
C SER C 305 -32.42 -23.36 1.80
N GLU C 306 -31.70 -24.46 1.60
CA GLU C 306 -30.23 -24.40 1.68
C GLU C 306 -29.60 -23.46 0.66
N SER C 307 -30.33 -23.14 -0.41
CA SER C 307 -29.78 -22.21 -1.40
C SER C 307 -29.67 -20.79 -0.83
N SER C 308 -30.20 -20.56 0.37
CA SER C 308 -30.23 -19.21 0.94
C SER C 308 -29.27 -19.00 2.13
N LEU C 309 -28.31 -19.90 2.30
CA LEU C 309 -27.31 -19.75 3.35
C LEU C 309 -26.52 -18.48 3.08
N LEU C 311 -23.30 -15.67 5.09
CA LEU C 311 -22.40 -15.45 6.20
C LEU C 311 -22.72 -14.12 6.87
N ARG C 312 -23.20 -14.20 8.10
CA ARG C 312 -23.55 -13.01 8.87
C ARG C 312 -22.33 -12.58 9.65
N ARG C 313 -22.10 -11.27 9.72
CA ARG C 313 -20.93 -10.75 10.44
C ARG C 313 -21.33 -9.41 11.04
N GLY C 314 -22.34 -9.46 11.90
CA GLY C 314 -22.93 -8.24 12.45
C GLY C 314 -22.34 -7.75 13.77
N TYR C 315 -22.53 -6.46 14.02
CA TYR C 315 -22.03 -5.82 15.23
C TYR C 315 -23.15 -5.08 15.94
N SER C 316 -23.03 -4.93 17.26
CA SER C 316 -23.95 -4.07 18.02
C SER C 316 -23.57 -2.60 17.90
N TYR C 317 -24.53 -1.72 18.10
CA TYR C 317 -24.23 -0.31 18.22
C TYR C 317 -25.00 0.32 19.37
N SER C 318 -24.47 1.41 19.89
CA SER C 318 -25.09 2.15 20.96
C SER C 318 -24.78 3.61 20.78
N LEU C 319 -25.82 4.42 20.60
CA LEU C 319 -25.61 5.83 20.34
C LEU C 319 -26.09 6.66 21.51
N GLY C 320 -27.11 7.47 21.30
CA GLY C 320 -27.66 8.31 22.34
C GLY C 320 -29.11 7.94 22.57
N VAL C 321 -29.99 8.92 22.48
CA VAL C 321 -31.42 8.66 22.59
C VAL C 321 -32.09 9.05 21.28
N THR C 322 -33.08 8.26 20.86
CA THR C 322 -33.76 8.51 19.60
C THR C 322 -34.61 9.76 19.73
N ASN C 323 -35.28 10.12 18.63
CA ASN C 323 -36.23 11.23 18.62
C ASN C 323 -37.30 11.10 19.71
N SER C 324 -37.78 9.89 19.91
CA SER C 324 -38.94 9.65 20.77
C SER C 324 -38.55 9.42 22.23
N GLY C 325 -37.32 9.77 22.56
CA GLY C 325 -36.86 9.69 23.94
C GLY C 325 -36.41 8.31 24.41
N GLN C 326 -36.11 7.41 23.48
CA GLN C 326 -35.72 6.05 23.85
C GLN C 326 -34.24 5.77 23.57
N LEU C 327 -33.66 4.84 24.32
CA LEU C 327 -32.26 4.45 24.08
C LEU C 327 -32.04 4.07 22.61
N ASP C 328 -31.04 4.66 21.97
CA ASP C 328 -30.72 4.31 20.59
C ASP C 328 -29.63 3.23 20.56
N GLY C 330 -28.93 -1.01 18.82
CA GLY C 330 -29.39 -2.00 17.88
C GLY C 330 -28.29 -2.81 17.25
N LEU C 331 -28.47 -3.11 15.97
CA LEU C 331 -27.62 -4.02 15.24
C LEU C 331 -27.14 -3.39 13.94
N LEU C 332 -25.85 -3.51 13.65
CA LEU C 332 -25.33 -3.21 12.33
C LEU C 332 -25.24 -4.56 11.64
N PHE C 333 -26.34 -4.94 10.99
CA PHE C 333 -26.41 -6.22 10.32
C PHE C 333 -25.57 -6.16 9.05
N VAL C 334 -24.67 -7.11 8.89
CA VAL C 334 -23.93 -7.27 7.64
C VAL C 334 -23.90 -8.74 7.24
N CYS C 335 -24.21 -9.04 6.00
CA CYS C 335 -24.09 -10.42 5.53
C CYS C 335 -23.49 -10.48 4.12
N TYR C 336 -22.85 -11.61 3.83
CA TYR C 336 -22.13 -11.84 2.59
C TYR C 336 -22.68 -13.10 1.94
N GLN C 337 -22.83 -13.08 0.62
CA GLN C 337 -23.37 -14.23 -0.10
C GLN C 337 -23.03 -14.19 -1.58
N HIS C 338 -22.98 -15.36 -2.20
CA HIS C 338 -22.61 -15.46 -3.60
C HIS C 338 -23.67 -14.84 -4.47
N ASP C 339 -24.87 -14.73 -3.93
CA ASP C 339 -26.00 -14.21 -4.70
C ASP C 339 -27.03 -13.45 -3.87
N LEU C 340 -27.18 -12.17 -4.14
CA LEU C 340 -28.01 -11.30 -3.31
C LEU C 340 -29.48 -11.69 -3.27
N GLU C 341 -30.03 -12.10 -4.41
CA GLU C 341 -31.43 -12.53 -4.49
C GLU C 341 -31.66 -13.85 -3.76
N LYS C 342 -30.72 -14.78 -3.92
CA LYS C 342 -30.85 -16.12 -3.35
C LYS C 342 -30.62 -16.13 -1.85
N GLY C 343 -29.82 -15.18 -1.36
CA GLY C 343 -29.54 -15.07 0.06
C GLY C 343 -30.43 -14.04 0.74
N PHE C 344 -29.87 -12.87 1.00
CA PHE C 344 -30.55 -11.88 1.83
C PHE C 344 -31.97 -11.54 1.41
N LEU C 345 -32.19 -11.31 0.12
CA LEU C 345 -33.52 -10.92 -0.35
C LEU C 345 -34.54 -12.02 -0.10
N THR C 346 -34.10 -13.26 -0.27
CA THR C 346 -34.95 -14.42 -0.06
C THR C 346 -35.25 -14.59 1.42
N VAL C 347 -34.20 -14.47 2.23
CA VAL C 347 -34.36 -14.67 3.67
C VAL C 347 -35.20 -13.58 4.32
N GLN C 348 -34.98 -12.32 3.96
CA GLN C 348 -35.78 -11.25 4.55
C GLN C 348 -37.25 -11.33 4.13
N LYS C 349 -37.49 -11.89 2.95
CA LYS C 349 -38.86 -12.09 2.48
C LYS C 349 -39.58 -13.03 3.41
N ARG C 350 -38.88 -14.09 3.81
CA ARG C 350 -39.43 -15.04 4.77
C ARG C 350 -39.68 -14.37 6.11
N LEU C 351 -38.77 -13.48 6.50
CA LEU C 351 -38.83 -12.84 7.81
C LEU C 351 -39.94 -11.81 7.94
N ASN C 352 -40.48 -11.33 6.80
CA ASN C 352 -41.51 -10.30 6.86
C ASN C 352 -42.66 -10.78 7.72
N GLY C 353 -43.06 -9.97 8.70
CA GLY C 353 -44.14 -10.34 9.58
C GLY C 353 -43.72 -11.10 10.82
N GLU C 354 -42.42 -11.36 10.98
CA GLU C 354 -41.95 -12.17 12.12
C GLU C 354 -42.28 -11.51 13.47
N ALA C 355 -42.32 -12.30 14.54
CA ALA C 355 -42.65 -11.77 15.86
C ALA C 355 -41.67 -10.69 16.32
N LEU C 356 -40.43 -10.78 15.88
CA LEU C 356 -39.41 -9.83 16.32
C LEU C 356 -39.71 -8.40 15.85
N GLU C 357 -40.50 -8.26 14.80
CA GLU C 357 -40.72 -6.97 14.18
C GLU C 357 -41.21 -5.86 15.13
N GLU C 358 -41.96 -6.22 16.18
CA GLU C 358 -42.44 -5.15 17.05
C GLU C 358 -41.33 -4.59 17.94
N TYR C 359 -40.22 -5.31 18.03
CA TYR C 359 -39.09 -4.88 18.82
C TYR C 359 -37.92 -4.28 18.04
N VAL C 360 -38.00 -4.29 16.70
CA VAL C 360 -36.90 -3.77 15.89
C VAL C 360 -37.39 -2.87 14.77
N LYS C 361 -36.47 -2.13 14.18
CA LYS C 361 -36.83 -1.15 13.17
C LYS C 361 -35.64 -0.83 12.27
N PRO C 362 -35.62 -1.42 11.08
CA PRO C 362 -34.61 -1.09 10.07
C PRO C 362 -34.76 0.36 9.58
N ILE C 363 -33.68 1.14 9.68
CA ILE C 363 -33.74 2.54 9.26
C ILE C 363 -32.70 2.89 8.21
N GLY C 364 -31.87 1.92 7.81
CA GLY C 364 -30.79 2.27 6.90
C GLY C 364 -29.96 1.09 6.43
N GLY C 365 -28.92 1.41 5.66
CA GLY C 365 -28.06 0.39 5.08
C GLY C 365 -28.04 0.48 3.56
N GLY C 366 -27.90 -0.67 2.92
CA GLY C 366 -27.84 -0.72 1.48
C GLY C 366 -27.31 -2.03 0.96
N TYR C 367 -27.29 -2.16 -0.37
CA TYR C 367 -26.71 -3.34 -1.00
C TYR C 367 -25.45 -2.90 -1.73
N PHE C 368 -24.46 -3.78 -1.73
CA PHE C 368 -23.15 -3.46 -2.25
C PHE C 368 -22.50 -4.74 -2.74
N PHE C 369 -21.50 -4.61 -3.61
CA PHE C 369 -20.71 -5.76 -4.01
C PHE C 369 -19.26 -5.62 -3.55
N ALA C 370 -18.83 -6.53 -2.68
CA ALA C 370 -17.49 -6.51 -2.15
C ALA C 370 -16.55 -7.05 -3.22
N LEU C 371 -15.60 -6.21 -3.63
CA LEU C 371 -14.67 -6.55 -4.69
C LEU C 371 -13.84 -7.77 -4.32
N PRO C 372 -13.30 -8.46 -5.33
CA PRO C 372 -12.33 -9.53 -5.15
C PRO C 372 -11.09 -8.96 -4.47
N GLY C 373 -10.19 -9.81 -3.99
CA GLY C 373 -8.98 -9.33 -3.34
C GLY C 373 -8.00 -8.62 -4.26
N VAL C 374 -7.05 -7.92 -3.64
CA VAL C 374 -5.92 -7.35 -4.38
C VAL C 374 -4.79 -8.35 -4.22
N LYS C 375 -4.28 -8.82 -5.35
CA LYS C 375 -3.37 -9.96 -5.33
C LYS C 375 -2.04 -9.64 -4.67
N ASP C 376 -1.48 -8.48 -4.99
CA ASP C 376 -0.22 -8.06 -4.40
C ASP C 376 0.05 -6.60 -4.70
N ALA C 377 1.29 -6.15 -4.46
CA ALA C 377 1.57 -4.73 -4.60
C ALA C 377 1.49 -4.26 -6.05
N ASN C 378 1.50 -5.20 -6.99
CA ASN C 378 1.43 -4.85 -8.41
C ASN C 378 0.00 -4.70 -8.93
N ASP C 379 -0.96 -4.88 -8.02
CA ASP C 379 -2.37 -4.86 -8.37
C ASP C 379 -3.05 -3.79 -7.51
N TYR C 380 -4.29 -3.45 -7.81
CA TYR C 380 -5.07 -2.57 -6.95
C TYR C 380 -6.52 -3.04 -6.87
N LEU C 381 -7.19 -2.67 -5.78
CA LEU C 381 -8.61 -2.97 -5.64
C LEU C 381 -9.39 -2.42 -6.84
N GLY C 382 -10.19 -3.26 -7.47
CA GLY C 382 -11.07 -2.83 -8.53
C GLY C 382 -10.45 -2.82 -9.92
N SER C 383 -9.24 -3.38 -10.03
CA SER C 383 -8.57 -3.42 -11.34
C SER C 383 -9.38 -4.18 -12.39
N ALA C 384 -9.84 -5.38 -12.07
CA ALA C 384 -10.63 -6.16 -13.02
C ALA C 384 -11.90 -5.42 -13.45
N LEU C 385 -12.59 -4.83 -12.47
CA LEU C 385 -13.79 -4.05 -12.73
C LEU C 385 -13.54 -2.93 -13.74
N LEU C 386 -12.37 -2.28 -13.65
CA LEU C 386 -12.14 -1.11 -14.47
C LEU C 386 -11.61 -1.46 -15.86
N ARG C 387 -11.11 -2.68 -16.03
CA ARG C 387 -10.66 -3.15 -17.34
C ARG C 387 -11.72 -4.05 -17.98
N VAL D 13 -5.80 -9.05 36.68
CA VAL D 13 -6.78 -9.30 35.62
C VAL D 13 -7.70 -8.11 35.40
N ALA D 14 -7.90 -7.75 34.14
CA ALA D 14 -8.73 -6.58 33.79
C ALA D 14 -10.17 -6.69 34.30
N ARG D 15 -10.91 -7.67 33.78
CA ARG D 15 -12.33 -7.86 34.09
C ARG D 15 -12.61 -7.95 35.59
N ASN D 16 -11.65 -8.46 36.36
CA ASN D 16 -11.88 -8.69 37.77
C ASN D 16 -11.43 -7.57 38.70
N GLU D 17 -10.84 -6.50 38.16
CA GLU D 17 -10.51 -5.31 38.97
C GLU D 17 -11.77 -4.66 39.52
N LYS D 18 -11.73 -4.29 40.80
CA LYS D 18 -12.79 -3.51 41.44
C LYS D 18 -12.27 -2.16 41.93
N GLN D 19 -13.13 -1.14 41.85
CA GLN D 19 -12.88 0.11 42.55
C GLN D 19 -13.83 0.22 43.72
N PRO D 20 -13.30 0.53 44.92
CA PRO D 20 -14.17 0.69 46.09
C PRO D 20 -15.36 1.60 45.80
N PHE D 21 -16.53 1.20 46.26
CA PHE D 21 -17.73 1.99 46.10
C PHE D 21 -17.93 2.93 47.31
N TYR D 22 -17.75 2.39 48.50
CA TYR D 22 -17.97 3.13 49.75
C TYR D 22 -16.75 3.98 50.09
N GLY D 23 -17.00 5.13 50.69
CA GLY D 23 -15.91 5.96 51.19
C GLY D 23 -16.32 7.36 51.57
N GLU D 24 -15.32 8.17 51.89
CA GLU D 24 -15.52 9.57 52.19
C GLU D 24 -16.08 10.28 50.95
N HIS D 25 -15.57 9.89 49.79
CA HIS D 25 -16.03 10.46 48.53
C HIS D 25 -16.60 9.37 47.62
N GLN D 26 -17.33 9.80 46.60
CA GLN D 26 -17.76 8.87 45.55
C GLN D 26 -16.55 8.48 44.69
N ALA D 27 -16.58 7.28 44.11
CA ALA D 27 -15.56 6.92 43.13
C ALA D 27 -15.82 7.68 41.82
N GLY D 28 -14.87 7.63 40.89
CA GLY D 28 -15.10 8.16 39.56
C GLY D 28 -14.61 9.58 39.40
N ILE D 29 -14.13 10.15 40.50
CA ILE D 29 -13.60 11.51 40.48
C ILE D 29 -12.07 11.50 40.52
N LEU D 30 -11.50 10.95 41.57
CA LEU D 30 -10.05 10.77 41.67
C LEU D 30 -9.58 9.50 40.97
N THR D 31 -10.49 8.54 40.79
CA THR D 31 -10.18 7.29 40.09
C THR D 31 -9.48 7.55 38.76
N PRO D 32 -8.36 6.87 38.51
CA PRO D 32 -7.74 7.04 37.18
C PRO D 32 -8.73 6.62 36.12
N GLN D 33 -8.66 7.24 34.95
CA GLN D 33 -9.65 7.02 33.90
C GLN D 33 -9.65 5.61 33.34
N GLN D 34 -10.83 5.00 33.34
CA GLN D 34 -11.08 3.73 32.69
C GLN D 34 -11.27 3.96 31.20
N ALA D 35 -11.24 2.89 30.42
CA ALA D 35 -11.22 3.04 28.98
C ALA D 35 -12.56 3.50 28.42
N ALA D 36 -13.65 3.15 29.09
CA ALA D 36 -14.98 3.42 28.52
C ALA D 36 -15.83 4.20 29.50
N LEU D 39 -22.09 9.25 30.02
CA LEU D 39 -22.74 10.30 30.78
C LEU D 39 -24.20 10.11 30.47
N VAL D 40 -25.01 9.97 31.51
CA VAL D 40 -26.44 9.84 31.30
C VAL D 40 -27.21 10.73 32.29
N ALA D 41 -28.03 11.61 31.73
CA ALA D 41 -28.85 12.51 32.53
C ALA D 41 -30.27 11.96 32.55
N PHE D 42 -30.91 12.07 33.71
CA PHE D 42 -32.29 11.65 33.87
C PHE D 42 -33.18 12.79 34.38
N ASP D 43 -34.44 12.75 33.99
CA ASP D 43 -35.51 13.46 34.69
C ASP D 43 -35.97 12.62 35.88
N VAL D 44 -36.03 13.23 37.06
CA VAL D 44 -36.52 12.49 38.20
C VAL D 44 -38.06 12.53 38.23
N LEU D 45 -38.66 11.34 38.38
CA LEU D 45 -40.10 11.17 38.29
C LEU D 45 -40.73 11.13 39.68
N ALA D 46 -39.89 10.98 40.70
CA ALA D 46 -40.35 10.96 42.08
C ALA D 46 -41.26 12.14 42.31
N SER D 47 -42.37 11.92 43.02
CA SER D 47 -43.28 13.02 43.33
C SER D 47 -42.99 13.60 44.72
N ASP D 48 -42.68 12.73 45.67
CA ASP D 48 -42.42 13.18 47.04
C ASP D 48 -40.95 13.28 47.30
N LYS D 49 -40.59 13.95 48.40
CA LYS D 49 -39.25 13.82 48.94
C LYS D 49 -39.07 12.39 49.42
N ALA D 50 -40.18 11.75 49.74
CA ALA D 50 -40.15 10.37 50.20
C ALA D 50 -39.74 9.46 49.05
N ASP D 51 -40.41 9.62 47.90
CA ASP D 51 -40.04 8.89 46.69
C ASP D 51 -38.57 9.11 46.37
N LEU D 52 -38.13 10.36 46.50
CA LEU D 52 -36.75 10.72 46.18
C LEU D 52 -35.78 9.90 47.02
N GLU D 53 -36.07 9.81 48.32
CA GLU D 53 -35.26 8.99 49.21
C GLU D 53 -35.29 7.52 48.80
N ARG D 54 -36.46 7.04 48.38
CA ARG D 54 -36.56 5.66 47.88
C ARG D 54 -35.58 5.48 46.72
N LEU D 55 -35.59 6.43 45.79
CA LEU D 55 -34.71 6.40 44.63
C LEU D 55 -33.22 6.36 45.02
N PHE D 56 -32.79 7.30 45.84
CA PHE D 56 -31.39 7.32 46.28
C PHE D 56 -30.94 6.02 46.98
N ARG D 57 -31.82 5.44 47.80
CA ARG D 57 -31.48 4.18 48.48
C ARG D 57 -31.39 3.05 47.47
N LEU D 58 -32.35 3.02 46.55
CA LEU D 58 -32.37 2.01 45.49
C LEU D 58 -31.13 2.12 44.59
N LEU D 59 -30.80 3.33 44.15
CA LEU D 59 -29.61 3.56 43.32
C LEU D 59 -28.37 3.12 44.06
N THR D 60 -28.30 3.41 45.35
CA THR D 60 -27.12 3.04 46.13
C THR D 60 -26.92 1.53 46.12
N GLN D 61 -28.02 0.80 46.27
CA GLN D 61 -28.00 -0.67 46.28
C GLN D 61 -27.56 -1.22 44.93
N ARG D 62 -28.13 -0.70 43.85
CA ARG D 62 -27.72 -1.16 42.54
C ARG D 62 -26.22 -0.86 42.28
N PHE D 63 -25.78 0.36 42.56
CA PHE D 63 -24.37 0.71 42.35
C PHE D 63 -23.45 -0.19 43.18
N ALA D 64 -23.81 -0.43 44.44
CA ALA D 64 -22.98 -1.25 45.29
C ALA D 64 -22.80 -2.65 44.69
N PHE D 65 -23.88 -3.20 44.13
CA PHE D 65 -23.82 -4.53 43.51
C PHE D 65 -22.99 -4.54 42.22
N LEU D 66 -23.34 -3.63 41.31
CA LEU D 66 -22.69 -3.56 40.00
C LEU D 66 -21.17 -3.36 40.10
N THR D 67 -20.74 -2.43 40.95
CA THR D 67 -19.31 -2.08 41.06
C THR D 67 -18.45 -3.19 41.68
N GLN D 68 -19.04 -4.04 42.52
CA GLN D 68 -18.23 -5.08 43.16
C GLN D 68 -18.35 -6.43 42.44
N GLY D 69 -19.39 -6.58 41.62
CA GLY D 69 -19.54 -7.76 40.77
C GLY D 69 -20.15 -8.96 41.48
N GLY D 70 -20.50 -9.99 40.73
CA GLY D 70 -21.11 -11.18 41.28
C GLY D 70 -22.01 -11.84 40.27
N ALA D 71 -22.60 -12.97 40.64
CA ALA D 71 -23.49 -13.67 39.70
C ALA D 71 -24.63 -12.76 39.24
N ALA D 72 -25.00 -12.85 37.97
CA ALA D 72 -26.18 -12.16 37.48
C ALA D 72 -27.44 -12.68 38.17
N PRO D 73 -28.42 -11.80 38.43
CA PRO D 73 -29.69 -12.27 38.99
C PRO D 73 -30.35 -13.24 38.02
N GLU D 74 -30.76 -14.40 38.52
CA GLU D 74 -31.43 -15.41 37.69
C GLU D 74 -32.91 -15.08 37.54
N THR D 75 -33.58 -15.80 36.64
CA THR D 75 -35.01 -15.62 36.39
C THR D 75 -35.73 -16.97 36.52
N PRO D 76 -36.01 -17.39 37.77
CA PRO D 76 -36.59 -18.69 38.08
C PRO D 76 -37.92 -18.87 37.34
N ASN D 77 -38.66 -17.77 37.23
CA ASN D 77 -39.97 -17.78 36.61
C ASN D 77 -39.98 -17.01 35.29
N PRO D 78 -39.98 -17.75 34.16
CA PRO D 78 -39.85 -17.17 32.82
C PRO D 78 -41.03 -16.26 32.46
N ARG D 79 -42.10 -16.31 33.24
CA ARG D 79 -43.26 -15.45 32.97
C ARG D 79 -42.96 -13.99 33.30
N LEU D 80 -41.89 -13.76 34.04
CA LEU D 80 -41.45 -12.42 34.36
C LEU D 80 -40.38 -11.94 33.38
N PRO D 81 -40.26 -10.61 33.20
CA PRO D 81 -39.12 -10.16 32.38
C PRO D 81 -37.84 -10.63 33.06
N PRO D 82 -36.77 -10.84 32.27
CA PRO D 82 -35.51 -11.28 32.88
C PRO D 82 -35.04 -10.28 33.93
N LEU D 83 -34.50 -10.77 35.05
CA LEU D 83 -34.03 -9.89 36.11
C LEU D 83 -32.71 -9.24 35.74
N ASP D 84 -32.05 -9.78 34.72
CA ASP D 84 -30.85 -9.18 34.18
C ASP D 84 -30.94 -9.18 32.65
N SER D 85 -30.39 -8.16 32.01
CA SER D 85 -30.44 -8.02 30.55
C SER D 85 -29.74 -9.16 29.83
N GLY D 86 -28.75 -9.78 30.50
CA GLY D 86 -28.05 -10.92 29.96
C GLY D 86 -26.90 -10.60 29.01
N ILE D 87 -26.62 -9.32 28.79
CA ILE D 87 -25.62 -8.96 27.78
C ILE D 87 -24.18 -9.25 28.21
N LEU D 88 -23.98 -9.50 29.50
CA LEU D 88 -22.67 -9.90 30.01
C LEU D 88 -22.59 -11.40 30.31
N GLY D 89 -23.66 -12.14 30.04
CA GLY D 89 -23.72 -13.54 30.39
C GLY D 89 -24.16 -13.70 31.84
N GLY D 90 -23.82 -14.82 32.46
CA GLY D 90 -24.28 -15.15 33.80
C GLY D 90 -23.48 -14.57 34.95
N TYR D 91 -22.32 -13.98 34.66
CA TYR D 91 -21.55 -13.32 35.71
C TYR D 91 -21.39 -11.85 35.39
N ILE D 92 -21.61 -11.01 36.39
CA ILE D 92 -21.42 -9.56 36.24
C ILE D 92 -20.06 -9.19 36.81
N ALA D 93 -19.06 -9.10 35.94
CA ALA D 93 -17.72 -8.70 36.38
C ALA D 93 -17.72 -7.22 36.76
N PRO D 94 -16.90 -6.86 37.77
CA PRO D 94 -16.78 -5.46 38.20
C PRO D 94 -16.16 -4.64 37.10
N ASP D 95 -15.11 -5.18 36.48
CA ASP D 95 -14.50 -4.53 35.31
C ASP D 95 -14.17 -3.05 35.57
N ASN D 96 -13.74 -2.77 36.80
CA ASN D 96 -13.26 -1.44 37.16
C ASN D 96 -14.35 -0.38 37.17
N LEU D 97 -15.60 -0.84 37.24
CA LEU D 97 -16.75 0.04 37.18
C LEU D 97 -16.79 1.05 38.33
N THR D 98 -17.03 2.30 37.99
CA THR D 98 -17.39 3.31 38.97
C THR D 98 -18.65 4.01 38.49
N ILE D 99 -19.49 4.41 39.42
CA ILE D 99 -20.68 5.17 39.08
C ILE D 99 -20.72 6.39 39.97
N THR D 100 -20.80 7.56 39.35
CA THR D 100 -20.81 8.83 40.09
C THR D 100 -22.14 9.53 39.91
N LEU D 101 -22.81 9.83 41.02
CA LEU D 101 -24.11 10.48 40.99
C LEU D 101 -23.98 11.97 41.33
N SER D 102 -24.55 12.80 40.48
CA SER D 102 -24.56 14.24 40.73
C SER D 102 -25.99 14.74 40.49
N VAL D 103 -26.30 15.90 41.07
CA VAL D 103 -27.66 16.44 41.02
C VAL D 103 -27.65 17.86 40.46
N GLY D 104 -28.65 18.17 39.64
CA GLY D 104 -28.75 19.46 38.98
C GLY D 104 -29.50 20.51 39.76
N HIS D 105 -29.32 21.77 39.35
CA HIS D 105 -30.05 22.90 39.93
C HIS D 105 -31.54 22.57 40.07
N SER D 106 -32.13 22.01 39.03
CA SER D 106 -33.56 21.68 39.01
C SER D 106 -34.05 20.73 40.11
N LEU D 107 -33.15 19.93 40.69
CA LEU D 107 -33.57 19.03 41.76
C LEU D 107 -33.96 19.83 43.01
N PHE D 108 -33.53 21.08 43.05
CA PHE D 108 -33.72 21.93 44.23
C PHE D 108 -34.90 22.88 44.09
N ASP D 109 -35.84 22.55 43.22
CA ASP D 109 -37.01 23.42 43.06
C ASP D 109 -38.07 23.10 44.12
N GLU D 110 -39.34 23.26 43.77
CA GLU D 110 -40.44 23.13 44.72
C GLU D 110 -40.83 21.69 45.06
N ARG D 111 -40.33 20.72 44.30
CA ARG D 111 -40.83 19.35 44.41
C ARG D 111 -40.46 18.62 45.70
N PHE D 112 -39.23 18.79 46.16
CA PHE D 112 -38.70 17.89 47.18
C PHE D 112 -38.29 18.58 48.48
N GLY D 113 -38.63 19.86 48.58
CA GLY D 113 -38.31 20.64 49.76
C GLY D 113 -36.82 20.82 50.00
N LEU D 114 -36.04 20.87 48.93
CA LEU D 114 -34.59 20.94 49.06
C LEU D 114 -34.01 22.34 48.81
N ALA D 115 -34.86 23.24 48.32
CA ALA D 115 -34.43 24.62 48.04
C ALA D 115 -33.38 25.19 48.98
N PRO D 116 -33.61 25.11 50.31
CA PRO D 116 -32.66 25.68 51.28
C PRO D 116 -31.34 24.95 51.32
N GLN D 117 -31.30 23.76 50.72
CA GLN D 117 -30.13 22.90 50.77
C GLN D 117 -29.22 23.09 49.58
N PRO D 119 -26.48 24.06 46.98
CA PRO D 119 -25.10 24.55 46.98
C PRO D 119 -25.06 25.99 46.52
N LYS D 120 -24.24 26.82 47.17
CA LYS D 120 -24.29 28.25 46.90
C LYS D 120 -24.09 28.60 45.42
N LYS D 121 -23.23 27.84 44.74
CA LYS D 121 -22.86 28.17 43.36
C LYS D 121 -23.59 27.39 42.29
N LEU D 122 -24.41 26.40 42.68
CA LEU D 122 -25.12 25.61 41.70
C LEU D 122 -26.12 26.48 40.97
N GLN D 123 -26.21 26.28 39.66
CA GLN D 123 -27.09 27.06 38.81
C GLN D 123 -27.41 26.26 37.57
N LYS D 124 -28.36 26.76 36.79
CA LYS D 124 -28.63 26.19 35.48
C LYS D 124 -27.62 26.77 34.50
N THR D 126 -26.06 28.37 31.38
CA THR D 126 -26.52 29.30 30.35
C THR D 126 -25.47 29.32 29.25
N ARG D 127 -25.89 29.68 28.04
CA ARG D 127 -24.98 29.59 26.91
C ARG D 127 -23.83 30.60 26.92
N PHE D 128 -22.70 30.19 26.37
CA PHE D 128 -21.54 31.05 26.22
C PHE D 128 -21.49 31.52 24.76
N PRO D 129 -20.67 32.54 24.47
CA PRO D 129 -20.66 33.12 23.13
C PRO D 129 -20.52 32.09 22.00
N ASN D 130 -19.65 31.09 22.17
CA ASN D 130 -19.36 30.15 21.09
C ASN D 130 -20.28 28.93 21.02
N ASP D 131 -21.21 28.84 21.98
CA ASP D 131 -22.13 27.71 22.08
C ASP D 131 -23.20 27.63 20.99
N SER D 132 -23.57 26.41 20.63
CA SER D 132 -24.81 26.11 19.94
C SER D 132 -25.56 25.06 20.76
N LEU D 133 -26.00 25.45 21.96
CA LEU D 133 -26.68 24.52 22.87
C LEU D 133 -27.93 23.91 22.27
N ASP D 134 -28.01 22.58 22.33
CA ASP D 134 -29.16 21.80 21.89
C ASP D 134 -29.98 21.44 23.13
N ALA D 135 -31.20 21.97 23.20
CA ALA D 135 -32.06 21.76 24.37
C ALA D 135 -32.10 20.29 24.84
N ALA D 136 -32.12 19.37 23.88
CA ALA D 136 -32.23 17.93 24.18
C ALA D 136 -30.99 17.33 24.85
N LEU D 137 -29.89 18.07 24.83
CA LEU D 137 -28.63 17.58 25.37
C LEU D 137 -28.18 18.36 26.59
N CYS D 138 -29.08 19.16 27.16
CA CYS D 138 -28.71 20.00 28.30
C CYS D 138 -29.44 19.66 29.59
N HIS D 139 -28.75 19.84 30.71
CA HIS D 139 -29.35 19.82 32.04
C HIS D 139 -29.77 18.43 32.56
N GLY D 140 -30.64 18.43 33.57
CA GLY D 140 -31.11 17.20 34.18
C GLY D 140 -31.17 17.26 35.70
N ASP D 141 -32.19 16.63 36.27
CA ASP D 141 -32.31 16.48 37.72
C ASP D 141 -31.10 15.77 38.31
N VAL D 142 -30.64 14.70 37.65
CA VAL D 142 -29.47 13.94 38.10
C VAL D 142 -28.68 13.45 36.90
N LEU D 143 -27.38 13.28 37.11
CA LEU D 143 -26.48 12.79 36.08
C LEU D 143 -25.72 11.61 36.66
N LEU D 144 -25.64 10.52 35.90
CA LEU D 144 -24.73 9.45 36.27
C LEU D 144 -23.54 9.47 35.31
N GLN D 145 -22.35 9.43 35.88
CA GLN D 145 -21.14 9.22 35.12
C GLN D 145 -20.76 7.76 35.36
N ILE D 146 -20.85 6.94 34.32
CA ILE D 146 -20.62 5.50 34.47
C ILE D 146 -19.36 5.13 33.68
N CYS D 147 -18.31 4.69 34.38
CA CYS D 147 -17.01 4.37 33.76
C CYS D 147 -16.55 2.95 34.09
N ALA D 148 -15.93 2.28 33.11
CA ALA D 148 -15.47 0.90 33.28
C ALA D 148 -14.47 0.54 32.18
N ASN D 149 -13.84 -0.61 32.32
CA ASN D 149 -12.87 -1.06 31.31
C ASN D 149 -13.49 -1.21 29.92
N THR D 150 -14.74 -1.66 29.87
CA THR D 150 -15.38 -1.91 28.57
C THR D 150 -16.77 -1.31 28.48
N GLN D 151 -17.13 -0.94 27.26
CA GLN D 151 -18.48 -0.47 26.95
C GLN D 151 -19.59 -1.45 27.40
N ASP D 152 -19.36 -2.76 27.24
CA ASP D 152 -20.32 -3.76 27.70
C ASP D 152 -20.80 -3.49 29.13
N THR D 153 -19.83 -3.31 30.03
CA THR D 153 -20.09 -3.14 31.44
C THR D 153 -20.91 -1.89 31.73
N VAL D 154 -20.59 -0.81 31.02
CA VAL D 154 -21.29 0.46 31.20
C VAL D 154 -22.74 0.32 30.74
N ILE D 155 -22.93 -0.23 29.55
CA ILE D 155 -24.29 -0.44 29.04
C ILE D 155 -25.10 -1.35 29.94
N HIS D 156 -24.48 -2.44 30.39
CA HIS D 156 -25.16 -3.32 31.34
C HIS D 156 -25.59 -2.56 32.60
N ALA D 157 -24.69 -1.78 33.16
CA ALA D 157 -25.01 -1.00 34.34
C ALA D 157 -26.23 -0.09 34.07
N LEU D 158 -26.25 0.54 32.89
CA LEU D 158 -27.35 1.45 32.54
C LEU D 158 -28.70 0.74 32.52
N ARG D 159 -28.76 -0.41 31.85
CA ARG D 159 -30.01 -1.14 31.71
C ARG D 159 -30.48 -1.76 33.03
N ASP D 160 -29.55 -2.12 33.91
CA ASP D 160 -29.90 -2.58 35.24
C ASP D 160 -30.57 -1.44 36.03
N ILE D 161 -29.91 -0.29 36.00
CA ILE D 161 -30.41 0.90 36.68
C ILE D 161 -31.81 1.26 36.18
N ILE D 162 -31.96 1.34 34.87
CA ILE D 162 -33.24 1.62 34.26
C ILE D 162 -34.30 0.60 34.67
N LYS D 163 -33.97 -0.69 34.56
CA LYS D 163 -34.91 -1.74 34.95
CA LYS D 163 -34.94 -1.72 34.95
C LYS D 163 -35.48 -1.49 36.34
N HIS D 164 -34.62 -1.00 37.25
CA HIS D 164 -34.96 -0.86 38.66
C HIS D 164 -35.61 0.47 39.04
N THR D 165 -35.91 1.31 38.06
CA THR D 165 -36.42 2.65 38.35
C THR D 165 -37.49 3.15 37.38
N PRO D 166 -38.33 2.24 36.84
CA PRO D 166 -39.25 2.68 35.78
C PRO D 166 -40.20 3.78 36.26
N ASP D 167 -40.41 3.85 37.57
CA ASP D 167 -41.35 4.80 38.15
C ASP D 167 -40.66 6.03 38.72
N LEU D 168 -39.34 6.07 38.63
CA LEU D 168 -38.56 7.11 39.30
C LEU D 168 -37.59 7.86 38.40
N LEU D 169 -37.15 7.22 37.32
CA LEU D 169 -36.20 7.86 36.38
C LEU D 169 -36.66 7.79 34.94
N SER D 170 -36.45 8.89 34.21
CA SER D 170 -36.63 8.87 32.75
C SER D 170 -35.39 9.43 32.04
N VAL D 171 -34.81 8.68 31.10
CA VAL D 171 -33.59 9.15 30.44
C VAL D 171 -33.83 10.45 29.72
N ARG D 172 -32.95 11.41 29.97
CA ARG D 172 -33.06 12.74 29.37
C ARG D 172 -32.11 12.83 28.19
N TRP D 173 -30.83 12.56 28.43
CA TRP D 173 -29.88 12.44 27.33
C TRP D 173 -28.71 11.55 27.73
N LYS D 174 -27.93 11.11 26.74
CA LYS D 174 -26.88 10.13 26.99
C LYS D 174 -25.81 10.19 25.92
N ARG D 175 -24.55 10.05 26.34
CA ARG D 175 -23.48 9.96 25.37
C ARG D 175 -22.39 9.06 25.94
N GLU D 176 -21.81 8.24 25.07
CA GLU D 176 -20.72 7.35 25.47
C GLU D 176 -19.41 7.88 24.91
N GLY D 177 -18.35 7.70 25.69
CA GLY D 177 -17.03 8.15 25.29
C GLY D 177 -15.95 7.16 25.63
N PHE D 178 -14.72 7.48 25.27
CA PHE D 178 -13.61 6.56 25.44
C PHE D 178 -12.30 7.34 25.56
N ILE D 179 -11.29 6.72 26.14
CA ILE D 179 -9.92 7.18 25.95
C ILE D 179 -9.14 5.98 25.40
N SER D 180 -7.94 6.19 24.88
CA SER D 180 -7.21 5.07 24.27
C SER D 180 -6.95 3.97 25.28
N ASP D 181 -7.07 2.72 24.83
CA ASP D 181 -6.80 1.53 25.65
C ASP D 181 -5.45 1.62 26.38
N HIS D 182 -4.41 2.00 25.65
CA HIS D 182 -3.07 1.98 26.24
C HIS D 182 -2.84 3.14 27.21
N ALA D 183 -3.38 4.30 26.89
CA ALA D 183 -3.40 5.37 27.88
C ALA D 183 -4.17 4.85 29.09
N ALA D 184 -5.29 4.18 28.83
CA ALA D 184 -6.11 3.64 29.90
C ALA D 184 -5.32 2.64 30.74
N ARG D 185 -4.59 1.76 30.06
CA ARG D 185 -3.76 0.76 30.73
C ARG D 185 -2.81 1.40 31.75
N SER D 186 -2.08 2.43 31.35
CA SER D 186 -1.02 3.01 32.16
C SER D 186 -1.55 3.66 33.44
N LYS D 187 -2.87 3.70 33.58
CA LYS D 187 -3.53 4.13 34.83
C LYS D 187 -3.06 5.49 35.34
N GLY D 188 -2.97 6.46 34.44
CA GLY D 188 -2.56 7.81 34.81
C GLY D 188 -1.18 8.17 34.29
N LYS D 189 -0.33 7.16 34.12
CA LYS D 189 1.03 7.35 33.64
C LYS D 189 1.12 8.20 32.38
N GLU D 190 0.73 7.58 31.26
CA GLU D 190 0.81 8.19 29.93
C GLU D 190 -0.49 8.93 29.57
N THR D 191 -0.35 10.14 29.03
CA THR D 191 -1.49 11.05 28.87
C THR D 191 -2.36 10.69 27.68
N PRO D 192 -3.69 10.63 27.89
CA PRO D 192 -4.63 10.37 26.80
C PRO D 192 -4.48 11.39 25.68
N ILE D 193 -4.69 10.96 24.44
CA ILE D 193 -4.66 11.87 23.30
C ILE D 193 -6.10 12.13 22.82
N ASN D 194 -6.47 13.40 22.62
CA ASN D 194 -7.83 13.71 22.18
C ASN D 194 -7.97 13.55 20.67
N LEU D 195 -9.18 13.74 20.16
CA LEU D 195 -9.42 13.49 18.73
C LEU D 195 -8.92 14.62 17.81
N LEU D 196 -8.29 15.64 18.41
CA LEU D 196 -7.54 16.63 17.65
C LEU D 196 -6.06 16.23 17.55
N GLY D 197 -5.70 15.17 18.25
CA GLY D 197 -4.36 14.62 18.18
C GLY D 197 -3.39 15.21 19.17
N PHE D 198 -3.89 15.98 20.13
CA PHE D 198 -3.07 16.52 21.21
C PHE D 198 -3.26 15.75 22.51
N LYS D 199 -2.15 15.52 23.20
CA LYS D 199 -2.20 15.02 24.58
C LYS D 199 -3.12 15.91 25.40
N ASP D 200 -3.92 15.29 26.25
CA ASP D 200 -4.98 16.02 26.96
C ASP D 200 -5.04 15.51 28.39
N GLY D 201 -4.61 16.34 29.34
CA GLY D 201 -4.54 15.94 30.75
C GLY D 201 -3.21 16.34 31.37
N THR D 202 -2.26 16.72 30.54
CA THR D 202 -0.89 16.99 30.99
C THR D 202 -0.76 17.82 32.27
N ALA D 203 -1.49 18.93 32.33
CA ALA D 203 -1.34 19.88 33.46
C ALA D 203 -2.40 19.75 34.58
N ASN D 204 -3.08 18.61 34.64
CA ASN D 204 -4.05 18.37 35.71
C ASN D 204 -3.37 18.41 37.06
N PRO D 205 -4.04 18.99 38.07
CA PRO D 205 -3.55 18.89 39.45
C PRO D 205 -3.37 17.44 39.82
N ASP D 206 -2.34 17.14 40.60
CA ASP D 206 -2.03 15.78 41.02
C ASP D 206 -3.18 15.25 41.88
N SER D 207 -3.87 14.23 41.37
CA SER D 207 -5.04 13.67 42.05
C SER D 207 -4.69 12.80 43.25
N GLN D 208 -3.43 12.43 43.37
CA GLN D 208 -3.01 11.57 44.48
C GLN D 208 -2.53 12.37 45.69
N ASN D 209 -2.37 13.68 45.50
CA ASN D 209 -2.01 14.58 46.58
C ASN D 209 -3.26 14.99 47.36
N ASP D 210 -3.46 14.37 48.52
CA ASP D 210 -4.70 14.56 49.29
C ASP D 210 -4.94 16.00 49.70
N LYS D 211 -3.92 16.64 50.25
CA LYS D 211 -4.00 18.04 50.63
C LYS D 211 -4.45 18.88 49.46
N LEU D 212 -3.85 18.65 48.30
CA LEU D 212 -4.12 19.45 47.12
C LEU D 212 -5.55 19.26 46.64
N GLN D 214 -8.05 18.32 48.61
CA GLN D 214 -8.93 18.97 49.60
C GLN D 214 -9.07 20.45 49.27
N LYS D 215 -8.04 21.03 48.68
CA LYS D 215 -8.08 22.43 48.30
C LYS D 215 -8.80 22.65 46.98
N VAL D 216 -8.50 21.81 45.98
CA VAL D 216 -8.97 22.06 44.62
C VAL D 216 -10.36 21.48 44.32
N VAL D 217 -10.57 20.23 44.71
CA VAL D 217 -11.73 19.47 44.23
C VAL D 217 -12.86 19.35 45.26
N TRP D 218 -12.50 19.04 46.50
CA TRP D 218 -13.48 18.71 47.53
C TRP D 218 -14.06 19.95 48.23
N VAL D 219 -15.36 19.95 48.44
CA VAL D 219 -15.98 20.97 49.25
C VAL D 219 -15.61 20.76 50.73
N THR D 220 -15.05 21.79 51.34
CA THR D 220 -14.64 21.74 52.74
C THR D 220 -15.45 22.66 53.65
N ALA D 221 -15.30 22.47 54.95
CA ALA D 221 -16.03 23.23 55.96
C ALA D 221 -15.88 24.75 55.80
N ASP D 222 -14.67 25.18 55.49
CA ASP D 222 -14.36 26.61 55.46
C ASP D 222 -15.04 27.39 54.34
N GLN D 223 -15.71 26.70 53.43
CA GLN D 223 -16.45 27.38 52.38
C GLN D 223 -17.81 27.78 52.95
N GLN D 224 -18.53 28.64 52.23
CA GLN D 224 -19.86 29.02 52.69
C GLN D 224 -20.89 28.14 52.00
N GLU D 225 -20.98 26.89 52.47
CA GLU D 225 -21.84 25.89 51.83
C GLU D 225 -22.63 25.09 52.89
N PRO D 226 -23.86 24.69 52.53
CA PRO D 226 -24.64 23.78 53.39
C PRO D 226 -23.79 22.60 53.85
N ALA D 227 -24.04 22.12 55.07
CA ALA D 227 -23.22 21.08 55.70
C ALA D 227 -23.18 19.76 54.92
N TRP D 228 -24.24 19.47 54.19
CA TRP D 228 -24.31 18.20 53.47
C TRP D 228 -23.28 18.10 52.35
N THR D 229 -22.87 19.25 51.81
CA THR D 229 -22.00 19.27 50.65
C THR D 229 -20.58 18.82 50.93
N ILE D 230 -20.16 18.87 52.19
CA ILE D 230 -18.79 18.52 52.55
C ILE D 230 -18.42 17.16 51.96
N GLY D 231 -17.31 17.10 51.22
CA GLY D 231 -16.85 15.85 50.64
C GLY D 231 -17.40 15.63 49.23
N GLY D 232 -18.34 16.49 48.83
CA GLY D 232 -18.82 16.53 47.46
C GLY D 232 -17.93 17.41 46.59
N SER D 233 -18.38 17.69 45.38
CA SER D 233 -17.59 18.49 44.45
C SER D 233 -18.47 19.01 43.33
N TYR D 234 -18.20 20.22 42.88
CA TYR D 234 -18.95 20.78 41.77
C TYR D 234 -18.48 20.16 40.46
N GLN D 235 -19.43 19.81 39.61
CA GLN D 235 -19.14 19.13 38.35
C GLN D 235 -19.72 19.90 37.16
N ALA D 236 -18.86 20.22 36.20
CA ALA D 236 -19.28 20.85 34.97
C ALA D 236 -19.07 19.89 33.80
N VAL D 237 -20.09 19.74 32.99
CA VAL D 237 -20.06 18.80 31.88
C VAL D 237 -20.35 19.57 30.61
N ARG D 238 -19.51 19.37 29.60
CA ARG D 238 -19.70 20.08 28.35
C ARG D 238 -19.57 19.07 27.23
N LEU D 239 -20.62 18.93 26.42
CA LEU D 239 -20.55 18.14 25.20
C LEU D 239 -20.04 19.03 24.06
N ILE D 240 -18.86 18.71 23.54
CA ILE D 240 -18.21 19.61 22.59
C ILE D 240 -17.84 18.93 21.26
N GLN D 241 -18.34 19.49 20.16
CA GLN D 241 -18.10 18.94 18.84
C GLN D 241 -16.82 19.53 18.25
N PHE D 242 -16.09 18.71 17.50
CA PHE D 242 -14.90 19.17 16.79
C PHE D 242 -15.21 19.30 15.31
N ARG D 243 -14.66 20.33 14.67
CA ARG D 243 -14.68 20.41 13.22
C ARG D 243 -13.51 19.62 12.67
N VAL D 244 -13.71 18.32 12.56
CA VAL D 244 -12.62 17.37 12.36
C VAL D 244 -11.89 17.46 11.01
N GLU D 245 -12.66 17.48 9.92
CA GLU D 245 -12.09 17.53 8.58
C GLU D 245 -11.31 18.82 8.38
N PHE D 246 -11.89 19.91 8.85
CA PHE D 246 -11.33 21.26 8.75
C PHE D 246 -10.03 21.34 9.56
N TRP D 247 -10.04 20.73 10.75
CA TRP D 247 -8.86 20.66 11.60
C TRP D 247 -7.74 19.92 10.91
N ASP D 248 -8.05 18.79 10.30
CA ASP D 248 -7.03 17.94 9.72
C ASP D 248 -6.41 18.60 8.48
N ARG D 249 -7.09 19.60 7.94
CA ARG D 249 -6.58 20.36 6.80
C ARG D 249 -5.87 21.65 7.25
N THR D 250 -5.75 21.83 8.56
CA THR D 250 -5.14 23.04 9.12
C THR D 250 -3.64 22.82 9.37
N PRO D 251 -2.79 23.78 8.96
CA PRO D 251 -1.34 23.65 9.15
C PRO D 251 -0.93 23.30 10.59
N LEU D 252 0.04 22.40 10.71
CA LEU D 252 0.54 21.97 12.01
C LEU D 252 0.93 23.17 12.87
N LYS D 253 1.56 24.16 12.24
CA LYS D 253 2.01 25.35 12.96
C LYS D 253 0.82 26.01 13.65
N GLU D 254 -0.26 26.17 12.89
CA GLU D 254 -1.50 26.75 13.40
C GLU D 254 -2.14 25.92 14.52
N GLN D 255 -2.17 24.59 14.36
CA GLN D 255 -2.70 23.71 15.41
C GLN D 255 -1.94 23.93 16.71
N GLN D 256 -0.62 23.98 16.61
CA GLN D 256 0.21 24.17 17.80
C GLN D 256 0.07 25.58 18.35
N THR D 257 -0.04 26.57 17.47
CA THR D 257 -0.18 27.94 17.96
C THR D 257 -1.46 28.05 18.76
N ILE D 258 -2.52 27.39 18.29
CA ILE D 258 -3.82 27.39 18.97
C ILE D 258 -3.73 26.85 20.40
N PHE D 259 -3.05 25.72 20.58
CA PHE D 259 -3.00 25.12 21.90
C PHE D 259 -1.91 25.69 22.80
N GLY D 260 -0.75 25.99 22.21
CA GLY D 260 0.38 26.47 22.97
C GLY D 260 1.30 25.33 23.35
N ARG D 261 1.08 24.16 22.73
CA ARG D 261 1.95 23.01 22.98
C ARG D 261 2.37 22.36 21.68
N ASP D 262 3.49 21.66 21.73
CA ASP D 262 4.00 20.88 20.61
C ASP D 262 3.16 19.63 20.45
N LYS D 263 2.65 19.38 19.25
CA LYS D 263 1.73 18.26 19.08
C LYS D 263 2.40 16.92 19.35
N GLN D 264 3.64 16.79 18.90
CA GLN D 264 4.36 15.53 19.01
C GLN D 264 4.74 15.19 20.45
N THR D 265 5.46 16.10 21.10
CA THR D 265 6.01 15.84 22.43
C THR D 265 5.03 16.22 23.52
N GLY D 266 4.12 17.14 23.20
CA GLY D 266 3.20 17.64 24.20
C GLY D 266 3.86 18.69 25.09
N ALA D 267 5.06 19.13 24.72
CA ALA D 267 5.77 20.13 25.53
C ALA D 267 5.19 21.53 25.29
N PRO D 268 5.27 22.41 26.29
CA PRO D 268 4.93 23.81 26.00
C PRO D 268 5.82 24.27 24.86
N LEU D 269 5.29 25.03 23.91
CA LEU D 269 6.11 25.47 22.77
C LEU D 269 7.41 26.14 23.20
N GLY D 270 8.51 25.77 22.55
CA GLY D 270 9.83 26.27 22.92
C GLY D 270 10.60 25.31 23.82
N GLN D 272 11.15 21.18 25.83
CA GLN D 272 11.57 19.84 25.44
C GLN D 272 10.66 18.68 25.88
N HIS D 273 10.19 18.74 27.12
CA HIS D 273 9.44 17.62 27.70
C HIS D 273 7.98 17.98 27.93
N GLU D 274 7.12 16.98 27.75
CA GLU D 274 5.68 17.14 27.96
C GLU D 274 5.36 17.89 29.25
N HIS D 275 5.98 17.45 30.35
CA HIS D 275 5.68 18.04 31.65
C HIS D 275 6.51 19.25 32.05
N ASP D 276 7.29 19.79 31.12
CA ASP D 276 7.93 21.08 31.38
C ASP D 276 6.85 22.12 31.70
N VAL D 277 7.24 23.17 32.44
CA VAL D 277 6.31 24.22 32.81
C VAL D 277 6.73 25.51 32.10
N PRO D 278 5.79 26.17 31.41
CA PRO D 278 6.11 27.39 30.70
C PRO D 278 6.29 28.55 31.67
N ASP D 279 7.24 29.43 31.40
CA ASP D 279 7.37 30.67 32.15
C ASP D 279 6.81 31.81 31.33
N TYR D 280 5.60 32.24 31.64
CA TYR D 280 4.96 33.30 30.87
C TYR D 280 5.59 34.66 31.14
N ALA D 281 6.19 34.82 32.31
CA ALA D 281 6.78 36.10 32.70
C ALA D 281 7.81 36.58 31.69
N SER D 282 8.61 35.66 31.16
CA SER D 282 9.66 36.04 30.22
C SER D 282 9.18 36.04 28.77
N ASP D 283 7.88 35.82 28.56
CA ASP D 283 7.26 35.87 27.24
C ASP D 283 6.01 36.75 27.30
N PRO D 284 6.17 38.01 27.74
CA PRO D 284 5.03 38.87 28.06
C PRO D 284 4.15 39.19 26.85
N GLU D 285 4.70 39.04 25.66
CA GLU D 285 3.96 39.36 24.44
C GLU D 285 3.41 38.14 23.69
N GLY D 286 3.50 36.96 24.31
CA GLY D 286 2.99 35.76 23.69
C GLY D 286 3.68 35.42 22.37
N LYS D 287 4.93 35.85 22.25
CA LYS D 287 5.70 35.48 21.06
C LYS D 287 6.01 33.98 21.03
N GLY D 288 6.22 33.40 22.20
CA GLY D 288 6.51 31.97 22.34
C GLY D 288 5.23 31.14 22.42
N ILE D 289 4.43 31.40 23.44
CA ILE D 289 3.10 30.79 23.57
C ILE D 289 2.03 31.90 23.51
N ALA D 290 1.15 31.81 22.53
CA ALA D 290 0.27 32.93 22.17
C ALA D 290 -0.59 33.39 23.32
N LEU D 291 -0.95 34.66 23.29
CA LEU D 291 -1.79 35.22 24.35
C LEU D 291 -3.22 34.69 24.26
N ASP D 292 -3.62 34.23 23.07
CA ASP D 292 -4.95 33.66 22.89
C ASP D 292 -4.87 32.16 22.70
N SER D 293 -3.75 31.58 23.10
CA SER D 293 -3.62 30.12 23.08
C SER D 293 -4.49 29.53 24.17
N HIS D 294 -4.92 28.30 23.93
CA HIS D 294 -5.77 27.59 24.87
C HIS D 294 -5.18 27.50 26.27
N ILE D 295 -3.93 27.04 26.38
CA ILE D 295 -3.40 26.76 27.71
C ILE D 295 -3.07 28.03 28.50
N ARG D 296 -2.63 29.07 27.80
CA ARG D 296 -2.27 30.33 28.45
C ARG D 296 -3.51 31.04 29.02
N LEU D 297 -4.61 31.03 28.27
CA LEU D 297 -5.87 31.57 28.75
C LEU D 297 -6.47 30.73 29.86
N ALA D 298 -6.41 29.41 29.71
CA ALA D 298 -6.97 28.49 30.71
C ALA D 298 -6.22 28.58 32.04
N ASN D 299 -4.90 28.75 31.98
CA ASN D 299 -4.08 28.79 33.18
C ASN D 299 -2.96 29.80 33.05
N PRO D 300 -3.24 31.08 33.35
CA PRO D 300 -2.26 32.17 33.27
C PRO D 300 -1.01 31.91 34.11
N ARG D 301 -1.09 30.97 35.05
CA ARG D 301 0.04 30.62 35.92
C ARG D 301 0.53 31.82 36.74
N THR D 302 -0.41 32.52 37.35
CA THR D 302 -0.10 33.58 38.30
C THR D 302 -0.51 33.12 39.70
N ALA D 303 -0.20 33.93 40.71
CA ALA D 303 -0.63 33.62 42.06
C ALA D 303 -2.15 33.78 42.14
N GLU D 304 -2.66 34.80 41.47
CA GLU D 304 -4.09 35.07 41.49
C GLU D 304 -4.91 33.97 40.83
N SER D 305 -4.30 33.25 39.88
CA SER D 305 -5.03 32.29 39.05
C SER D 305 -5.08 30.90 39.65
N GLU D 306 -4.31 30.67 40.71
CA GLU D 306 -4.31 29.37 41.37
C GLU D 306 -5.68 28.99 41.91
N SER D 307 -6.53 29.98 42.16
CA SER D 307 -7.84 29.68 42.73
C SER D 307 -8.78 28.98 41.73
N SER D 308 -8.40 28.99 40.46
CA SER D 308 -9.26 28.42 39.41
C SER D 308 -8.80 27.05 38.92
N LEU D 309 -7.87 26.42 39.63
CA LEU D 309 -7.47 25.05 39.30
C LEU D 309 -8.68 24.11 39.34
N LEU D 311 -9.95 19.71 38.28
CA LEU D 311 -9.52 18.38 37.86
C LEU D 311 -10.36 17.97 36.66
N ARG D 312 -9.73 17.95 35.49
CA ARG D 312 -10.43 17.57 34.26
C ARG D 312 -10.40 16.05 34.12
N ARG D 313 -11.51 15.47 33.67
CA ARG D 313 -11.57 14.02 33.49
C ARG D 313 -12.41 13.72 32.26
N GLY D 314 -11.97 14.26 31.13
CA GLY D 314 -12.74 14.19 29.90
C GLY D 314 -12.52 12.94 29.05
N TYR D 315 -13.52 12.59 28.25
CA TYR D 315 -13.43 11.47 27.31
C TYR D 315 -13.69 11.92 25.87
N SER D 316 -13.05 11.25 24.91
CA SER D 316 -13.39 11.42 23.51
C SER D 316 -14.73 10.77 23.20
N TYR D 317 -15.42 11.26 22.17
CA TYR D 317 -16.61 10.56 21.66
C TYR D 317 -16.65 10.62 20.16
N SER D 318 -17.32 9.63 19.56
CA SER D 318 -17.46 9.59 18.12
C SER D 318 -18.80 8.97 17.78
N LEU D 319 -19.64 9.72 17.07
CA LEU D 319 -20.99 9.27 16.79
C LEU D 319 -21.18 8.99 15.31
N GLY D 320 -22.05 9.75 14.65
CA GLY D 320 -22.27 9.58 13.22
C GLY D 320 -21.83 10.82 12.48
N VAL D 321 -22.79 11.54 11.94
CA VAL D 321 -22.51 12.83 11.34
C VAL D 321 -23.29 13.96 12.03
N THR D 322 -22.85 15.18 11.77
CA THR D 322 -23.64 16.36 12.08
C THR D 322 -24.63 16.55 10.94
N ASN D 323 -25.43 17.58 11.02
CA ASN D 323 -26.34 17.97 9.94
C ASN D 323 -25.66 18.18 8.59
N SER D 324 -24.63 19.04 8.60
CA SER D 324 -23.95 19.43 7.38
C SER D 324 -23.33 18.24 6.67
N GLY D 325 -23.34 17.09 7.35
CA GLY D 325 -22.81 15.86 6.78
C GLY D 325 -21.35 15.69 7.12
N GLN D 326 -20.92 16.39 8.18
CA GLN D 326 -19.54 16.26 8.64
C GLN D 326 -19.47 15.29 9.81
N LEU D 327 -18.28 14.77 10.07
CA LEU D 327 -18.12 13.78 11.12
C LEU D 327 -18.45 14.36 12.48
N ASP D 328 -19.25 13.62 13.26
CA ASP D 328 -19.58 14.04 14.60
C ASP D 328 -18.68 13.35 15.61
N GLY D 330 -15.83 14.55 19.09
CA GLY D 330 -15.37 15.64 19.94
C GLY D 330 -15.03 15.17 21.33
N LEU D 331 -15.45 15.96 22.30
CA LEU D 331 -15.02 15.79 23.68
C LEU D 331 -16.24 15.80 24.59
N LEU D 332 -16.26 14.84 25.51
CA LEU D 332 -17.16 14.87 26.65
C LEU D 332 -16.34 15.45 27.78
N PHE D 333 -16.36 16.77 27.89
CA PHE D 333 -15.57 17.47 28.87
C PHE D 333 -16.27 17.34 30.22
N VAL D 334 -15.54 16.92 31.23
CA VAL D 334 -16.05 16.79 32.59
C VAL D 334 -14.99 17.30 33.54
N CYS D 335 -15.34 18.16 34.49
CA CYS D 335 -14.34 18.64 35.43
C CYS D 335 -14.91 18.78 36.83
N TYR D 336 -14.04 18.65 37.82
CA TYR D 336 -14.43 18.66 39.22
C TYR D 336 -13.68 19.81 39.90
N GLN D 337 -14.38 20.52 40.78
CA GLN D 337 -13.81 21.68 41.48
C GLN D 337 -14.60 21.99 42.73
N HIS D 338 -13.92 22.51 43.74
CA HIS D 338 -14.55 22.79 45.03
C HIS D 338 -15.58 23.91 44.91
N ASP D 339 -15.45 24.72 43.87
CA ASP D 339 -16.35 25.85 43.68
C ASP D 339 -16.62 26.14 42.21
N LEU D 340 -17.85 25.90 41.77
CA LEU D 340 -18.17 26.01 40.34
C LEU D 340 -17.80 27.38 39.81
N GLU D 341 -17.96 28.40 40.63
CA GLU D 341 -17.75 29.76 40.18
C GLU D 341 -16.28 30.08 40.01
N LYS D 342 -15.47 29.64 40.96
CA LYS D 342 -14.05 29.95 40.94
C LYS D 342 -13.33 29.11 39.89
N GLY D 343 -13.89 27.94 39.57
CA GLY D 343 -13.26 27.05 38.60
C GLY D 343 -13.84 27.25 37.21
N PHE D 344 -14.63 26.28 36.75
CA PHE D 344 -15.17 26.29 35.39
C PHE D 344 -15.65 27.66 34.93
N LEU D 345 -16.48 28.32 35.72
CA LEU D 345 -17.09 29.57 35.28
C LEU D 345 -16.05 30.68 35.07
N THR D 346 -15.02 30.68 35.91
CA THR D 346 -13.91 31.63 35.80
C THR D 346 -13.00 31.29 34.60
N VAL D 347 -12.67 30.01 34.45
CA VAL D 347 -11.81 29.58 33.35
C VAL D 347 -12.50 29.81 32.02
N GLN D 348 -13.76 29.38 31.89
CA GLN D 348 -14.42 29.52 30.59
C GLN D 348 -14.60 30.99 30.23
N LYS D 349 -14.77 31.84 31.24
CA LYS D 349 -14.78 33.28 30.99
C LYS D 349 -13.45 33.71 30.36
N ARG D 350 -12.34 33.14 30.81
CA ARG D 350 -11.06 33.47 30.20
C ARG D 350 -10.96 32.95 28.75
N LEU D 351 -11.54 31.77 28.52
CA LEU D 351 -11.45 31.12 27.22
C LEU D 351 -12.34 31.74 26.14
N ASN D 352 -13.40 32.45 26.53
CA ASN D 352 -14.29 33.08 25.55
C ASN D 352 -13.47 33.83 24.50
N GLY D 353 -13.70 33.52 23.23
CA GLY D 353 -13.00 34.16 22.15
C GLY D 353 -11.63 33.57 21.82
N GLU D 354 -11.22 32.52 22.51
CA GLU D 354 -9.94 31.89 22.24
C GLU D 354 -9.86 31.40 20.79
N ALA D 355 -8.65 31.22 20.30
CA ALA D 355 -8.40 30.79 18.94
C ALA D 355 -9.02 29.41 18.61
N LEU D 356 -9.13 28.56 19.63
CA LEU D 356 -9.69 27.21 19.44
C LEU D 356 -11.17 27.24 19.02
N GLU D 357 -11.85 28.34 19.32
CA GLU D 357 -13.28 28.43 19.08
C GLU D 357 -13.67 28.20 17.62
N GLU D 358 -12.76 28.47 16.70
CA GLU D 358 -13.10 28.30 15.30
C GLU D 358 -13.23 26.82 14.92
N TYR D 359 -12.73 25.94 15.80
CA TYR D 359 -12.67 24.51 15.51
C TYR D 359 -13.55 23.65 16.41
N VAL D 360 -14.20 24.26 17.40
CA VAL D 360 -15.02 23.49 18.35
C VAL D 360 -16.38 24.15 18.55
N LYS D 361 -17.33 23.37 19.04
CA LYS D 361 -18.71 23.82 19.17
C LYS D 361 -19.41 23.12 20.31
N PRO D 362 -19.48 23.78 21.49
CA PRO D 362 -20.21 23.20 22.61
C PRO D 362 -21.72 23.17 22.32
N ILE D 363 -22.33 22.00 22.47
CA ILE D 363 -23.74 21.82 22.13
C ILE D 363 -24.59 21.29 23.28
N GLY D 364 -23.98 20.99 24.41
CA GLY D 364 -24.76 20.46 25.51
C GLY D 364 -23.97 20.22 26.77
N GLY D 365 -24.61 19.59 27.74
CA GLY D 365 -24.00 19.35 29.04
C GLY D 365 -24.84 19.96 30.15
N GLY D 366 -24.19 20.42 31.22
CA GLY D 366 -24.89 21.02 32.34
C GLY D 366 -24.01 21.15 33.56
N TYR D 367 -24.54 21.80 34.60
CA TYR D 367 -23.84 21.87 35.89
C TYR D 367 -24.54 20.98 36.90
N PHE D 368 -23.75 20.37 37.80
CA PHE D 368 -24.28 19.41 38.76
C PHE D 368 -23.43 19.45 40.00
N PHE D 369 -23.95 18.91 41.08
CA PHE D 369 -23.12 18.74 42.26
C PHE D 369 -22.96 17.25 42.53
N ALA D 370 -21.72 16.78 42.49
CA ALA D 370 -21.41 15.40 42.83
C ALA D 370 -21.55 15.16 44.33
N LEU D 371 -22.46 14.28 44.72
CA LEU D 371 -22.74 14.04 46.13
C LEU D 371 -21.51 13.56 46.90
N PRO D 372 -21.52 13.73 48.24
CA PRO D 372 -20.43 13.18 49.03
C PRO D 372 -20.42 11.66 48.95
N GLY D 373 -19.41 11.02 49.50
CA GLY D 373 -19.34 9.57 49.50
C GLY D 373 -20.42 8.90 50.34
N VAL D 374 -20.63 7.61 50.11
CA VAL D 374 -21.49 6.82 50.98
C VAL D 374 -20.59 5.95 51.85
N LYS D 375 -20.72 6.12 53.17
CA LYS D 375 -19.79 5.51 54.12
C LYS D 375 -19.83 3.98 54.16
N ASP D 376 -21.04 3.41 54.10
CA ASP D 376 -21.20 1.96 54.15
C ASP D 376 -22.62 1.54 53.83
N ALA D 377 -22.90 0.24 53.94
CA ALA D 377 -24.19 -0.32 53.57
C ALA D 377 -25.36 0.23 54.39
N ASN D 378 -25.07 0.68 55.61
CA ASN D 378 -26.09 1.33 56.44
C ASN D 378 -26.34 2.78 56.02
N ASP D 379 -25.53 3.27 55.09
CA ASP D 379 -25.68 4.63 54.58
C ASP D 379 -26.19 4.58 53.14
N TYR D 380 -26.62 5.73 52.62
CA TYR D 380 -27.00 5.81 51.21
C TYR D 380 -26.62 7.15 50.61
N LEU D 381 -26.57 7.19 49.29
CA LEU D 381 -26.24 8.40 48.55
C LEU D 381 -27.30 9.47 48.75
N GLY D 382 -26.85 10.66 49.14
CA GLY D 382 -27.76 11.79 49.34
C GLY D 382 -28.44 11.79 50.70
N SER D 383 -27.93 10.98 51.62
CA SER D 383 -28.56 10.85 52.94
C SER D 383 -28.52 12.16 53.72
N ALA D 384 -27.36 12.80 53.76
CA ALA D 384 -27.23 14.10 54.41
C ALA D 384 -28.10 15.17 53.76
N LEU D 385 -28.12 15.18 52.43
CA LEU D 385 -28.94 16.13 51.69
C LEU D 385 -30.42 16.01 52.04
N LEU D 386 -30.87 14.79 52.30
CA LEU D 386 -32.29 14.54 52.52
C LEU D 386 -32.72 14.74 53.98
N ARG D 387 -31.76 14.90 54.89
CA ARG D 387 -32.08 15.18 56.29
C ARG D 387 -31.84 16.65 56.64
#